data_7DBO
# 
_entry.id   7DBO 
# 
_audit_conform.dict_name       mmcif_pdbx.dic 
_audit_conform.dict_version    5.398 
_audit_conform.dict_location   http://mmcif.pdb.org/dictionaries/ascii/mmcif_pdbx.dic 
# 
loop_
_database_2.database_id 
_database_2.database_code 
_database_2.pdbx_database_accession 
_database_2.pdbx_DOI 
PDB   7DBO         pdb_00007dbo 10.2210/pdb7dbo/pdb 
WWPDB D_1300019096 ?            ?                   
# 
loop_
_pdbx_audit_revision_history.ordinal 
_pdbx_audit_revision_history.data_content_type 
_pdbx_audit_revision_history.major_revision 
_pdbx_audit_revision_history.minor_revision 
_pdbx_audit_revision_history.revision_date 
1 'Structure model' 1 0 2021-09-29 
2 'Structure model' 1 1 2021-11-17 
3 'Structure model' 1 2 2024-11-13 
# 
_pdbx_audit_revision_details.ordinal             1 
_pdbx_audit_revision_details.revision_ordinal    1 
_pdbx_audit_revision_details.data_content_type   'Structure model' 
_pdbx_audit_revision_details.provider            repository 
_pdbx_audit_revision_details.type                'Initial release' 
_pdbx_audit_revision_details.description         ? 
_pdbx_audit_revision_details.details             ? 
# 
loop_
_pdbx_audit_revision_group.ordinal 
_pdbx_audit_revision_group.revision_ordinal 
_pdbx_audit_revision_group.data_content_type 
_pdbx_audit_revision_group.group 
1 2 'Structure model' 'Database references' 
2 3 'Structure model' 'Data collection'     
3 3 'Structure model' 'Database references' 
4 3 'Structure model' 'Structure summary'   
# 
loop_
_pdbx_audit_revision_category.ordinal 
_pdbx_audit_revision_category.revision_ordinal 
_pdbx_audit_revision_category.data_content_type 
_pdbx_audit_revision_category.category 
1 2 'Structure model' citation                  
2 2 'Structure model' citation_author           
3 3 'Structure model' chem_comp_atom            
4 3 'Structure model' chem_comp_bond            
5 3 'Structure model' citation                  
6 3 'Structure model' pdbx_entry_details        
7 3 'Structure model' pdbx_modification_feature 
# 
loop_
_pdbx_audit_revision_item.ordinal 
_pdbx_audit_revision_item.revision_ordinal 
_pdbx_audit_revision_item.data_content_type 
_pdbx_audit_revision_item.item 
1 3 'Structure model' '_citation.journal_id_ISSN'                    
2 3 'Structure model' '_pdbx_entry_details.has_protein_modification' 
# 
_pdbx_database_status.status_code                     REL 
_pdbx_database_status.status_code_sf                  REL 
_pdbx_database_status.status_code_mr                  ? 
_pdbx_database_status.entry_id                        7DBO 
_pdbx_database_status.recvd_initial_deposition_date   2020-10-21 
_pdbx_database_status.SG_entry                        N 
_pdbx_database_status.deposit_site                    PDBJ 
_pdbx_database_status.process_site                    PDBJ 
_pdbx_database_status.status_code_cs                  ? 
_pdbx_database_status.status_code_nmr_data            ? 
_pdbx_database_status.methods_development_category    ? 
_pdbx_database_status.pdb_format_compatible           Y 
# 
loop_
_audit_author.name 
_audit_author.pdbx_ordinal 
_audit_author.identifier_ORCID 
'Yagi, S.'   1 0000-0002-7117-3318 
'Tagami, S.' 2 0000-0002-1720-3627 
# 
loop_
_citation.abstract 
_citation.abstract_id_CAS 
_citation.book_id_ISBN 
_citation.book_publisher 
_citation.book_publisher_city 
_citation.book_title 
_citation.coordinate_linkage 
_citation.country 
_citation.database_id_Medline 
_citation.details 
_citation.id 
_citation.journal_abbrev 
_citation.journal_id_ASTM 
_citation.journal_id_CSD 
_citation.journal_id_ISSN 
_citation.journal_full 
_citation.journal_issue 
_citation.journal_volume 
_citation.language 
_citation.page_first 
_citation.page_last 
_citation.title 
_citation.year 
_citation.database_id_CSD 
_citation.pdbx_database_id_DOI 
_citation.pdbx_database_id_PubMed 
_citation.unpublished_flag 
? ? ? ? ? ? ? US ? ? primary J.Am.Chem.Soc. JACSAT ? 1520-5126 ? ? 143 ? 15998 16006 
'Seven Amino Acid Types Suffice to Create the Core Fold of RNA Polymerase.'     2021 ? 10.1021/jacs.1c05367      34559526 ? 
? ? ? ? ? ? ? US ? ? 1       Biorxiv        ?      ? 2692-8205 ? ? ?   ? ?     ?     
'Seven amino acid types suffice to reconstruct the core fold of RNA polymerase' 2021 ? 10.1101/2021.02.22.432383 ?        ? 
# 
loop_
_citation_author.citation_id 
_citation_author.name 
_citation_author.ordinal 
_citation_author.identifier_ORCID 
primary 'Yagi, S.'      1  ?                   
primary 'Padhi, A.K.'   2  ?                   
primary 'Vucinic, J.'   3  ?                   
primary 'Barbe, S.'     4  ?                   
primary 'Schiex, T.'    5  ?                   
primary 'Nakagawa, R.'  6  0000-0002-6178-2945 
primary 'Simoncini, D.' 7  ?                   
primary 'Zhang, K.Y.J.' 8  0000-0002-9282-8045 
primary 'Tagami, S.'    9  0000-0002-1720-3627 
1       'Yagi, S.'      10 ?                   
1       'Padhi, A.K.'   11 ?                   
1       'Vucinic, J.'   12 ?                   
1       'Barbe, S.'     13 ?                   
1       'Schiex, T.'    14 ?                   
1       'Nakagawa, R.'  15 ?                   
1       'Simoncini, D.' 16 ?                   
1       'Zhang, K.Y.J.' 17 ?                   
1       'Tagami, S.'    18 ?                   
# 
loop_
_entity.id 
_entity.type 
_entity.src_method 
_entity.pdbx_description 
_entity.formula_weight 
_entity.pdbx_number_of_molecules 
_entity.pdbx_ec 
_entity.pdbx_mutation 
_entity.pdbx_fragment 
_entity.details 
1 polymer     man 'VCP-like ATPase' 10509.551 2  ? ? ? ? 
2 non-polymer syn 'SULFATE ION'     96.063    9  ? ? ? ? 
3 water       nat water             18.015    72 ? ? ? ? 
# 
_entity_poly.entity_id                      1 
_entity_poly.type                           'polypeptide(L)' 
_entity_poly.nstd_linkage                   no 
_entity_poly.nstd_monomer                   yes 
_entity_poly.pdbx_seq_one_letter_code       
;GP(MSE)ESNNGIILRVAEANSTDPG(MSE)SRVRLDESSRRLLDAEIGDVVEIEKVRKTVGRVYRARPEDENKGIVRID
SV(MSE)RNNCGASIGDKVKVRKVR
;
_entity_poly.pdbx_seq_one_letter_code_can   
;GPMESNNGIILRVAEANSTDPGMSRVRLDESSRRLLDAEIGDVVEIEKVRKTVGRVYRARPEDENKGIVRIDSVMRNNCG
ASIGDKVKVRKVR
;
_entity_poly.pdbx_strand_id                 A,B 
_entity_poly.pdbx_target_identifier         ? 
# 
loop_
_pdbx_entity_nonpoly.entity_id 
_pdbx_entity_nonpoly.name 
_pdbx_entity_nonpoly.comp_id 
2 'SULFATE ION' SO4 
3 water         HOH 
# 
loop_
_entity_poly_seq.entity_id 
_entity_poly_seq.num 
_entity_poly_seq.mon_id 
_entity_poly_seq.hetero 
1 1  GLY n 
1 2  PRO n 
1 3  MSE n 
1 4  GLU n 
1 5  SER n 
1 6  ASN n 
1 7  ASN n 
1 8  GLY n 
1 9  ILE n 
1 10 ILE n 
1 11 LEU n 
1 12 ARG n 
1 13 VAL n 
1 14 ALA n 
1 15 GLU n 
1 16 ALA n 
1 17 ASN n 
1 18 SER n 
1 19 THR n 
1 20 ASP n 
1 21 PRO n 
1 22 GLY n 
1 23 MSE n 
1 24 SER n 
1 25 ARG n 
1 26 VAL n 
1 27 ARG n 
1 28 LEU n 
1 29 ASP n 
1 30 GLU n 
1 31 SER n 
1 32 SER n 
1 33 ARG n 
1 34 ARG n 
1 35 LEU n 
1 36 LEU n 
1 37 ASP n 
1 38 ALA n 
1 39 GLU n 
1 40 ILE n 
1 41 GLY n 
1 42 ASP n 
1 43 VAL n 
1 44 VAL n 
1 45 GLU n 
1 46 ILE n 
1 47 GLU n 
1 48 LYS n 
1 49 VAL n 
1 50 ARG n 
1 51 LYS n 
1 52 THR n 
1 53 VAL n 
1 54 GLY n 
1 55 ARG n 
1 56 VAL n 
1 57 TYR n 
1 58 ARG n 
1 59 ALA n 
1 60 ARG n 
1 61 PRO n 
1 62 GLU n 
1 63 ASP n 
1 64 GLU n 
1 65 ASN n 
1 66 LYS n 
1 67 GLY n 
1 68 ILE n 
1 69 VAL n 
1 70 ARG n 
1 71 ILE n 
1 72 ASP n 
1 73 SER n 
1 74 VAL n 
1 75 MSE n 
1 76 ARG n 
1 77 ASN n 
1 78 ASN n 
1 79 CYS n 
1 80 GLY n 
1 81 ALA n 
1 82 SER n 
1 83 ILE n 
1 84 GLY n 
1 85 ASP n 
1 86 LYS n 
1 87 VAL n 
1 88 LYS n 
1 89 VAL n 
1 90 ARG n 
1 91 LYS n 
1 92 VAL n 
1 93 ARG n 
# 
_entity_src_gen.entity_id                          1 
_entity_src_gen.pdbx_src_id                        1 
_entity_src_gen.pdbx_alt_source_flag               sample 
_entity_src_gen.pdbx_seq_type                      'Biological sequence' 
_entity_src_gen.pdbx_beg_seq_num                   1 
_entity_src_gen.pdbx_end_seq_num                   93 
_entity_src_gen.gene_src_common_name               ? 
_entity_src_gen.gene_src_genus                     ? 
_entity_src_gen.pdbx_gene_src_gene                 'vat, Ta0840' 
_entity_src_gen.gene_src_species                   ? 
_entity_src_gen.gene_src_strain                    ? 
_entity_src_gen.gene_src_tissue                    ? 
_entity_src_gen.gene_src_tissue_fraction           ? 
_entity_src_gen.gene_src_details                   ? 
_entity_src_gen.pdbx_gene_src_fragment             ? 
_entity_src_gen.pdbx_gene_src_scientific_name      
'Thermoplasma acidophilum (strain ATCC 25905 / DSM 1728 / JCM 9062 / NBRC 15155 / AMRC-C165)' 
_entity_src_gen.pdbx_gene_src_ncbi_taxonomy_id     273075 
_entity_src_gen.pdbx_gene_src_variant              ? 
_entity_src_gen.pdbx_gene_src_cell_line            ? 
_entity_src_gen.pdbx_gene_src_atcc                 ? 
_entity_src_gen.pdbx_gene_src_organ                ? 
_entity_src_gen.pdbx_gene_src_organelle            ? 
_entity_src_gen.pdbx_gene_src_cell                 ? 
_entity_src_gen.pdbx_gene_src_cellular_location    ? 
_entity_src_gen.host_org_common_name               ? 
_entity_src_gen.pdbx_host_org_scientific_name      'Escherichia coli BL21(DE3)' 
_entity_src_gen.pdbx_host_org_ncbi_taxonomy_id     469008 
_entity_src_gen.host_org_genus                     ? 
_entity_src_gen.pdbx_host_org_gene                 ? 
_entity_src_gen.pdbx_host_org_organ                ? 
_entity_src_gen.host_org_species                   ? 
_entity_src_gen.pdbx_host_org_tissue               ? 
_entity_src_gen.pdbx_host_org_tissue_fraction      ? 
_entity_src_gen.pdbx_host_org_strain               ? 
_entity_src_gen.pdbx_host_org_variant              ? 
_entity_src_gen.pdbx_host_org_cell_line            ? 
_entity_src_gen.pdbx_host_org_atcc                 ? 
_entity_src_gen.pdbx_host_org_culture_collection   ? 
_entity_src_gen.pdbx_host_org_cell                 ? 
_entity_src_gen.pdbx_host_org_organelle            ? 
_entity_src_gen.pdbx_host_org_cellular_location    ? 
_entity_src_gen.pdbx_host_org_vector_type          ? 
_entity_src_gen.pdbx_host_org_vector               ? 
_entity_src_gen.host_org_details                   ? 
_entity_src_gen.expression_system_id               ? 
_entity_src_gen.plasmid_name                       ? 
_entity_src_gen.plasmid_details                    ? 
_entity_src_gen.pdbx_description                   ? 
# 
loop_
_chem_comp.id 
_chem_comp.type 
_chem_comp.mon_nstd_flag 
_chem_comp.name 
_chem_comp.pdbx_synonyms 
_chem_comp.formula 
_chem_comp.formula_weight 
ALA 'L-peptide linking' y ALANINE          ? 'C3 H7 N O2'     89.093  
ARG 'L-peptide linking' y ARGININE         ? 'C6 H15 N4 O2 1' 175.209 
ASN 'L-peptide linking' y ASPARAGINE       ? 'C4 H8 N2 O3'    132.118 
ASP 'L-peptide linking' y 'ASPARTIC ACID'  ? 'C4 H7 N O4'     133.103 
CYS 'L-peptide linking' y CYSTEINE         ? 'C3 H7 N O2 S'   121.158 
GLU 'L-peptide linking' y 'GLUTAMIC ACID'  ? 'C5 H9 N O4'     147.129 
GLY 'peptide linking'   y GLYCINE          ? 'C2 H5 N O2'     75.067  
HOH non-polymer         . WATER            ? 'H2 O'           18.015  
ILE 'L-peptide linking' y ISOLEUCINE       ? 'C6 H13 N O2'    131.173 
LEU 'L-peptide linking' y LEUCINE          ? 'C6 H13 N O2'    131.173 
LYS 'L-peptide linking' y LYSINE           ? 'C6 H15 N2 O2 1' 147.195 
MSE 'L-peptide linking' n SELENOMETHIONINE ? 'C5 H11 N O2 Se' 196.106 
PRO 'L-peptide linking' y PROLINE          ? 'C5 H9 N O2'     115.130 
SER 'L-peptide linking' y SERINE           ? 'C3 H7 N O3'     105.093 
SO4 non-polymer         . 'SULFATE ION'    ? 'O4 S -2'        96.063  
THR 'L-peptide linking' y THREONINE        ? 'C4 H9 N O3'     119.119 
TYR 'L-peptide linking' y TYROSINE         ? 'C9 H11 N O3'    181.189 
VAL 'L-peptide linking' y VALINE           ? 'C5 H11 N O2'    117.146 
# 
loop_
_pdbx_poly_seq_scheme.asym_id 
_pdbx_poly_seq_scheme.entity_id 
_pdbx_poly_seq_scheme.seq_id 
_pdbx_poly_seq_scheme.mon_id 
_pdbx_poly_seq_scheme.ndb_seq_num 
_pdbx_poly_seq_scheme.pdb_seq_num 
_pdbx_poly_seq_scheme.auth_seq_num 
_pdbx_poly_seq_scheme.pdb_mon_id 
_pdbx_poly_seq_scheme.auth_mon_id 
_pdbx_poly_seq_scheme.pdb_strand_id 
_pdbx_poly_seq_scheme.pdb_ins_code 
_pdbx_poly_seq_scheme.hetero 
A 1 1  GLY 1  -1 ?  ?   ?   A . n 
A 1 2  PRO 2  0  ?  ?   ?   A . n 
A 1 3  MSE 3  1  1  MSE MSE A . n 
A 1 4  GLU 4  2  2  GLU GLU A . n 
A 1 5  SER 5  3  3  SER SER A . n 
A 1 6  ASN 6  4  4  ASN ASN A . n 
A 1 7  ASN 7  5  5  ASN ASN A . n 
A 1 8  GLY 8  6  6  GLY GLY A . n 
A 1 9  ILE 9  7  7  ILE ILE A . n 
A 1 10 ILE 10 8  8  ILE ILE A . n 
A 1 11 LEU 11 9  9  LEU LEU A . n 
A 1 12 ARG 12 10 10 ARG ARG A . n 
A 1 13 VAL 13 11 11 VAL VAL A . n 
A 1 14 ALA 14 12 12 ALA ALA A . n 
A 1 15 GLU 15 13 13 GLU GLU A . n 
A 1 16 ALA 16 14 14 ALA ALA A . n 
A 1 17 ASN 17 15 15 ASN ASN A . n 
A 1 18 SER 18 16 16 SER SER A . n 
A 1 19 THR 19 17 17 THR THR A . n 
A 1 20 ASP 20 18 18 ASP ASP A . n 
A 1 21 PRO 21 19 19 PRO PRO A . n 
A 1 22 GLY 22 20 20 GLY GLY A . n 
A 1 23 MSE 23 21 21 MSE MSE A . n 
A 1 24 SER 24 22 22 SER SER A . n 
A 1 25 ARG 25 23 23 ARG ARG A . n 
A 1 26 VAL 26 24 24 VAL VAL A . n 
A 1 27 ARG 27 25 25 ARG ARG A . n 
A 1 28 LEU 28 26 26 LEU LEU A . n 
A 1 29 ASP 29 27 27 ASP ASP A . n 
A 1 30 GLU 30 28 28 GLU GLU A . n 
A 1 31 SER 31 29 29 SER SER A . n 
A 1 32 SER 32 30 30 SER SER A . n 
A 1 33 ARG 33 31 31 ARG ARG A . n 
A 1 34 ARG 34 32 32 ARG ARG A . n 
A 1 35 LEU 35 33 33 LEU LEU A . n 
A 1 36 LEU 36 34 34 LEU LEU A . n 
A 1 37 ASP 37 35 35 ASP ASP A . n 
A 1 38 ALA 38 36 36 ALA ALA A . n 
A 1 39 GLU 39 37 37 GLU GLU A . n 
A 1 40 ILE 40 38 38 ILE ILE A . n 
A 1 41 GLY 41 39 39 GLY GLY A . n 
A 1 42 ASP 42 40 40 ASP ASP A . n 
A 1 43 VAL 43 41 41 VAL VAL A . n 
A 1 44 VAL 44 42 42 VAL VAL A . n 
A 1 45 GLU 45 43 43 GLU GLU A . n 
A 1 46 ILE 46 44 44 ILE ILE A . n 
A 1 47 GLU 47 45 45 GLU GLU A . n 
A 1 48 LYS 48 46 46 LYS LYS A . n 
A 1 49 VAL 49 47 47 VAL VAL A . n 
A 1 50 ARG 50 48 48 ARG ARG A . n 
A 1 51 LYS 51 49 49 LYS LYS A . n 
A 1 52 THR 52 50 50 THR THR A . n 
A 1 53 VAL 53 51 51 VAL VAL A . n 
A 1 54 GLY 54 52 52 GLY GLY A . n 
A 1 55 ARG 55 53 53 ARG ARG A . n 
A 1 56 VAL 56 54 54 VAL VAL A . n 
A 1 57 TYR 57 55 55 TYR TYR A . n 
A 1 58 ARG 58 56 56 ARG ARG A . n 
A 1 59 ALA 59 57 57 ALA ALA A . n 
A 1 60 ARG 60 58 58 ARG ARG A . n 
A 1 61 PRO 61 59 59 PRO PRO A . n 
A 1 62 GLU 62 60 60 GLU GLU A . n 
A 1 63 ASP 63 61 61 ASP ASP A . n 
A 1 64 GLU 64 62 62 GLU GLU A . n 
A 1 65 ASN 65 63 63 ASN ASN A . n 
A 1 66 LYS 66 64 64 LYS LYS A . n 
A 1 67 GLY 67 65 65 GLY GLY A . n 
A 1 68 ILE 68 66 66 ILE ILE A . n 
A 1 69 VAL 69 67 67 VAL VAL A . n 
A 1 70 ARG 70 68 68 ARG ARG A . n 
A 1 71 ILE 71 69 69 ILE ILE A . n 
A 1 72 ASP 72 70 70 ASP ASP A . n 
A 1 73 SER 73 71 71 SER SER A . n 
A 1 74 VAL 74 72 72 VAL VAL A . n 
A 1 75 MSE 75 73 73 MSE MSE A . n 
A 1 76 ARG 76 74 74 ARG ARG A . n 
A 1 77 ASN 77 75 75 ASN ASN A . n 
A 1 78 ASN 78 76 76 ASN ASN A . n 
A 1 79 CYS 79 77 77 CYS CYS A . n 
A 1 80 GLY 80 78 78 GLY GLY A . n 
A 1 81 ALA 81 79 79 ALA ALA A . n 
A 1 82 SER 82 80 80 SER SER A . n 
A 1 83 ILE 83 81 81 ILE ILE A . n 
A 1 84 GLY 84 82 82 GLY GLY A . n 
A 1 85 ASP 85 83 83 ASP ASP A . n 
A 1 86 LYS 86 84 84 LYS LYS A . n 
A 1 87 VAL 87 85 85 VAL VAL A . n 
A 1 88 LYS 88 86 86 LYS LYS A . n 
A 1 89 VAL 89 87 87 VAL VAL A . n 
A 1 90 ARG 90 88 88 ARG ARG A . n 
A 1 91 LYS 91 89 89 LYS LYS A . n 
A 1 92 VAL 92 90 90 VAL VAL A . n 
A 1 93 ARG 93 91 91 ARG ARG A . n 
B 1 1  GLY 1  -1 ?  ?   ?   B . n 
B 1 2  PRO 2  0  ?  ?   ?   B . n 
B 1 3  MSE 3  1  ?  ?   ?   B . n 
B 1 4  GLU 4  2  ?  ?   ?   B . n 
B 1 5  SER 5  3  ?  ?   ?   B . n 
B 1 6  ASN 6  4  ?  ?   ?   B . n 
B 1 7  ASN 7  5  ?  ?   ?   B . n 
B 1 8  GLY 8  6  6  GLY GLY B . n 
B 1 9  ILE 9  7  7  ILE ILE B . n 
B 1 10 ILE 10 8  8  ILE ILE B . n 
B 1 11 LEU 11 9  9  LEU LEU B . n 
B 1 12 ARG 12 10 10 ARG ARG B . n 
B 1 13 VAL 13 11 11 VAL VAL B . n 
B 1 14 ALA 14 12 12 ALA ALA B . n 
B 1 15 GLU 15 13 13 GLU GLU B . n 
B 1 16 ALA 16 14 14 ALA ALA B . n 
B 1 17 ASN 17 15 15 ASN ASN B . n 
B 1 18 SER 18 16 16 SER SER B . n 
B 1 19 THR 19 17 17 THR THR B . n 
B 1 20 ASP 20 18 18 ASP ASP B . n 
B 1 21 PRO 21 19 19 PRO PRO B . n 
B 1 22 GLY 22 20 20 GLY GLY B . n 
B 1 23 MSE 23 21 21 MSE MSE B . n 
B 1 24 SER 24 22 22 SER SER B . n 
B 1 25 ARG 25 23 23 ARG ARG B . n 
B 1 26 VAL 26 24 24 VAL VAL B . n 
B 1 27 ARG 27 25 25 ARG ARG B . n 
B 1 28 LEU 28 26 26 LEU LEU B . n 
B 1 29 ASP 29 27 27 ASP ASP B . n 
B 1 30 GLU 30 28 28 GLU GLU B . n 
B 1 31 SER 31 29 29 SER SER B . n 
B 1 32 SER 32 30 30 SER SER B . n 
B 1 33 ARG 33 31 31 ARG ARG B . n 
B 1 34 ARG 34 32 32 ARG ARG B . n 
B 1 35 LEU 35 33 33 LEU LEU B . n 
B 1 36 LEU 36 34 34 LEU LEU B . n 
B 1 37 ASP 37 35 35 ASP ASP B . n 
B 1 38 ALA 38 36 36 ALA ALA B . n 
B 1 39 GLU 39 37 37 GLU GLU B . n 
B 1 40 ILE 40 38 38 ILE ILE B . n 
B 1 41 GLY 41 39 39 GLY GLY B . n 
B 1 42 ASP 42 40 40 ASP ASP B . n 
B 1 43 VAL 43 41 41 VAL VAL B . n 
B 1 44 VAL 44 42 42 VAL VAL B . n 
B 1 45 GLU 45 43 43 GLU GLU B . n 
B 1 46 ILE 46 44 44 ILE ILE B . n 
B 1 47 GLU 47 45 45 GLU GLU B . n 
B 1 48 LYS 48 46 46 LYS LYS B . n 
B 1 49 VAL 49 47 47 VAL VAL B . n 
B 1 50 ARG 50 48 48 ARG ARG B . n 
B 1 51 LYS 51 49 49 LYS LYS B . n 
B 1 52 THR 52 50 50 THR THR B . n 
B 1 53 VAL 53 51 51 VAL VAL B . n 
B 1 54 GLY 54 52 52 GLY GLY B . n 
B 1 55 ARG 55 53 53 ARG ARG B . n 
B 1 56 VAL 56 54 54 VAL VAL B . n 
B 1 57 TYR 57 55 55 TYR TYR B . n 
B 1 58 ARG 58 56 56 ARG ARG B . n 
B 1 59 ALA 59 57 57 ALA ALA B . n 
B 1 60 ARG 60 58 58 ARG ARG B . n 
B 1 61 PRO 61 59 59 PRO PRO B . n 
B 1 62 GLU 62 60 60 GLU GLU B . n 
B 1 63 ASP 63 61 61 ASP ASP B . n 
B 1 64 GLU 64 62 62 GLU GLU B . n 
B 1 65 ASN 65 63 63 ASN ASN B . n 
B 1 66 LYS 66 64 64 LYS LYS B . n 
B 1 67 GLY 67 65 65 GLY GLY B . n 
B 1 68 ILE 68 66 66 ILE ILE B . n 
B 1 69 VAL 69 67 67 VAL VAL B . n 
B 1 70 ARG 70 68 68 ARG ARG B . n 
B 1 71 ILE 71 69 69 ILE ILE B . n 
B 1 72 ASP 72 70 70 ASP ASP B . n 
B 1 73 SER 73 71 71 SER SER B . n 
B 1 74 VAL 74 72 72 VAL VAL B . n 
B 1 75 MSE 75 73 73 MSE MSE B . n 
B 1 76 ARG 76 74 74 ARG ARG B . n 
B 1 77 ASN 77 75 75 ASN ASN B . n 
B 1 78 ASN 78 76 76 ASN ASN B . n 
B 1 79 CYS 79 77 77 CYS CYS B . n 
B 1 80 GLY 80 78 78 GLY GLY B . n 
B 1 81 ALA 81 79 79 ALA ALA B . n 
B 1 82 SER 82 80 80 SER SER B . n 
B 1 83 ILE 83 81 81 ILE ILE B . n 
B 1 84 GLY 84 82 82 GLY GLY B . n 
B 1 85 ASP 85 83 83 ASP ASP B . n 
B 1 86 LYS 86 84 84 LYS LYS B . n 
B 1 87 VAL 87 85 85 VAL VAL B . n 
B 1 88 LYS 88 86 86 LYS LYS B . n 
B 1 89 VAL 89 87 87 VAL VAL B . n 
B 1 90 ARG 90 88 88 ARG ARG B . n 
B 1 91 LYS 91 89 89 LYS LYS B . n 
B 1 92 VAL 92 90 90 VAL VAL B . n 
B 1 93 ARG 93 91 91 ARG ARG B . n 
# 
loop_
_pdbx_nonpoly_scheme.asym_id 
_pdbx_nonpoly_scheme.entity_id 
_pdbx_nonpoly_scheme.mon_id 
_pdbx_nonpoly_scheme.ndb_seq_num 
_pdbx_nonpoly_scheme.pdb_seq_num 
_pdbx_nonpoly_scheme.auth_seq_num 
_pdbx_nonpoly_scheme.pdb_mon_id 
_pdbx_nonpoly_scheme.auth_mon_id 
_pdbx_nonpoly_scheme.pdb_strand_id 
_pdbx_nonpoly_scheme.pdb_ins_code 
C 2 SO4 1  101 2  SO4 SO4 A . 
D 2 SO4 1  102 3  SO4 SO4 A . 
E 2 SO4 1  103 4  SO4 SO4 A . 
F 2 SO4 1  104 5  SO4 SO4 A . 
G 2 SO4 1  105 7  SO4 SO4 A . 
H 2 SO4 1  106 9  SO4 SO4 A . 
I 2 SO4 1  101 1  SO4 SO4 B . 
J 2 SO4 1  102 8  SO4 SO4 B . 
K 2 SO4 1  103 10 SO4 SO4 B . 
L 3 HOH 1  201 20 HOH HOH A . 
L 3 HOH 2  202 6  HOH HOH A . 
L 3 HOH 3  203 43 HOH HOH A . 
L 3 HOH 4  204 34 HOH HOH A . 
L 3 HOH 5  205 17 HOH HOH A . 
L 3 HOH 6  206 55 HOH HOH A . 
L 3 HOH 7  207 44 HOH HOH A . 
L 3 HOH 8  208 16 HOH HOH A . 
L 3 HOH 9  209 19 HOH HOH A . 
L 3 HOH 10 210 30 HOH HOH A . 
L 3 HOH 11 211 40 HOH HOH A . 
L 3 HOH 12 212 52 HOH HOH A . 
L 3 HOH 13 213 3  HOH HOH A . 
L 3 HOH 14 214 48 HOH HOH A . 
L 3 HOH 15 215 29 HOH HOH A . 
L 3 HOH 16 216 18 HOH HOH A . 
L 3 HOH 17 217 59 HOH HOH A . 
L 3 HOH 18 218 11 HOH HOH A . 
L 3 HOH 19 219 14 HOH HOH A . 
L 3 HOH 20 220 24 HOH HOH A . 
L 3 HOH 21 221 57 HOH HOH A . 
L 3 HOH 22 222 32 HOH HOH A . 
L 3 HOH 23 223 38 HOH HOH A . 
L 3 HOH 24 224 49 HOH HOH A . 
L 3 HOH 25 225 23 HOH HOH A . 
L 3 HOH 26 226 54 HOH HOH A . 
L 3 HOH 27 227 37 HOH HOH A . 
L 3 HOH 28 228 15 HOH HOH A . 
L 3 HOH 29 229 45 HOH HOH A . 
L 3 HOH 30 230 28 HOH HOH A . 
L 3 HOH 31 231 53 HOH HOH A . 
L 3 HOH 32 232 65 HOH HOH A . 
L 3 HOH 33 233 66 HOH HOH A . 
L 3 HOH 34 234 58 HOH HOH A . 
L 3 HOH 35 235 64 HOH HOH A . 
L 3 HOH 36 236 39 HOH HOH A . 
L 3 HOH 37 237 62 HOH HOH A . 
M 3 HOH 1  201 46 HOH HOH B . 
M 3 HOH 2  202 41 HOH HOH B . 
M 3 HOH 3  203 68 HOH HOH B . 
M 3 HOH 4  204 26 HOH HOH B . 
M 3 HOH 5  205 70 HOH HOH B . 
M 3 HOH 6  206 33 HOH HOH B . 
M 3 HOH 7  207 42 HOH HOH B . 
M 3 HOH 8  208 27 HOH HOH B . 
M 3 HOH 9  209 9  HOH HOH B . 
M 3 HOH 10 210 63 HOH HOH B . 
M 3 HOH 11 211 10 HOH HOH B . 
M 3 HOH 12 212 2  HOH HOH B . 
M 3 HOH 13 213 4  HOH HOH B . 
M 3 HOH 14 214 35 HOH HOH B . 
M 3 HOH 15 215 7  HOH HOH B . 
M 3 HOH 16 216 5  HOH HOH B . 
M 3 HOH 17 217 36 HOH HOH B . 
M 3 HOH 18 218 56 HOH HOH B . 
M 3 HOH 19 219 22 HOH HOH B . 
M 3 HOH 20 220 12 HOH HOH B . 
M 3 HOH 21 221 8  HOH HOH B . 
M 3 HOH 22 222 25 HOH HOH B . 
M 3 HOH 23 223 67 HOH HOH B . 
M 3 HOH 24 224 51 HOH HOH B . 
M 3 HOH 25 225 21 HOH HOH B . 
M 3 HOH 26 226 31 HOH HOH B . 
M 3 HOH 27 227 69 HOH HOH B . 
M 3 HOH 28 228 13 HOH HOH B . 
M 3 HOH 29 229 60 HOH HOH B . 
M 3 HOH 30 230 1  HOH HOH B . 
M 3 HOH 31 231 71 HOH HOH B . 
M 3 HOH 32 232 50 HOH HOH B . 
M 3 HOH 33 233 61 HOH HOH B . 
M 3 HOH 34 234 72 HOH HOH B . 
M 3 HOH 35 235 47 HOH HOH B . 
# 
loop_
_software.citation_id 
_software.classification 
_software.compiler_name 
_software.compiler_version 
_software.contact_author 
_software.contact_author_email 
_software.date 
_software.description 
_software.dependencies 
_software.hardware 
_software.language 
_software.location 
_software.mods 
_software.name 
_software.os 
_software.os_version 
_software.type 
_software.version 
_software.pdbx_ordinal 
? 'data reduction'  ? ? ? ? ? ? ? ? ? ? ? XDS         ? ? ? .           1 
? refinement        ? ? ? ? ? ? ? ? ? ? ? PHENIX      ? ? ? 1.17.1_3660 2 
? 'data extraction' ? ? ? ? ? ? ? ? ? ? ? PDB_EXTRACT ? ? ? 3.25        3 
? 'data scaling'    ? ? ? ? ? ? ? ? ? ? ? XDS         ? ? ? .           4 
? phasing           ? ? ? ? ? ? ? ? ? ? ? AutoSol     ? ? ? .           5 
# 
_cell.angle_alpha                  90.000 
_cell.angle_alpha_esd              ? 
_cell.angle_beta                   90.000 
_cell.angle_beta_esd               ? 
_cell.angle_gamma                  120.000 
_cell.angle_gamma_esd              ? 
_cell.entry_id                     7DBO 
_cell.details                      ? 
_cell.formula_units_Z              ? 
_cell.length_a                     118.800 
_cell.length_a_esd                 ? 
_cell.length_b                     118.800 
_cell.length_b_esd                 ? 
_cell.length_c                     68.200 
_cell.length_c_esd                 ? 
_cell.volume                       ? 
_cell.volume_esd                   ? 
_cell.Z_PDB                        36 
_cell.reciprocal_angle_alpha       ? 
_cell.reciprocal_angle_beta        ? 
_cell.reciprocal_angle_gamma       ? 
_cell.reciprocal_angle_alpha_esd   ? 
_cell.reciprocal_angle_beta_esd    ? 
_cell.reciprocal_angle_gamma_esd   ? 
_cell.reciprocal_length_a          ? 
_cell.reciprocal_length_b          ? 
_cell.reciprocal_length_c          ? 
_cell.reciprocal_length_a_esd      ? 
_cell.reciprocal_length_b_esd      ? 
_cell.reciprocal_length_c_esd      ? 
_cell.pdbx_unique_axis             ? 
# 
_symmetry.entry_id                         7DBO 
_symmetry.cell_setting                     ? 
_symmetry.Int_Tables_number                155 
_symmetry.space_group_name_Hall            ? 
_symmetry.space_group_name_H-M             'H 3 2' 
_symmetry.pdbx_full_space_group_name_H-M   ? 
# 
_exptl.absorpt_coefficient_mu     ? 
_exptl.absorpt_correction_T_max   ? 
_exptl.absorpt_correction_T_min   ? 
_exptl.absorpt_correction_type    ? 
_exptl.absorpt_process_details    ? 
_exptl.entry_id                   7DBO 
_exptl.crystals_number            1 
_exptl.details                    ? 
_exptl.method                     'X-RAY DIFFRACTION' 
_exptl.method_details             ? 
# 
_exptl_crystal.colour                      ? 
_exptl_crystal.density_diffrn              ? 
_exptl_crystal.density_Matthews            2.23 
_exptl_crystal.density_method              ? 
_exptl_crystal.density_percent_sol         44.92 
_exptl_crystal.description                 ? 
_exptl_crystal.F_000                       ? 
_exptl_crystal.id                          1 
_exptl_crystal.preparation                 ? 
_exptl_crystal.size_max                    ? 
_exptl_crystal.size_mid                    ? 
_exptl_crystal.size_min                    ? 
_exptl_crystal.size_rad                    ? 
_exptl_crystal.colour_lustre               ? 
_exptl_crystal.colour_modifier             ? 
_exptl_crystal.colour_primary              ? 
_exptl_crystal.density_meas                ? 
_exptl_crystal.density_meas_esd            ? 
_exptl_crystal.density_meas_gt             ? 
_exptl_crystal.density_meas_lt             ? 
_exptl_crystal.density_meas_temp           ? 
_exptl_crystal.density_meas_temp_esd       ? 
_exptl_crystal.density_meas_temp_gt        ? 
_exptl_crystal.density_meas_temp_lt        ? 
_exptl_crystal.pdbx_crystal_image_url      ? 
_exptl_crystal.pdbx_crystal_image_format   ? 
_exptl_crystal.pdbx_mosaicity              ? 
_exptl_crystal.pdbx_mosaicity_esd          ? 
# 
_exptl_crystal_grow.apparatus       ? 
_exptl_crystal_grow.atmosphere      ? 
_exptl_crystal_grow.crystal_id      1 
_exptl_crystal_grow.details         ? 
_exptl_crystal_grow.method          'VAPOR DIFFUSION, SITTING DROP' 
_exptl_crystal_grow.method_ref      ? 
_exptl_crystal_grow.pH              ? 
_exptl_crystal_grow.pressure        ? 
_exptl_crystal_grow.pressure_esd    ? 
_exptl_crystal_grow.seeding         ? 
_exptl_crystal_grow.seeding_ref     ? 
_exptl_crystal_grow.temp            293 
_exptl_crystal_grow.temp_details    ? 
_exptl_crystal_grow.temp_esd        ? 
_exptl_crystal_grow.time            ? 
_exptl_crystal_grow.pdbx_details    '100mM citrate / phosphate pH5.0, 1.4M Ammonium sulfate' 
_exptl_crystal_grow.pdbx_pH_range   ? 
# 
_diffrn.ambient_environment              ? 
_diffrn.ambient_temp                     100 
_diffrn.ambient_temp_details             ? 
_diffrn.ambient_temp_esd                 ? 
_diffrn.crystal_id                       1 
_diffrn.crystal_support                  ? 
_diffrn.crystal_treatment                ? 
_diffrn.details                          ? 
_diffrn.id                               1 
_diffrn.ambient_pressure                 ? 
_diffrn.ambient_pressure_esd             ? 
_diffrn.ambient_pressure_gt              ? 
_diffrn.ambient_pressure_lt              ? 
_diffrn.ambient_temp_gt                  ? 
_diffrn.ambient_temp_lt                  ? 
_diffrn.pdbx_serial_crystal_experiment   N 
# 
_diffrn_detector.details                      ? 
_diffrn_detector.detector                     CCD 
_diffrn_detector.diffrn_id                    1 
_diffrn_detector.type                         'RAYONIX MX225-HS' 
_diffrn_detector.area_resol_mean              ? 
_diffrn_detector.dtime                        ? 
_diffrn_detector.pdbx_frames_total            ? 
_diffrn_detector.pdbx_collection_time_total   ? 
_diffrn_detector.pdbx_collection_date         2019-02-05 
_diffrn_detector.pdbx_frequency               ? 
# 
_diffrn_radiation.collimation                      ? 
_diffrn_radiation.diffrn_id                        1 
_diffrn_radiation.filter_edge                      ? 
_diffrn_radiation.inhomogeneity                    ? 
_diffrn_radiation.monochromator                    ? 
_diffrn_radiation.polarisn_norm                    ? 
_diffrn_radiation.polarisn_ratio                   ? 
_diffrn_radiation.probe                            ? 
_diffrn_radiation.type                             ? 
_diffrn_radiation.xray_symbol                      ? 
_diffrn_radiation.wavelength_id                    1 
_diffrn_radiation.pdbx_monochromatic_or_laue_m_l   M 
_diffrn_radiation.pdbx_wavelength_list             ? 
_diffrn_radiation.pdbx_wavelength                  ? 
_diffrn_radiation.pdbx_diffrn_protocol             'SINGLE WAVELENGTH' 
_diffrn_radiation.pdbx_analyzer                    ? 
_diffrn_radiation.pdbx_scattering_type             x-ray 
# 
_diffrn_radiation_wavelength.id           1 
_diffrn_radiation_wavelength.wavelength   0.979000 
_diffrn_radiation_wavelength.wt           1.0 
# 
_diffrn_source.current                     ? 
_diffrn_source.details                     ? 
_diffrn_source.diffrn_id                   1 
_diffrn_source.power                       ? 
_diffrn_source.size                        ? 
_diffrn_source.source                      SYNCHROTRON 
_diffrn_source.target                      ? 
_diffrn_source.type                        'SPRING-8 BEAMLINE BL26B2' 
_diffrn_source.voltage                     ? 
_diffrn_source.take-off_angle              ? 
_diffrn_source.pdbx_wavelength_list        0.979000 
_diffrn_source.pdbx_wavelength             ? 
_diffrn_source.pdbx_synchrotron_beamline   BL26B2 
_diffrn_source.pdbx_synchrotron_site       SPring-8 
# 
_reflns.B_iso_Wilson_estimate            ? 
_reflns.entry_id                         7DBO 
_reflns.data_reduction_details           ? 
_reflns.data_reduction_method            ? 
_reflns.d_resolution_high                1.9 
_reflns.d_resolution_low                 50 
_reflns.details                          ? 
_reflns.limit_h_max                      ? 
_reflns.limit_h_min                      ? 
_reflns.limit_k_max                      ? 
_reflns.limit_k_min                      ? 
_reflns.limit_l_max                      ? 
_reflns.limit_l_min                      ? 
_reflns.number_all                       ? 
_reflns.number_obs                       14642 
_reflns.observed_criterion               ? 
_reflns.observed_criterion_F_max         ? 
_reflns.observed_criterion_F_min         ? 
_reflns.observed_criterion_I_max         ? 
_reflns.observed_criterion_I_min         ? 
_reflns.observed_criterion_sigma_F       ? 
_reflns.observed_criterion_sigma_I       ? 
_reflns.percent_possible_obs             99.7 
_reflns.R_free_details                   ? 
_reflns.Rmerge_F_all                     ? 
_reflns.Rmerge_F_obs                     ? 
_reflns.Friedel_coverage                 ? 
_reflns.number_gt                        ? 
_reflns.threshold_expression             ? 
_reflns.pdbx_redundancy                  22.1 
_reflns.pdbx_Rmerge_I_obs                ? 
_reflns.pdbx_Rmerge_I_all                ? 
_reflns.pdbx_Rsym_value                  0.114 
_reflns.pdbx_netI_over_av_sigmaI         ? 
_reflns.pdbx_netI_over_sigmaI            7.69 
_reflns.pdbx_res_netI_over_av_sigmaI_2   ? 
_reflns.pdbx_res_netI_over_sigmaI_2      ? 
_reflns.pdbx_chi_squared                 ? 
_reflns.pdbx_scaling_rejects             ? 
_reflns.pdbx_d_res_high_opt              ? 
_reflns.pdbx_d_res_low_opt               ? 
_reflns.pdbx_d_res_opt_method            ? 
_reflns.phase_calculation_details        ? 
_reflns.pdbx_Rrim_I_all                  ? 
_reflns.pdbx_Rpim_I_all                  ? 
_reflns.pdbx_d_opt                       ? 
_reflns.pdbx_number_measured_all         ? 
_reflns.pdbx_diffrn_id                   1 
_reflns.pdbx_ordinal                     1 
_reflns.pdbx_CC_half                     0.995 
_reflns.pdbx_CC_star                     ? 
_reflns.pdbx_R_split                     ? 
# 
_reflns_shell.d_res_high                  1.9 
_reflns_shell.d_res_low                   2.02 
_reflns_shell.meanI_over_sigI_all         ? 
_reflns_shell.meanI_over_sigI_obs         1.21 
_reflns_shell.number_measured_all         ? 
_reflns_shell.number_measured_obs         ? 
_reflns_shell.number_possible             ? 
_reflns_shell.number_unique_all           ? 
_reflns_shell.number_unique_obs           2292 
_reflns_shell.percent_possible_all        ? 
_reflns_shell.percent_possible_obs        ? 
_reflns_shell.Rmerge_F_all                ? 
_reflns_shell.Rmerge_F_obs                ? 
_reflns_shell.Rmerge_I_all                ? 
_reflns_shell.Rmerge_I_obs                ? 
_reflns_shell.meanI_over_sigI_gt          ? 
_reflns_shell.meanI_over_uI_all           ? 
_reflns_shell.meanI_over_uI_gt            ? 
_reflns_shell.number_measured_gt          ? 
_reflns_shell.number_unique_gt            ? 
_reflns_shell.percent_possible_gt         ? 
_reflns_shell.Rmerge_F_gt                 ? 
_reflns_shell.Rmerge_I_gt                 ? 
_reflns_shell.pdbx_redundancy             ? 
_reflns_shell.pdbx_Rsym_value             1.331 
_reflns_shell.pdbx_chi_squared            ? 
_reflns_shell.pdbx_netI_over_sigmaI_all   ? 
_reflns_shell.pdbx_netI_over_sigmaI_obs   ? 
_reflns_shell.pdbx_Rrim_I_all             ? 
_reflns_shell.pdbx_Rpim_I_all             ? 
_reflns_shell.pdbx_rejects                ? 
_reflns_shell.pdbx_ordinal                1 
_reflns_shell.pdbx_diffrn_id              1 
_reflns_shell.pdbx_CC_half                0.615 
_reflns_shell.pdbx_CC_star                ? 
_reflns_shell.pdbx_R_split                ? 
# 
_refine.aniso_B[1][1]                            ? 
_refine.aniso_B[1][2]                            ? 
_refine.aniso_B[1][3]                            ? 
_refine.aniso_B[2][2]                            ? 
_refine.aniso_B[2][3]                            ? 
_refine.aniso_B[3][3]                            ? 
_refine.B_iso_max                                107.500 
_refine.B_iso_mean                               38.0305 
_refine.B_iso_min                                12.580 
_refine.correlation_coeff_Fo_to_Fc               ? 
_refine.correlation_coeff_Fo_to_Fc_free          ? 
_refine.details                                  ? 
_refine.diff_density_max                         ? 
_refine.diff_density_max_esd                     ? 
_refine.diff_density_min                         ? 
_refine.diff_density_min_esd                     ? 
_refine.diff_density_rms                         ? 
_refine.diff_density_rms_esd                     ? 
_refine.entry_id                                 7DBO 
_refine.pdbx_refine_id                           'X-RAY DIFFRACTION' 
_refine.ls_abs_structure_details                 ? 
_refine.ls_abs_structure_Flack                   ? 
_refine.ls_abs_structure_Flack_esd               ? 
_refine.ls_abs_structure_Rogers                  ? 
_refine.ls_abs_structure_Rogers_esd              ? 
_refine.ls_d_res_high                            1.9000 
_refine.ls_d_res_low                             41.0700 
_refine.ls_extinction_coef                       ? 
_refine.ls_extinction_coef_esd                   ? 
_refine.ls_extinction_expression                 ? 
_refine.ls_extinction_method                     ? 
_refine.ls_goodness_of_fit_all                   ? 
_refine.ls_goodness_of_fit_all_esd               ? 
_refine.ls_goodness_of_fit_obs                   ? 
_refine.ls_goodness_of_fit_obs_esd               ? 
_refine.ls_hydrogen_treatment                    ? 
_refine.ls_matrix_type                           ? 
_refine.ls_number_constraints                    ? 
_refine.ls_number_parameters                     ? 
_refine.ls_number_reflns_all                     ? 
_refine.ls_number_reflns_obs                     14148 
_refine.ls_number_reflns_R_free                  1432 
_refine.ls_number_reflns_R_work                  12716 
_refine.ls_number_restraints                     ? 
_refine.ls_percent_reflns_obs                    96.5100 
_refine.ls_percent_reflns_R_free                 10.1200 
_refine.ls_R_factor_all                          ? 
_refine.ls_R_factor_obs                          0.2217 
_refine.ls_R_factor_R_free                       0.2642 
_refine.ls_R_factor_R_free_error                 ? 
_refine.ls_R_factor_R_free_error_details         ? 
_refine.ls_R_factor_R_work                       0.2168 
_refine.ls_R_Fsqd_factor_obs                     ? 
_refine.ls_R_I_factor_obs                        ? 
_refine.ls_redundancy_reflns_all                 ? 
_refine.ls_redundancy_reflns_obs                 ? 
_refine.ls_restrained_S_all                      ? 
_refine.ls_restrained_S_obs                      ? 
_refine.ls_shift_over_esd_max                    ? 
_refine.ls_shift_over_esd_mean                   ? 
_refine.ls_structure_factor_coef                 ? 
_refine.ls_weighting_details                     ? 
_refine.ls_weighting_scheme                      ? 
_refine.ls_wR_factor_all                         ? 
_refine.ls_wR_factor_obs                         ? 
_refine.ls_wR_factor_R_free                      ? 
_refine.ls_wR_factor_R_work                      ? 
_refine.occupancy_max                            ? 
_refine.occupancy_min                            ? 
_refine.solvent_model_details                    'FLAT BULK SOLVENT MODEL' 
_refine.solvent_model_param_bsol                 ? 
_refine.solvent_model_param_ksol                 ? 
_refine.pdbx_R_complete                          ? 
_refine.ls_R_factor_gt                           ? 
_refine.ls_goodness_of_fit_gt                    ? 
_refine.ls_goodness_of_fit_ref                   ? 
_refine.ls_shift_over_su_max                     ? 
_refine.ls_shift_over_su_max_lt                  ? 
_refine.ls_shift_over_su_mean                    ? 
_refine.ls_shift_over_su_mean_lt                 ? 
_refine.pdbx_ls_sigma_I                          ? 
_refine.pdbx_ls_sigma_F                          0.000 
_refine.pdbx_ls_sigma_Fsqd                       ? 
_refine.pdbx_data_cutoff_high_absF               ? 
_refine.pdbx_data_cutoff_high_rms_absF           ? 
_refine.pdbx_data_cutoff_low_absF                ? 
_refine.pdbx_isotropic_thermal_model             ? 
_refine.pdbx_ls_cross_valid_method               THROUGHOUT 
_refine.pdbx_method_to_determine_struct          SAD 
_refine.pdbx_starting_model                      ? 
_refine.pdbx_stereochemistry_target_values       MLHL 
_refine.pdbx_R_Free_selection_details            ? 
_refine.pdbx_stereochem_target_val_spec_case     ? 
_refine.pdbx_overall_ESU_R                       ? 
_refine.pdbx_overall_ESU_R_Free                  ? 
_refine.pdbx_solvent_vdw_probe_radii             1.1100 
_refine.pdbx_solvent_ion_probe_radii             ? 
_refine.pdbx_solvent_shrinkage_radii             0.9000 
_refine.pdbx_real_space_R                        ? 
_refine.pdbx_density_correlation                 ? 
_refine.pdbx_pd_number_of_powder_patterns        ? 
_refine.pdbx_pd_number_of_points                 ? 
_refine.pdbx_pd_meas_number_of_points            ? 
_refine.pdbx_pd_proc_ls_prof_R_factor            ? 
_refine.pdbx_pd_proc_ls_prof_wR_factor           ? 
_refine.pdbx_pd_Marquardt_correlation_coeff      ? 
_refine.pdbx_pd_Fsqrd_R_factor                   ? 
_refine.pdbx_pd_ls_matrix_band_width             ? 
_refine.pdbx_overall_phase_error                 33.6200 
_refine.pdbx_overall_SU_R_free_Cruickshank_DPI   ? 
_refine.pdbx_overall_SU_R_free_Blow_DPI          ? 
_refine.pdbx_overall_SU_R_Blow_DPI               ? 
_refine.pdbx_TLS_residual_ADP_flag               ? 
_refine.pdbx_diffrn_id                           1 
_refine.overall_SU_B                             ? 
_refine.overall_SU_ML                            0.2800 
_refine.overall_SU_R_Cruickshank_DPI             ? 
_refine.overall_SU_R_free                        ? 
_refine.overall_FOM_free_R_set                   ? 
_refine.overall_FOM_work_R_set                   ? 
_refine.pdbx_average_fsc_overall                 ? 
_refine.pdbx_average_fsc_work                    ? 
_refine.pdbx_average_fsc_free                    ? 
# 
_refine_hist.pdbx_refine_id                   'X-RAY DIFFRACTION' 
_refine_hist.cycle_id                         final 
_refine_hist.details                          ? 
_refine_hist.d_res_high                       1.9000 
_refine_hist.d_res_low                        41.0700 
_refine_hist.number_atoms_solvent             72 
_refine_hist.number_atoms_total               1500 
_refine_hist.number_reflns_all                ? 
_refine_hist.number_reflns_obs                ? 
_refine_hist.number_reflns_R_free             ? 
_refine_hist.number_reflns_R_work             ? 
_refine_hist.R_factor_all                     ? 
_refine_hist.R_factor_obs                     ? 
_refine_hist.R_factor_R_free                  ? 
_refine_hist.R_factor_R_work                  ? 
_refine_hist.pdbx_number_residues_total       177 
_refine_hist.pdbx_B_iso_mean_ligand           45.24 
_refine_hist.pdbx_B_iso_mean_solvent          41.24 
_refine_hist.pdbx_number_atoms_protein        1383 
_refine_hist.pdbx_number_atoms_nucleic_acid   0 
_refine_hist.pdbx_number_atoms_ligand         45 
_refine_hist.pdbx_number_atoms_lipid          ? 
_refine_hist.pdbx_number_atoms_carb           ? 
_refine_hist.pdbx_pseudo_atom_details         ? 
# 
loop_
_refine_ls_shell.pdbx_refine_id 
_refine_ls_shell.d_res_high 
_refine_ls_shell.d_res_low 
_refine_ls_shell.number_reflns_all 
_refine_ls_shell.number_reflns_obs 
_refine_ls_shell.number_reflns_R_free 
_refine_ls_shell.number_reflns_R_work 
_refine_ls_shell.percent_reflns_obs 
_refine_ls_shell.percent_reflns_R_free 
_refine_ls_shell.R_factor_all 
_refine_ls_shell.R_factor_obs 
_refine_ls_shell.R_factor_R_free 
_refine_ls_shell.R_factor_R_free_error 
_refine_ls_shell.R_factor_R_work 
_refine_ls_shell.redundancy_reflns_all 
_refine_ls_shell.redundancy_reflns_obs 
_refine_ls_shell.wR_factor_all 
_refine_ls_shell.wR_factor_obs 
_refine_ls_shell.wR_factor_R_free 
_refine_ls_shell.wR_factor_R_work 
_refine_ls_shell.pdbx_R_complete 
_refine_ls_shell.pdbx_total_number_of_bins_used 
_refine_ls_shell.pdbx_phase_error 
_refine_ls_shell.pdbx_fsc_work 
_refine_ls_shell.pdbx_fsc_free 
'X-RAY DIFFRACTION' 1.9000 1.9700  1248 . 119 1129 87.0000  . . . 0.4153 0.0000 0.3718 . . . . . . . 10 . . . 
'X-RAY DIFFRACTION' 1.9700 2.0500  1364 . 151 1213 94.0000  . . . 0.3807 0.0000 0.2991 . . . . . . . 10 . . . 
'X-RAY DIFFRACTION' 2.0500 2.1400  1354 . 142 1212 94.0000  . . . 0.3628 0.0000 0.2839 . . . . . . . 10 . . . 
'X-RAY DIFFRACTION' 2.1400 2.2500  1406 . 142 1264 96.0000  . . . 0.3418 0.0000 0.2596 . . . . . . . 10 . . . 
'X-RAY DIFFRACTION' 2.2500 2.3900  1402 . 141 1261 97.0000  . . . 0.3037 0.0000 0.2461 . . . . . . . 10 . . . 
'X-RAY DIFFRACTION' 2.3900 2.5800  1449 . 147 1302 99.0000  . . . 0.3364 0.0000 0.2318 . . . . . . . 10 . . . 
'X-RAY DIFFRACTION' 2.5800 2.8400  1452 . 145 1307 99.0000  . . . 0.2811 0.0000 0.2384 . . . . . . . 10 . . . 
'X-RAY DIFFRACTION' 2.8400 3.2500  1463 . 144 1319 100.0000 . . . 0.2795 0.0000 0.2178 . . . . . . . 10 . . . 
'X-RAY DIFFRACTION' 3.2500 4.0900  1478 . 149 1329 100.0000 . . . 0.2110 0.0000 0.1810 . . . . . . . 10 . . . 
'X-RAY DIFFRACTION' 4.0900 41.0700 1532 . 152 1380 100.0000 . . . 0.2132 0.0000 0.1847 . . . . . . . 10 . . . 
# 
_struct.entry_id                     7DBO 
_struct.title                        'DPBB domain of VCP-like ATPase from Thermoplasma acidophilum' 
_struct.pdbx_model_details           ? 
_struct.pdbx_formula_weight          ? 
_struct.pdbx_formula_weight_method   ? 
_struct.pdbx_model_type_details      ? 
_struct.pdbx_CASP_flag               N 
# 
_struct_keywords.entry_id        7DBO 
_struct_keywords.text            'Double psi beta barrel, CHAPERONE' 
_struct_keywords.pdbx_keywords   CHAPERONE 
# 
loop_
_struct_asym.id 
_struct_asym.pdbx_blank_PDB_chainid_flag 
_struct_asym.pdbx_modified 
_struct_asym.entity_id 
_struct_asym.details 
A N N 1 ? 
B N N 1 ? 
C N N 2 ? 
D N N 2 ? 
E N N 2 ? 
F N N 2 ? 
G N N 2 ? 
H N N 2 ? 
I N N 2 ? 
J N N 2 ? 
K N N 2 ? 
L N N 3 ? 
M N N 3 ? 
# 
_struct_ref.id                         1 
_struct_ref.db_name                    UNP 
_struct_ref.db_code                    VAT_THEAC 
_struct_ref.pdbx_db_accession          O05209 
_struct_ref.pdbx_db_isoform            ? 
_struct_ref.entity_id                  1 
_struct_ref.pdbx_seq_one_letter_code   
;MESNNGIILRVAEANSTDPGMSRVRLDESSRRLLDAEIGDVVEIEKVRKTVGRVYRARPEDENKGIVRIDSVMRNNCGAS
IGDKVKVRKVR
;
_struct_ref.pdbx_align_begin           1 
# 
loop_
_struct_ref_seq.align_id 
_struct_ref_seq.ref_id 
_struct_ref_seq.pdbx_PDB_id_code 
_struct_ref_seq.pdbx_strand_id 
_struct_ref_seq.seq_align_beg 
_struct_ref_seq.pdbx_seq_align_beg_ins_code 
_struct_ref_seq.seq_align_end 
_struct_ref_seq.pdbx_seq_align_end_ins_code 
_struct_ref_seq.pdbx_db_accession 
_struct_ref_seq.db_align_beg 
_struct_ref_seq.pdbx_db_align_beg_ins_code 
_struct_ref_seq.db_align_end 
_struct_ref_seq.pdbx_db_align_end_ins_code 
_struct_ref_seq.pdbx_auth_seq_align_beg 
_struct_ref_seq.pdbx_auth_seq_align_end 
1 1 7DBO A 3 ? 93 ? O05209 1 ? 91 ? 1 91 
2 1 7DBO B 3 ? 93 ? O05209 1 ? 91 ? 1 91 
# 
loop_
_struct_ref_seq_dif.align_id 
_struct_ref_seq_dif.pdbx_pdb_id_code 
_struct_ref_seq_dif.mon_id 
_struct_ref_seq_dif.pdbx_pdb_strand_id 
_struct_ref_seq_dif.seq_num 
_struct_ref_seq_dif.pdbx_pdb_ins_code 
_struct_ref_seq_dif.pdbx_seq_db_name 
_struct_ref_seq_dif.pdbx_seq_db_accession_code 
_struct_ref_seq_dif.db_mon_id 
_struct_ref_seq_dif.pdbx_seq_db_seq_num 
_struct_ref_seq_dif.details 
_struct_ref_seq_dif.pdbx_auth_seq_num 
_struct_ref_seq_dif.pdbx_ordinal 
1 7DBO GLY A 1 ? UNP O05209 ? ? 'expression tag' -1 1 
1 7DBO PRO A 2 ? UNP O05209 ? ? 'expression tag' 0  2 
2 7DBO GLY B 1 ? UNP O05209 ? ? 'expression tag' -1 3 
2 7DBO PRO B 2 ? UNP O05209 ? ? 'expression tag' 0  4 
# 
loop_
_pdbx_struct_assembly.id 
_pdbx_struct_assembly.details 
_pdbx_struct_assembly.method_details 
_pdbx_struct_assembly.oligomeric_details 
_pdbx_struct_assembly.oligomeric_count 
1 author_defined_assembly ? monomeric 1 
2 author_defined_assembly ? monomeric 1 
# 
loop_
_pdbx_struct_assembly_gen.assembly_id 
_pdbx_struct_assembly_gen.oper_expression 
_pdbx_struct_assembly_gen.asym_id_list 
1 1 A,C,D,E,F,G,H,L 
2 1 B,I,J,K,M       
# 
_pdbx_struct_assembly_auth_evidence.id                     1 
_pdbx_struct_assembly_auth_evidence.assembly_id            1 
_pdbx_struct_assembly_auth_evidence.experimental_support   'gel filtration' 
_pdbx_struct_assembly_auth_evidence.details                ? 
# 
_pdbx_struct_oper_list.id                   1 
_pdbx_struct_oper_list.type                 'identity operation' 
_pdbx_struct_oper_list.name                 1_555 
_pdbx_struct_oper_list.symmetry_operation   x,y,z 
_pdbx_struct_oper_list.matrix[1][1]         1.0000000000 
_pdbx_struct_oper_list.matrix[1][2]         0.0000000000 
_pdbx_struct_oper_list.matrix[1][3]         0.0000000000 
_pdbx_struct_oper_list.vector[1]            0.0000000000 
_pdbx_struct_oper_list.matrix[2][1]         0.0000000000 
_pdbx_struct_oper_list.matrix[2][2]         1.0000000000 
_pdbx_struct_oper_list.matrix[2][3]         0.0000000000 
_pdbx_struct_oper_list.vector[2]            0.0000000000 
_pdbx_struct_oper_list.matrix[3][1]         0.0000000000 
_pdbx_struct_oper_list.matrix[3][2]         0.0000000000 
_pdbx_struct_oper_list.matrix[3][3]         1.0000000000 
_pdbx_struct_oper_list.vector[3]            0.0000000000 
# 
loop_
_struct_conf.conf_type_id 
_struct_conf.id 
_struct_conf.pdbx_PDB_helix_id 
_struct_conf.beg_label_comp_id 
_struct_conf.beg_label_asym_id 
_struct_conf.beg_label_seq_id 
_struct_conf.pdbx_beg_PDB_ins_code 
_struct_conf.end_label_comp_id 
_struct_conf.end_label_asym_id 
_struct_conf.end_label_seq_id 
_struct_conf.pdbx_end_PDB_ins_code 
_struct_conf.beg_auth_comp_id 
_struct_conf.beg_auth_asym_id 
_struct_conf.beg_auth_seq_id 
_struct_conf.end_auth_comp_id 
_struct_conf.end_auth_asym_id 
_struct_conf.end_auth_seq_id 
_struct_conf.pdbx_PDB_helix_class 
_struct_conf.details 
_struct_conf.pdbx_PDB_helix_length 
HELX_P HELX_P1 AA1 ASP A 29 ? ASP A 37 ? ASP A 27 ASP A 35 1 ? 9 
HELX_P HELX_P2 AA2 ARG A 60 ? GLU A 64 ? ARG A 58 GLU A 62 5 ? 5 
HELX_P HELX_P3 AA3 ASP A 72 ? GLY A 80 ? ASP A 70 GLY A 78 1 ? 9 
HELX_P HELX_P4 AA4 ASP B 29 ? ASP B 37 ? ASP B 27 ASP B 35 1 ? 9 
HELX_P HELX_P5 AA5 ARG B 60 ? GLU B 64 ? ARG B 58 GLU B 62 5 ? 5 
HELX_P HELX_P6 AA6 ASP B 72 ? GLY B 80 ? ASP B 70 GLY B 78 1 ? 9 
# 
_struct_conf_type.id          HELX_P 
_struct_conf_type.criteria    ? 
_struct_conf_type.reference   ? 
# 
loop_
_struct_conn.id 
_struct_conn.conn_type_id 
_struct_conn.pdbx_leaving_atom_flag 
_struct_conn.pdbx_PDB_id 
_struct_conn.ptnr1_label_asym_id 
_struct_conn.ptnr1_label_comp_id 
_struct_conn.ptnr1_label_seq_id 
_struct_conn.ptnr1_label_atom_id 
_struct_conn.pdbx_ptnr1_label_alt_id 
_struct_conn.pdbx_ptnr1_PDB_ins_code 
_struct_conn.pdbx_ptnr1_standard_comp_id 
_struct_conn.ptnr1_symmetry 
_struct_conn.ptnr2_label_asym_id 
_struct_conn.ptnr2_label_comp_id 
_struct_conn.ptnr2_label_seq_id 
_struct_conn.ptnr2_label_atom_id 
_struct_conn.pdbx_ptnr2_label_alt_id 
_struct_conn.pdbx_ptnr2_PDB_ins_code 
_struct_conn.ptnr1_auth_asym_id 
_struct_conn.ptnr1_auth_comp_id 
_struct_conn.ptnr1_auth_seq_id 
_struct_conn.ptnr2_auth_asym_id 
_struct_conn.ptnr2_auth_comp_id 
_struct_conn.ptnr2_auth_seq_id 
_struct_conn.ptnr2_symmetry 
_struct_conn.pdbx_ptnr3_label_atom_id 
_struct_conn.pdbx_ptnr3_label_seq_id 
_struct_conn.pdbx_ptnr3_label_comp_id 
_struct_conn.pdbx_ptnr3_label_asym_id 
_struct_conn.pdbx_ptnr3_label_alt_id 
_struct_conn.pdbx_ptnr3_PDB_ins_code 
_struct_conn.details 
_struct_conn.pdbx_dist_value 
_struct_conn.pdbx_value_order 
_struct_conn.pdbx_role 
covale1 covale both ? A MSE 3  C ? ? ? 1_555 A GLU 4  N ? ? A MSE 1  A GLU 2  1_555 ? ? ? ? ? ? ? 1.331 ? ? 
covale2 covale both ? A GLY 22 C ? ? ? 1_555 A MSE 23 N ? ? A GLY 20 A MSE 21 1_555 ? ? ? ? ? ? ? 1.329 ? ? 
covale3 covale both ? A MSE 23 C ? ? ? 1_555 A SER 24 N ? ? A MSE 21 A SER 22 1_555 ? ? ? ? ? ? ? 1.333 ? ? 
covale4 covale both ? A VAL 74 C ? ? ? 1_555 A MSE 75 N ? ? A VAL 72 A MSE 73 1_555 ? ? ? ? ? ? ? 1.325 ? ? 
covale5 covale both ? A MSE 75 C ? ? ? 1_555 A ARG 76 N ? ? A MSE 73 A ARG 74 1_555 ? ? ? ? ? ? ? 1.340 ? ? 
covale6 covale both ? B GLY 22 C ? ? ? 1_555 B MSE 23 N ? ? B GLY 20 B MSE 21 1_555 ? ? ? ? ? ? ? 1.332 ? ? 
covale7 covale both ? B MSE 23 C ? ? ? 1_555 B SER 24 N ? ? B MSE 21 B SER 22 1_555 ? ? ? ? ? ? ? 1.338 ? ? 
covale8 covale both ? B VAL 74 C ? ? ? 1_555 B MSE 75 N ? ? B VAL 72 B MSE 73 1_555 ? ? ? ? ? ? ? 1.319 ? ? 
covale9 covale both ? B MSE 75 C ? ? ? 1_555 B ARG 76 N ? ? B MSE 73 B ARG 74 1_555 ? ? ? ? ? ? ? 1.335 ? ? 
# 
_struct_conn_type.id          covale 
_struct_conn_type.criteria    ? 
_struct_conn_type.reference   ? 
# 
loop_
_pdbx_modification_feature.ordinal 
_pdbx_modification_feature.label_comp_id 
_pdbx_modification_feature.label_asym_id 
_pdbx_modification_feature.label_seq_id 
_pdbx_modification_feature.label_alt_id 
_pdbx_modification_feature.modified_residue_label_comp_id 
_pdbx_modification_feature.modified_residue_label_asym_id 
_pdbx_modification_feature.modified_residue_label_seq_id 
_pdbx_modification_feature.modified_residue_label_alt_id 
_pdbx_modification_feature.auth_comp_id 
_pdbx_modification_feature.auth_asym_id 
_pdbx_modification_feature.auth_seq_id 
_pdbx_modification_feature.PDB_ins_code 
_pdbx_modification_feature.symmetry 
_pdbx_modification_feature.modified_residue_auth_comp_id 
_pdbx_modification_feature.modified_residue_auth_asym_id 
_pdbx_modification_feature.modified_residue_auth_seq_id 
_pdbx_modification_feature.modified_residue_PDB_ins_code 
_pdbx_modification_feature.modified_residue_symmetry 
_pdbx_modification_feature.comp_id_linking_atom 
_pdbx_modification_feature.modified_residue_id_linking_atom 
_pdbx_modification_feature.modified_residue_id 
_pdbx_modification_feature.ref_pcm_id 
_pdbx_modification_feature.ref_comp_id 
_pdbx_modification_feature.type 
_pdbx_modification_feature.category 
1 MSE A 3  ? . . . . MSE A 1  ? 1_555 . . . . . . . MET 1 MSE Selenomethionine 'Named protein modification' 
2 MSE A 23 ? . . . . MSE A 21 ? 1_555 . . . . . . . MET 1 MSE Selenomethionine 'Named protein modification' 
3 MSE A 75 ? . . . . MSE A 73 ? 1_555 . . . . . . . MET 1 MSE Selenomethionine 'Named protein modification' 
4 MSE B 23 ? . . . . MSE B 21 ? 1_555 . . . . . . . MET 1 MSE Selenomethionine 'Named protein modification' 
5 MSE B 75 ? . . . . MSE B 73 ? 1_555 . . . . . . . MET 1 MSE Selenomethionine 'Named protein modification' 
# 
loop_
_struct_sheet.id 
_struct_sheet.type 
_struct_sheet.number_strands 
_struct_sheet.details 
AA1 ? 7 ? 
AA2 ? 7 ? 
# 
loop_
_struct_sheet_order.sheet_id 
_struct_sheet_order.range_id_1 
_struct_sheet_order.range_id_2 
_struct_sheet_order.offset 
_struct_sheet_order.sense 
AA1 1 2 ? parallel      
AA1 2 3 ? anti-parallel 
AA1 3 4 ? parallel      
AA1 4 5 ? anti-parallel 
AA1 5 6 ? anti-parallel 
AA1 6 7 ? anti-parallel 
AA2 1 2 ? parallel      
AA2 2 3 ? anti-parallel 
AA2 3 4 ? parallel      
AA2 4 5 ? anti-parallel 
AA2 5 6 ? anti-parallel 
AA2 6 7 ? anti-parallel 
# 
loop_
_struct_sheet_range.sheet_id 
_struct_sheet_range.id 
_struct_sheet_range.beg_label_comp_id 
_struct_sheet_range.beg_label_asym_id 
_struct_sheet_range.beg_label_seq_id 
_struct_sheet_range.pdbx_beg_PDB_ins_code 
_struct_sheet_range.end_label_comp_id 
_struct_sheet_range.end_label_asym_id 
_struct_sheet_range.end_label_seq_id 
_struct_sheet_range.pdbx_end_PDB_ins_code 
_struct_sheet_range.beg_auth_comp_id 
_struct_sheet_range.beg_auth_asym_id 
_struct_sheet_range.beg_auth_seq_id 
_struct_sheet_range.end_auth_comp_id 
_struct_sheet_range.end_auth_asym_id 
_struct_sheet_range.end_auth_seq_id 
AA1 1 ILE A 9  ? ALA A 14 ? ILE A 7  ALA A 12 
AA1 2 ILE A 68 ? ARG A 70 ? ILE A 66 ARG A 68 
AA1 3 ARG A 25 ? LEU A 28 ? ARG A 23 LEU A 26 
AA1 4 LYS A 51 ? ARG A 58 ? LYS A 49 ARG A 56 
AA1 5 VAL A 43 ? GLU A 47 ? VAL A 41 GLU A 45 
AA1 6 LYS A 86 ? LYS A 91 ? LYS A 84 LYS A 89 
AA1 7 ILE A 9  ? ALA A 14 ? ILE A 7  ALA A 12 
AA2 1 ILE B 9  ? ALA B 14 ? ILE B 7  ALA B 12 
AA2 2 ILE B 68 ? ARG B 70 ? ILE B 66 ARG B 68 
AA2 3 ARG B 25 ? LEU B 28 ? ARG B 23 LEU B 26 
AA2 4 LYS B 51 ? ARG B 58 ? LYS B 49 ARG B 56 
AA2 5 VAL B 43 ? GLU B 47 ? VAL B 41 GLU B 45 
AA2 6 LYS B 86 ? LYS B 91 ? LYS B 84 LYS B 89 
AA2 7 ILE B 9  ? ALA B 14 ? ILE B 7  ALA B 12 
# 
loop_
_pdbx_struct_sheet_hbond.sheet_id 
_pdbx_struct_sheet_hbond.range_id_1 
_pdbx_struct_sheet_hbond.range_id_2 
_pdbx_struct_sheet_hbond.range_1_label_atom_id 
_pdbx_struct_sheet_hbond.range_1_label_comp_id 
_pdbx_struct_sheet_hbond.range_1_label_asym_id 
_pdbx_struct_sheet_hbond.range_1_label_seq_id 
_pdbx_struct_sheet_hbond.range_1_PDB_ins_code 
_pdbx_struct_sheet_hbond.range_1_auth_atom_id 
_pdbx_struct_sheet_hbond.range_1_auth_comp_id 
_pdbx_struct_sheet_hbond.range_1_auth_asym_id 
_pdbx_struct_sheet_hbond.range_1_auth_seq_id 
_pdbx_struct_sheet_hbond.range_2_label_atom_id 
_pdbx_struct_sheet_hbond.range_2_label_comp_id 
_pdbx_struct_sheet_hbond.range_2_label_asym_id 
_pdbx_struct_sheet_hbond.range_2_label_seq_id 
_pdbx_struct_sheet_hbond.range_2_PDB_ins_code 
_pdbx_struct_sheet_hbond.range_2_auth_atom_id 
_pdbx_struct_sheet_hbond.range_2_auth_comp_id 
_pdbx_struct_sheet_hbond.range_2_auth_asym_id 
_pdbx_struct_sheet_hbond.range_2_auth_seq_id 
AA1 1 2 N ALA A 14 ? N ALA A 12 O VAL A 69 ? O VAL A 67 
AA1 2 3 O ARG A 70 ? O ARG A 68 N ARG A 27 ? N ARG A 25 
AA1 3 4 N VAL A 26 ? N VAL A 24 O TYR A 57 ? O TYR A 55 
AA1 4 5 O GLY A 54 ? O GLY A 52 N VAL A 44 ? N VAL A 42 
AA1 5 6 N GLU A 45 ? N GLU A 43 O ARG A 90 ? O ARG A 88 
AA1 6 7 O VAL A 89 ? O VAL A 87 N ILE A 9  ? N ILE A 7  
AA2 1 2 N ALA B 14 ? N ALA B 12 O VAL B 69 ? O VAL B 67 
AA2 2 3 O ARG B 70 ? O ARG B 68 N ARG B 27 ? N ARG B 25 
AA2 3 4 N VAL B 26 ? N VAL B 24 O TYR B 57 ? O TYR B 55 
AA2 4 5 O THR B 52 ? O THR B 50 N ILE B 46 ? N ILE B 44 
AA2 5 6 N GLU B 45 ? N GLU B 43 O ARG B 90 ? O ARG B 88 
AA2 6 7 O VAL B 89 ? O VAL B 87 N ILE B 9  ? N ILE B 7  
# 
_pdbx_entry_details.entry_id                   7DBO 
_pdbx_entry_details.has_ligand_of_interest     N 
_pdbx_entry_details.compound_details           ? 
_pdbx_entry_details.source_details             ? 
_pdbx_entry_details.nonpolymer_details         ? 
_pdbx_entry_details.sequence_details           ? 
_pdbx_entry_details.has_protein_modification   Y 
# 
loop_
_pdbx_validate_close_contact.id 
_pdbx_validate_close_contact.PDB_model_num 
_pdbx_validate_close_contact.auth_atom_id_1 
_pdbx_validate_close_contact.auth_asym_id_1 
_pdbx_validate_close_contact.auth_comp_id_1 
_pdbx_validate_close_contact.auth_seq_id_1 
_pdbx_validate_close_contact.PDB_ins_code_1 
_pdbx_validate_close_contact.label_alt_id_1 
_pdbx_validate_close_contact.auth_atom_id_2 
_pdbx_validate_close_contact.auth_asym_id_2 
_pdbx_validate_close_contact.auth_comp_id_2 
_pdbx_validate_close_contact.auth_seq_id_2 
_pdbx_validate_close_contact.PDB_ins_code_2 
_pdbx_validate_close_contact.label_alt_id_2 
_pdbx_validate_close_contact.dist 
1 1 O   B HOH 223 ? ? O B HOH 229 ? ? 1.86 
2 1 OD2 A ASP 35  ? ? O A HOH 201 ? ? 1.96 
3 1 OH  B TYR 55  ? ? O B HOH 201 ? ? 1.97 
4 1 OG  A SER 22  ? ? O A HOH 202 ? ? 1.99 
5 1 O   B HOH 230 ? ? O B HOH 234 ? ? 2.13 
6 1 O1  A SO4 104 ? ? O A HOH 203 ? ? 2.18 
# 
_pdbx_validate_symm_contact.id                1 
_pdbx_validate_symm_contact.PDB_model_num     1 
_pdbx_validate_symm_contact.auth_atom_id_1    O 
_pdbx_validate_symm_contact.auth_asym_id_1    B 
_pdbx_validate_symm_contact.auth_comp_id_1    HOH 
_pdbx_validate_symm_contact.auth_seq_id_1     224 
_pdbx_validate_symm_contact.PDB_ins_code_1    ? 
_pdbx_validate_symm_contact.label_alt_id_1    ? 
_pdbx_validate_symm_contact.site_symmetry_1   1_555 
_pdbx_validate_symm_contact.auth_atom_id_2    O 
_pdbx_validate_symm_contact.auth_asym_id_2    B 
_pdbx_validate_symm_contact.auth_comp_id_2    HOH 
_pdbx_validate_symm_contact.auth_seq_id_2     234 
_pdbx_validate_symm_contact.PDB_ins_code_2    ? 
_pdbx_validate_symm_contact.label_alt_id_2    ? 
_pdbx_validate_symm_contact.site_symmetry_2   2_655 
_pdbx_validate_symm_contact.dist              1.99 
# 
loop_
_pdbx_validate_torsion.id 
_pdbx_validate_torsion.PDB_model_num 
_pdbx_validate_torsion.auth_comp_id 
_pdbx_validate_torsion.auth_asym_id 
_pdbx_validate_torsion.auth_seq_id 
_pdbx_validate_torsion.PDB_ins_code 
_pdbx_validate_torsion.label_alt_id 
_pdbx_validate_torsion.phi 
_pdbx_validate_torsion.psi 
1 1 LYS A 46 ? ? -140.16 -95.80 
2 1 LYS B 46 ? ? -143.93 -96.60 
# 
loop_
_pdbx_struct_mod_residue.id 
_pdbx_struct_mod_residue.label_asym_id 
_pdbx_struct_mod_residue.label_comp_id 
_pdbx_struct_mod_residue.label_seq_id 
_pdbx_struct_mod_residue.auth_asym_id 
_pdbx_struct_mod_residue.auth_comp_id 
_pdbx_struct_mod_residue.auth_seq_id 
_pdbx_struct_mod_residue.PDB_ins_code 
_pdbx_struct_mod_residue.parent_comp_id 
_pdbx_struct_mod_residue.details 
1 A MSE 3  A MSE 1  ? MET 'modified residue' 
2 A MSE 23 A MSE 21 ? MET 'modified residue' 
3 A MSE 75 A MSE 73 ? MET 'modified residue' 
4 B MSE 23 B MSE 21 ? MET 'modified residue' 
5 B MSE 75 B MSE 73 ? MET 'modified residue' 
# 
_pdbx_struct_special_symmetry.id              1 
_pdbx_struct_special_symmetry.PDB_model_num   1 
_pdbx_struct_special_symmetry.auth_asym_id    A 
_pdbx_struct_special_symmetry.auth_comp_id    HOH 
_pdbx_struct_special_symmetry.auth_seq_id     235 
_pdbx_struct_special_symmetry.PDB_ins_code    ? 
_pdbx_struct_special_symmetry.label_asym_id   L 
_pdbx_struct_special_symmetry.label_comp_id   HOH 
_pdbx_struct_special_symmetry.label_seq_id    . 
# 
loop_
_pdbx_unobs_or_zero_occ_residues.id 
_pdbx_unobs_or_zero_occ_residues.PDB_model_num 
_pdbx_unobs_or_zero_occ_residues.polymer_flag 
_pdbx_unobs_or_zero_occ_residues.occupancy_flag 
_pdbx_unobs_or_zero_occ_residues.auth_asym_id 
_pdbx_unobs_or_zero_occ_residues.auth_comp_id 
_pdbx_unobs_or_zero_occ_residues.auth_seq_id 
_pdbx_unobs_or_zero_occ_residues.PDB_ins_code 
_pdbx_unobs_or_zero_occ_residues.label_asym_id 
_pdbx_unobs_or_zero_occ_residues.label_comp_id 
_pdbx_unobs_or_zero_occ_residues.label_seq_id 
1 1 Y 1 A GLY -1 ? A GLY 1 
2 1 Y 1 A PRO 0  ? A PRO 2 
3 1 Y 1 B GLY -1 ? B GLY 1 
4 1 Y 1 B PRO 0  ? B PRO 2 
5 1 Y 1 B MSE 1  ? B MSE 3 
6 1 Y 1 B GLU 2  ? B GLU 4 
7 1 Y 1 B SER 3  ? B SER 5 
8 1 Y 1 B ASN 4  ? B ASN 6 
9 1 Y 1 B ASN 5  ? B ASN 7 
# 
loop_
_chem_comp_atom.comp_id 
_chem_comp_atom.atom_id 
_chem_comp_atom.type_symbol 
_chem_comp_atom.pdbx_aromatic_flag 
_chem_comp_atom.pdbx_stereo_config 
_chem_comp_atom.pdbx_ordinal 
ALA N    N  N N 1   
ALA CA   C  N S 2   
ALA C    C  N N 3   
ALA O    O  N N 4   
ALA CB   C  N N 5   
ALA OXT  O  N N 6   
ALA H    H  N N 7   
ALA H2   H  N N 8   
ALA HA   H  N N 9   
ALA HB1  H  N N 10  
ALA HB2  H  N N 11  
ALA HB3  H  N N 12  
ALA HXT  H  N N 13  
ARG N    N  N N 14  
ARG CA   C  N S 15  
ARG C    C  N N 16  
ARG O    O  N N 17  
ARG CB   C  N N 18  
ARG CG   C  N N 19  
ARG CD   C  N N 20  
ARG NE   N  N N 21  
ARG CZ   C  N N 22  
ARG NH1  N  N N 23  
ARG NH2  N  N N 24  
ARG OXT  O  N N 25  
ARG H    H  N N 26  
ARG H2   H  N N 27  
ARG HA   H  N N 28  
ARG HB2  H  N N 29  
ARG HB3  H  N N 30  
ARG HG2  H  N N 31  
ARG HG3  H  N N 32  
ARG HD2  H  N N 33  
ARG HD3  H  N N 34  
ARG HE   H  N N 35  
ARG HH11 H  N N 36  
ARG HH12 H  N N 37  
ARG HH21 H  N N 38  
ARG HH22 H  N N 39  
ARG HXT  H  N N 40  
ASN N    N  N N 41  
ASN CA   C  N S 42  
ASN C    C  N N 43  
ASN O    O  N N 44  
ASN CB   C  N N 45  
ASN CG   C  N N 46  
ASN OD1  O  N N 47  
ASN ND2  N  N N 48  
ASN OXT  O  N N 49  
ASN H    H  N N 50  
ASN H2   H  N N 51  
ASN HA   H  N N 52  
ASN HB2  H  N N 53  
ASN HB3  H  N N 54  
ASN HD21 H  N N 55  
ASN HD22 H  N N 56  
ASN HXT  H  N N 57  
ASP N    N  N N 58  
ASP CA   C  N S 59  
ASP C    C  N N 60  
ASP O    O  N N 61  
ASP CB   C  N N 62  
ASP CG   C  N N 63  
ASP OD1  O  N N 64  
ASP OD2  O  N N 65  
ASP OXT  O  N N 66  
ASP H    H  N N 67  
ASP H2   H  N N 68  
ASP HA   H  N N 69  
ASP HB2  H  N N 70  
ASP HB3  H  N N 71  
ASP HD2  H  N N 72  
ASP HXT  H  N N 73  
CYS N    N  N N 74  
CYS CA   C  N R 75  
CYS C    C  N N 76  
CYS O    O  N N 77  
CYS CB   C  N N 78  
CYS SG   S  N N 79  
CYS OXT  O  N N 80  
CYS H    H  N N 81  
CYS H2   H  N N 82  
CYS HA   H  N N 83  
CYS HB2  H  N N 84  
CYS HB3  H  N N 85  
CYS HG   H  N N 86  
CYS HXT  H  N N 87  
GLU N    N  N N 88  
GLU CA   C  N S 89  
GLU C    C  N N 90  
GLU O    O  N N 91  
GLU CB   C  N N 92  
GLU CG   C  N N 93  
GLU CD   C  N N 94  
GLU OE1  O  N N 95  
GLU OE2  O  N N 96  
GLU OXT  O  N N 97  
GLU H    H  N N 98  
GLU H2   H  N N 99  
GLU HA   H  N N 100 
GLU HB2  H  N N 101 
GLU HB3  H  N N 102 
GLU HG2  H  N N 103 
GLU HG3  H  N N 104 
GLU HE2  H  N N 105 
GLU HXT  H  N N 106 
GLY N    N  N N 107 
GLY CA   C  N N 108 
GLY C    C  N N 109 
GLY O    O  N N 110 
GLY OXT  O  N N 111 
GLY H    H  N N 112 
GLY H2   H  N N 113 
GLY HA2  H  N N 114 
GLY HA3  H  N N 115 
GLY HXT  H  N N 116 
HOH O    O  N N 117 
HOH H1   H  N N 118 
HOH H2   H  N N 119 
ILE N    N  N N 120 
ILE CA   C  N S 121 
ILE C    C  N N 122 
ILE O    O  N N 123 
ILE CB   C  N S 124 
ILE CG1  C  N N 125 
ILE CG2  C  N N 126 
ILE CD1  C  N N 127 
ILE OXT  O  N N 128 
ILE H    H  N N 129 
ILE H2   H  N N 130 
ILE HA   H  N N 131 
ILE HB   H  N N 132 
ILE HG12 H  N N 133 
ILE HG13 H  N N 134 
ILE HG21 H  N N 135 
ILE HG22 H  N N 136 
ILE HG23 H  N N 137 
ILE HD11 H  N N 138 
ILE HD12 H  N N 139 
ILE HD13 H  N N 140 
ILE HXT  H  N N 141 
LEU N    N  N N 142 
LEU CA   C  N S 143 
LEU C    C  N N 144 
LEU O    O  N N 145 
LEU CB   C  N N 146 
LEU CG   C  N N 147 
LEU CD1  C  N N 148 
LEU CD2  C  N N 149 
LEU OXT  O  N N 150 
LEU H    H  N N 151 
LEU H2   H  N N 152 
LEU HA   H  N N 153 
LEU HB2  H  N N 154 
LEU HB3  H  N N 155 
LEU HG   H  N N 156 
LEU HD11 H  N N 157 
LEU HD12 H  N N 158 
LEU HD13 H  N N 159 
LEU HD21 H  N N 160 
LEU HD22 H  N N 161 
LEU HD23 H  N N 162 
LEU HXT  H  N N 163 
LYS N    N  N N 164 
LYS CA   C  N S 165 
LYS C    C  N N 166 
LYS O    O  N N 167 
LYS CB   C  N N 168 
LYS CG   C  N N 169 
LYS CD   C  N N 170 
LYS CE   C  N N 171 
LYS NZ   N  N N 172 
LYS OXT  O  N N 173 
LYS H    H  N N 174 
LYS H2   H  N N 175 
LYS HA   H  N N 176 
LYS HB2  H  N N 177 
LYS HB3  H  N N 178 
LYS HG2  H  N N 179 
LYS HG3  H  N N 180 
LYS HD2  H  N N 181 
LYS HD3  H  N N 182 
LYS HE2  H  N N 183 
LYS HE3  H  N N 184 
LYS HZ1  H  N N 185 
LYS HZ2  H  N N 186 
LYS HZ3  H  N N 187 
LYS HXT  H  N N 188 
MSE N    N  N N 189 
MSE CA   C  N S 190 
MSE C    C  N N 191 
MSE O    O  N N 192 
MSE OXT  O  N N 193 
MSE CB   C  N N 194 
MSE CG   C  N N 195 
MSE SE   SE N N 196 
MSE CE   C  N N 197 
MSE H    H  N N 198 
MSE H2   H  N N 199 
MSE HA   H  N N 200 
MSE HXT  H  N N 201 
MSE HB2  H  N N 202 
MSE HB3  H  N N 203 
MSE HG2  H  N N 204 
MSE HG3  H  N N 205 
MSE HE1  H  N N 206 
MSE HE2  H  N N 207 
MSE HE3  H  N N 208 
PRO N    N  N N 209 
PRO CA   C  N S 210 
PRO C    C  N N 211 
PRO O    O  N N 212 
PRO CB   C  N N 213 
PRO CG   C  N N 214 
PRO CD   C  N N 215 
PRO OXT  O  N N 216 
PRO H    H  N N 217 
PRO HA   H  N N 218 
PRO HB2  H  N N 219 
PRO HB3  H  N N 220 
PRO HG2  H  N N 221 
PRO HG3  H  N N 222 
PRO HD2  H  N N 223 
PRO HD3  H  N N 224 
PRO HXT  H  N N 225 
SER N    N  N N 226 
SER CA   C  N S 227 
SER C    C  N N 228 
SER O    O  N N 229 
SER CB   C  N N 230 
SER OG   O  N N 231 
SER OXT  O  N N 232 
SER H    H  N N 233 
SER H2   H  N N 234 
SER HA   H  N N 235 
SER HB2  H  N N 236 
SER HB3  H  N N 237 
SER HG   H  N N 238 
SER HXT  H  N N 239 
SO4 S    S  N N 240 
SO4 O1   O  N N 241 
SO4 O2   O  N N 242 
SO4 O3   O  N N 243 
SO4 O4   O  N N 244 
THR N    N  N N 245 
THR CA   C  N S 246 
THR C    C  N N 247 
THR O    O  N N 248 
THR CB   C  N R 249 
THR OG1  O  N N 250 
THR CG2  C  N N 251 
THR OXT  O  N N 252 
THR H    H  N N 253 
THR H2   H  N N 254 
THR HA   H  N N 255 
THR HB   H  N N 256 
THR HG1  H  N N 257 
THR HG21 H  N N 258 
THR HG22 H  N N 259 
THR HG23 H  N N 260 
THR HXT  H  N N 261 
TYR N    N  N N 262 
TYR CA   C  N S 263 
TYR C    C  N N 264 
TYR O    O  N N 265 
TYR CB   C  N N 266 
TYR CG   C  Y N 267 
TYR CD1  C  Y N 268 
TYR CD2  C  Y N 269 
TYR CE1  C  Y N 270 
TYR CE2  C  Y N 271 
TYR CZ   C  Y N 272 
TYR OH   O  N N 273 
TYR OXT  O  N N 274 
TYR H    H  N N 275 
TYR H2   H  N N 276 
TYR HA   H  N N 277 
TYR HB2  H  N N 278 
TYR HB3  H  N N 279 
TYR HD1  H  N N 280 
TYR HD2  H  N N 281 
TYR HE1  H  N N 282 
TYR HE2  H  N N 283 
TYR HH   H  N N 284 
TYR HXT  H  N N 285 
VAL N    N  N N 286 
VAL CA   C  N S 287 
VAL C    C  N N 288 
VAL O    O  N N 289 
VAL CB   C  N N 290 
VAL CG1  C  N N 291 
VAL CG2  C  N N 292 
VAL OXT  O  N N 293 
VAL H    H  N N 294 
VAL H2   H  N N 295 
VAL HA   H  N N 296 
VAL HB   H  N N 297 
VAL HG11 H  N N 298 
VAL HG12 H  N N 299 
VAL HG13 H  N N 300 
VAL HG21 H  N N 301 
VAL HG22 H  N N 302 
VAL HG23 H  N N 303 
VAL HXT  H  N N 304 
# 
loop_
_chem_comp_bond.comp_id 
_chem_comp_bond.atom_id_1 
_chem_comp_bond.atom_id_2 
_chem_comp_bond.value_order 
_chem_comp_bond.pdbx_aromatic_flag 
_chem_comp_bond.pdbx_stereo_config 
_chem_comp_bond.pdbx_ordinal 
ALA N   CA   sing N N 1   
ALA N   H    sing N N 2   
ALA N   H2   sing N N 3   
ALA CA  C    sing N N 4   
ALA CA  CB   sing N N 5   
ALA CA  HA   sing N N 6   
ALA C   O    doub N N 7   
ALA C   OXT  sing N N 8   
ALA CB  HB1  sing N N 9   
ALA CB  HB2  sing N N 10  
ALA CB  HB3  sing N N 11  
ALA OXT HXT  sing N N 12  
ARG N   CA   sing N N 13  
ARG N   H    sing N N 14  
ARG N   H2   sing N N 15  
ARG CA  C    sing N N 16  
ARG CA  CB   sing N N 17  
ARG CA  HA   sing N N 18  
ARG C   O    doub N N 19  
ARG C   OXT  sing N N 20  
ARG CB  CG   sing N N 21  
ARG CB  HB2  sing N N 22  
ARG CB  HB3  sing N N 23  
ARG CG  CD   sing N N 24  
ARG CG  HG2  sing N N 25  
ARG CG  HG3  sing N N 26  
ARG CD  NE   sing N N 27  
ARG CD  HD2  sing N N 28  
ARG CD  HD3  sing N N 29  
ARG NE  CZ   sing N N 30  
ARG NE  HE   sing N N 31  
ARG CZ  NH1  sing N N 32  
ARG CZ  NH2  doub N N 33  
ARG NH1 HH11 sing N N 34  
ARG NH1 HH12 sing N N 35  
ARG NH2 HH21 sing N N 36  
ARG NH2 HH22 sing N N 37  
ARG OXT HXT  sing N N 38  
ASN N   CA   sing N N 39  
ASN N   H    sing N N 40  
ASN N   H2   sing N N 41  
ASN CA  C    sing N N 42  
ASN CA  CB   sing N N 43  
ASN CA  HA   sing N N 44  
ASN C   O    doub N N 45  
ASN C   OXT  sing N N 46  
ASN CB  CG   sing N N 47  
ASN CB  HB2  sing N N 48  
ASN CB  HB3  sing N N 49  
ASN CG  OD1  doub N N 50  
ASN CG  ND2  sing N N 51  
ASN ND2 HD21 sing N N 52  
ASN ND2 HD22 sing N N 53  
ASN OXT HXT  sing N N 54  
ASP N   CA   sing N N 55  
ASP N   H    sing N N 56  
ASP N   H2   sing N N 57  
ASP CA  C    sing N N 58  
ASP CA  CB   sing N N 59  
ASP CA  HA   sing N N 60  
ASP C   O    doub N N 61  
ASP C   OXT  sing N N 62  
ASP CB  CG   sing N N 63  
ASP CB  HB2  sing N N 64  
ASP CB  HB3  sing N N 65  
ASP CG  OD1  doub N N 66  
ASP CG  OD2  sing N N 67  
ASP OD2 HD2  sing N N 68  
ASP OXT HXT  sing N N 69  
CYS N   CA   sing N N 70  
CYS N   H    sing N N 71  
CYS N   H2   sing N N 72  
CYS CA  C    sing N N 73  
CYS CA  CB   sing N N 74  
CYS CA  HA   sing N N 75  
CYS C   O    doub N N 76  
CYS C   OXT  sing N N 77  
CYS CB  SG   sing N N 78  
CYS CB  HB2  sing N N 79  
CYS CB  HB3  sing N N 80  
CYS SG  HG   sing N N 81  
CYS OXT HXT  sing N N 82  
GLU N   CA   sing N N 83  
GLU N   H    sing N N 84  
GLU N   H2   sing N N 85  
GLU CA  C    sing N N 86  
GLU CA  CB   sing N N 87  
GLU CA  HA   sing N N 88  
GLU C   O    doub N N 89  
GLU C   OXT  sing N N 90  
GLU CB  CG   sing N N 91  
GLU CB  HB2  sing N N 92  
GLU CB  HB3  sing N N 93  
GLU CG  CD   sing N N 94  
GLU CG  HG2  sing N N 95  
GLU CG  HG3  sing N N 96  
GLU CD  OE1  doub N N 97  
GLU CD  OE2  sing N N 98  
GLU OE2 HE2  sing N N 99  
GLU OXT HXT  sing N N 100 
GLY N   CA   sing N N 101 
GLY N   H    sing N N 102 
GLY N   H2   sing N N 103 
GLY CA  C    sing N N 104 
GLY CA  HA2  sing N N 105 
GLY CA  HA3  sing N N 106 
GLY C   O    doub N N 107 
GLY C   OXT  sing N N 108 
GLY OXT HXT  sing N N 109 
HOH O   H1   sing N N 110 
HOH O   H2   sing N N 111 
ILE N   CA   sing N N 112 
ILE N   H    sing N N 113 
ILE N   H2   sing N N 114 
ILE CA  C    sing N N 115 
ILE CA  CB   sing N N 116 
ILE CA  HA   sing N N 117 
ILE C   O    doub N N 118 
ILE C   OXT  sing N N 119 
ILE CB  CG1  sing N N 120 
ILE CB  CG2  sing N N 121 
ILE CB  HB   sing N N 122 
ILE CG1 CD1  sing N N 123 
ILE CG1 HG12 sing N N 124 
ILE CG1 HG13 sing N N 125 
ILE CG2 HG21 sing N N 126 
ILE CG2 HG22 sing N N 127 
ILE CG2 HG23 sing N N 128 
ILE CD1 HD11 sing N N 129 
ILE CD1 HD12 sing N N 130 
ILE CD1 HD13 sing N N 131 
ILE OXT HXT  sing N N 132 
LEU N   CA   sing N N 133 
LEU N   H    sing N N 134 
LEU N   H2   sing N N 135 
LEU CA  C    sing N N 136 
LEU CA  CB   sing N N 137 
LEU CA  HA   sing N N 138 
LEU C   O    doub N N 139 
LEU C   OXT  sing N N 140 
LEU CB  CG   sing N N 141 
LEU CB  HB2  sing N N 142 
LEU CB  HB3  sing N N 143 
LEU CG  CD1  sing N N 144 
LEU CG  CD2  sing N N 145 
LEU CG  HG   sing N N 146 
LEU CD1 HD11 sing N N 147 
LEU CD1 HD12 sing N N 148 
LEU CD1 HD13 sing N N 149 
LEU CD2 HD21 sing N N 150 
LEU CD2 HD22 sing N N 151 
LEU CD2 HD23 sing N N 152 
LEU OXT HXT  sing N N 153 
LYS N   CA   sing N N 154 
LYS N   H    sing N N 155 
LYS N   H2   sing N N 156 
LYS CA  C    sing N N 157 
LYS CA  CB   sing N N 158 
LYS CA  HA   sing N N 159 
LYS C   O    doub N N 160 
LYS C   OXT  sing N N 161 
LYS CB  CG   sing N N 162 
LYS CB  HB2  sing N N 163 
LYS CB  HB3  sing N N 164 
LYS CG  CD   sing N N 165 
LYS CG  HG2  sing N N 166 
LYS CG  HG3  sing N N 167 
LYS CD  CE   sing N N 168 
LYS CD  HD2  sing N N 169 
LYS CD  HD3  sing N N 170 
LYS CE  NZ   sing N N 171 
LYS CE  HE2  sing N N 172 
LYS CE  HE3  sing N N 173 
LYS NZ  HZ1  sing N N 174 
LYS NZ  HZ2  sing N N 175 
LYS NZ  HZ3  sing N N 176 
LYS OXT HXT  sing N N 177 
MSE N   CA   sing N N 178 
MSE N   H    sing N N 179 
MSE N   H2   sing N N 180 
MSE CA  C    sing N N 181 
MSE CA  CB   sing N N 182 
MSE CA  HA   sing N N 183 
MSE C   O    doub N N 184 
MSE C   OXT  sing N N 185 
MSE OXT HXT  sing N N 186 
MSE CB  CG   sing N N 187 
MSE CB  HB2  sing N N 188 
MSE CB  HB3  sing N N 189 
MSE CG  SE   sing N N 190 
MSE CG  HG2  sing N N 191 
MSE CG  HG3  sing N N 192 
MSE SE  CE   sing N N 193 
MSE CE  HE1  sing N N 194 
MSE CE  HE2  sing N N 195 
MSE CE  HE3  sing N N 196 
PRO N   CA   sing N N 197 
PRO N   CD   sing N N 198 
PRO N   H    sing N N 199 
PRO CA  C    sing N N 200 
PRO CA  CB   sing N N 201 
PRO CA  HA   sing N N 202 
PRO C   O    doub N N 203 
PRO C   OXT  sing N N 204 
PRO CB  CG   sing N N 205 
PRO CB  HB2  sing N N 206 
PRO CB  HB3  sing N N 207 
PRO CG  CD   sing N N 208 
PRO CG  HG2  sing N N 209 
PRO CG  HG3  sing N N 210 
PRO CD  HD2  sing N N 211 
PRO CD  HD3  sing N N 212 
PRO OXT HXT  sing N N 213 
SER N   CA   sing N N 214 
SER N   H    sing N N 215 
SER N   H2   sing N N 216 
SER CA  C    sing N N 217 
SER CA  CB   sing N N 218 
SER CA  HA   sing N N 219 
SER C   O    doub N N 220 
SER C   OXT  sing N N 221 
SER CB  OG   sing N N 222 
SER CB  HB2  sing N N 223 
SER CB  HB3  sing N N 224 
SER OG  HG   sing N N 225 
SER OXT HXT  sing N N 226 
SO4 S   O1   doub N N 227 
SO4 S   O2   doub N N 228 
SO4 S   O3   sing N N 229 
SO4 S   O4   sing N N 230 
THR N   CA   sing N N 231 
THR N   H    sing N N 232 
THR N   H2   sing N N 233 
THR CA  C    sing N N 234 
THR CA  CB   sing N N 235 
THR CA  HA   sing N N 236 
THR C   O    doub N N 237 
THR C   OXT  sing N N 238 
THR CB  OG1  sing N N 239 
THR CB  CG2  sing N N 240 
THR CB  HB   sing N N 241 
THR OG1 HG1  sing N N 242 
THR CG2 HG21 sing N N 243 
THR CG2 HG22 sing N N 244 
THR CG2 HG23 sing N N 245 
THR OXT HXT  sing N N 246 
TYR N   CA   sing N N 247 
TYR N   H    sing N N 248 
TYR N   H2   sing N N 249 
TYR CA  C    sing N N 250 
TYR CA  CB   sing N N 251 
TYR CA  HA   sing N N 252 
TYR C   O    doub N N 253 
TYR C   OXT  sing N N 254 
TYR CB  CG   sing N N 255 
TYR CB  HB2  sing N N 256 
TYR CB  HB3  sing N N 257 
TYR CG  CD1  doub Y N 258 
TYR CG  CD2  sing Y N 259 
TYR CD1 CE1  sing Y N 260 
TYR CD1 HD1  sing N N 261 
TYR CD2 CE2  doub Y N 262 
TYR CD2 HD2  sing N N 263 
TYR CE1 CZ   doub Y N 264 
TYR CE1 HE1  sing N N 265 
TYR CE2 CZ   sing Y N 266 
TYR CE2 HE2  sing N N 267 
TYR CZ  OH   sing N N 268 
TYR OH  HH   sing N N 269 
TYR OXT HXT  sing N N 270 
VAL N   CA   sing N N 271 
VAL N   H    sing N N 272 
VAL N   H2   sing N N 273 
VAL CA  C    sing N N 274 
VAL CA  CB   sing N N 275 
VAL CA  HA   sing N N 276 
VAL C   O    doub N N 277 
VAL C   OXT  sing N N 278 
VAL CB  CG1  sing N N 279 
VAL CB  CG2  sing N N 280 
VAL CB  HB   sing N N 281 
VAL CG1 HG11 sing N N 282 
VAL CG1 HG12 sing N N 283 
VAL CG1 HG13 sing N N 284 
VAL CG2 HG21 sing N N 285 
VAL CG2 HG22 sing N N 286 
VAL CG2 HG23 sing N N 287 
VAL OXT HXT  sing N N 288 
# 
_pdbx_audit_support.funding_organization   'Japan Society for the Promotion of Science (JSPS)' 
_pdbx_audit_support.country                Japan 
_pdbx_audit_support.grant_number           18H01328 
_pdbx_audit_support.ordinal                1 
# 
_atom_sites.entry_id                    7DBO 
_atom_sites.Cartn_transf_matrix[1][1]   ? 
_atom_sites.Cartn_transf_matrix[1][2]   ? 
_atom_sites.Cartn_transf_matrix[1][3]   ? 
_atom_sites.Cartn_transf_matrix[2][1]   ? 
_atom_sites.Cartn_transf_matrix[2][2]   ? 
_atom_sites.Cartn_transf_matrix[2][3]   ? 
_atom_sites.Cartn_transf_matrix[3][1]   ? 
_atom_sites.Cartn_transf_matrix[3][2]   ? 
_atom_sites.Cartn_transf_matrix[3][3]   ? 
_atom_sites.Cartn_transf_vector[1]      ? 
_atom_sites.Cartn_transf_vector[2]      ? 
_atom_sites.Cartn_transf_vector[3]      ? 
_atom_sites.fract_transf_matrix[1][1]   0.00472061 
_atom_sites.fract_transf_matrix[1][2]   -0.00049553 
_atom_sites.fract_transf_matrix[1][3]   -0.00848249 
_atom_sites.fract_transf_matrix[2][1]   0.00415118 
_atom_sites.fract_transf_matrix[2][2]   -0.00834052 
_atom_sites.fract_transf_matrix[2][3]   -0.00277161 
_atom_sites.fract_transf_matrix[3][1]   -0.01243227 
_atom_sites.fract_transf_matrix[3][2]   -0.00396553 
_atom_sites.fract_transf_matrix[3][3]   -0.00668706 
_atom_sites.fract_transf_vector[1]      0.556150 
_atom_sites.fract_transf_vector[2]      0.427079 
_atom_sites.fract_transf_vector[3]      0.166773 
_atom_sites.solution_primary            ? 
_atom_sites.solution_secondary          ? 
_atom_sites.solution_hydrogens          ? 
_atom_sites.special_details             ? 
# 
loop_
_atom_type.symbol 
C  
N  
O  
S  
SE 
# 
loop_
_atom_site.group_PDB 
_atom_site.id 
_atom_site.type_symbol 
_atom_site.label_atom_id 
_atom_site.label_alt_id 
_atom_site.label_comp_id 
_atom_site.label_asym_id 
_atom_site.label_entity_id 
_atom_site.label_seq_id 
_atom_site.pdbx_PDB_ins_code 
_atom_site.Cartn_x 
_atom_site.Cartn_y 
_atom_site.Cartn_z 
_atom_site.occupancy 
_atom_site.B_iso_or_equiv 
_atom_site.pdbx_formal_charge 
_atom_site.auth_seq_id 
_atom_site.auth_comp_id 
_atom_site.auth_asym_id 
_atom_site.auth_atom_id 
_atom_site.pdbx_PDB_model_num 
HETATM 1    N  N   . MSE A 1 3  ? 15.136  -7.515  3.045   1.00 75.58  ? 1   MSE A N   1 
HETATM 2    C  CA  . MSE A 1 3  ? 14.845  -6.870  1.768   1.00 74.26  ? 1   MSE A CA  1 
HETATM 3    C  C   . MSE A 1 3  ? 13.724  -5.843  1.912   1.00 73.43  ? 1   MSE A C   1 
HETATM 4    O  O   . MSE A 1 3  ? 12.865  -5.969  2.789   1.00 70.09  ? 1   MSE A O   1 
HETATM 5    C  CB  . MSE A 1 3  ? 14.453  -7.906  0.725   1.00 72.70  ? 1   MSE A CB  1 
HETATM 6    C  CG  . MSE A 1 3  ? 13.061  -8.459  0.946   1.00 66.00  ? 1   MSE A CG  1 
HETATM 7    SE SE  . MSE A 1 3  ? 12.483  -9.672  -0.447  1.00 107.50 ? 1   MSE A SE  1 
HETATM 8    C  CE  . MSE A 1 3  ? 10.719  -9.782  0.133   1.00 23.45  ? 1   MSE A CE  1 
ATOM   9    N  N   . GLU A 1 4  ? 13.719  -4.834  1.044   1.00 71.62  ? 2   GLU A N   1 
ATOM   10   C  CA  . GLU A 1 4  ? 12.763  -3.743  1.151   1.00 64.84  ? 2   GLU A CA  1 
ATOM   11   C  C   . GLU A 1 4  ? 12.022  -3.556  -0.167  1.00 58.83  ? 2   GLU A C   1 
ATOM   12   O  O   . GLU A 1 4  ? 12.349  -4.155  -1.197  1.00 55.40  ? 2   GLU A O   1 
ATOM   13   C  CB  . GLU A 1 4  ? 13.454  -2.437  1.576   1.00 63.10  ? 2   GLU A CB  1 
ATOM   14   C  CG  . GLU A 1 4  ? 14.576  -1.958  0.651   1.00 72.78  ? 2   GLU A CG  1 
ATOM   15   C  CD  . GLU A 1 4  ? 14.080  -1.050  -0.475  1.00 71.76  ? 2   GLU A CD  1 
ATOM   16   O  OE1 . GLU A 1 4  ? 14.453  -1.294  -1.648  1.00 69.27  ? 2   GLU A OE1 1 
ATOM   17   O  OE2 . GLU A 1 4  ? 13.318  -0.097  -0.185  1.00 54.96  ? 2   GLU A OE2 1 
ATOM   18   N  N   . SER A 1 5  ? 10.991  -2.719  -0.105  1.00 47.26  ? 3   SER A N   1 
ATOM   19   C  CA  . SER A 1 5  ? 10.189  -2.355  -1.260  1.00 48.27  ? 3   SER A CA  1 
ATOM   20   C  C   . SER A 1 5  ? 9.752   -0.914  -1.089  1.00 49.45  ? 3   SER A C   1 
ATOM   21   O  O   . SER A 1 5  ? 9.211   -0.545  -0.043  1.00 49.98  ? 3   SER A O   1 
ATOM   22   C  CB  . SER A 1 5  ? 8.964   -3.261  -1.410  1.00 46.82  ? 3   SER A CB  1 
ATOM   23   O  OG  . SER A 1 5  ? 8.227   -2.930  -2.578  1.00 40.27  ? 3   SER A OG  1 
ATOM   24   N  N   . ASN A 1 6  ? 9.998   -0.106  -2.111  1.00 50.86  ? 4   ASN A N   1 
ATOM   25   C  CA  . ASN A 1 6  ? 9.549   1.278   -2.098  1.00 37.70  ? 4   ASN A CA  1 
ATOM   26   C  C   . ASN A 1 6  ? 8.145   1.434   -2.655  1.00 42.03  ? 4   ASN A C   1 
ATOM   27   O  O   . ASN A 1 6  ? 7.383   2.294   -2.169  1.00 37.97  ? 4   ASN A O   1 
ATOM   28   C  CB  . ASN A 1 6  ? 10.523  2.138   -2.901  1.00 47.64  ? 4   ASN A CB  1 
ATOM   29   C  CG  . ASN A 1 6  ? 11.922  2.076   -2.348  1.00 54.95  ? 4   ASN A CG  1 
ATOM   30   O  OD1 . ASN A 1 6  ? 12.122  2.240   -1.144  1.00 48.87  ? 4   ASN A OD1 1 
ATOM   31   N  ND2 . ASN A 1 6  ? 12.900  1.814   -3.215  1.00 49.82  ? 4   ASN A ND2 1 
ATOM   32   N  N   . ASN A 1 7  ? 7.783   0.598   -3.639  1.00 29.27  ? 5   ASN A N   1 
ATOM   33   C  CA  . ASN A 1 7  ? 6.539   0.739   -4.391  1.00 28.94  ? 5   ASN A CA  1 
ATOM   34   C  C   . ASN A 1 7  ? 5.629   -0.470  -4.253  1.00 30.18  ? 5   ASN A C   1 
ATOM   35   O  O   . ASN A 1 7  ? 4.682   -0.622  -5.035  1.00 32.52  ? 5   ASN A O   1 
ATOM   36   C  CB  . ASN A 1 7  ? 6.870   1.019   -5.851  1.00 32.26  ? 5   ASN A CB  1 
ATOM   37   C  CG  . ASN A 1 7  ? 7.851   2.135   -5.975  1.00 38.05  ? 5   ASN A CG  1 
ATOM   38   O  OD1 . ASN A 1 7  ? 7.702   3.146   -5.300  1.00 32.18  ? 5   ASN A OD1 1 
ATOM   39   N  ND2 . ASN A 1 7  ? 8.909   1.935   -6.753  1.00 32.22  ? 5   ASN A ND2 1 
ATOM   40   N  N   . GLY A 1 8  ? 5.888   -1.319  -3.261  1.00 24.69  ? 6   GLY A N   1 
ATOM   41   C  CA  . GLY A 1 8  ? 4.992   -2.383  -2.879  1.00 26.13  ? 6   GLY A CA  1 
ATOM   42   C  C   . GLY A 1 8  ? 5.078   -2.558  -1.379  1.00 24.71  ? 6   GLY A C   1 
ATOM   43   O  O   . GLY A 1 8  ? 5.601   -1.687  -0.680  1.00 26.09  ? 6   GLY A O   1 
ATOM   44   N  N   . ILE A 1 9  ? 4.588   -3.673  -0.861  1.00 27.94  ? 7   ILE A N   1 
ATOM   45   C  CA  . ILE A 1 9  ? 4.773   -3.976  0.547   1.00 24.13  ? 7   ILE A CA  1 
ATOM   46   C  C   . ILE A 1 9  ? 5.427   -5.344  0.650   1.00 22.82  ? 7   ILE A C   1 
ATOM   47   O  O   . ILE A 1 9  ? 5.452   -6.114  -0.308  1.00 27.23  ? 7   ILE A O   1 
ATOM   48   C  CB  . ILE A 1 9  ? 3.452   -3.919  1.330   1.00 24.02  ? 7   ILE A CB  1 
ATOM   49   C  CG1 . ILE A 1 9  ? 2.463   -4.955  0.786   1.00 24.68  ? 7   ILE A CG1 1 
ATOM   50   C  CG2 . ILE A 1 9  ? 2.872   -2.488  1.242   1.00 21.38  ? 7   ILE A CG2 1 
ATOM   51   C  CD1 . ILE A 1 9  ? 1.069   -4.845  1.382   1.00 22.62  ? 7   ILE A CD1 1 
ATOM   52   N  N   . ILE A 1 10 ? 5.995   -5.614  1.826   1.00 30.70  ? 8   ILE A N   1 
ATOM   53   C  CA  . ILE A 1 10 ? 6.610   -6.894  2.158   1.00 33.15  ? 8   ILE A CA  1 
ATOM   54   C  C   . ILE A 1 10 ? 5.654   -7.638  3.073   1.00 28.75  ? 8   ILE A C   1 
ATOM   55   O  O   . ILE A 1 10 ? 5.143   -7.066  4.042   1.00 32.37  ? 8   ILE A O   1 
ATOM   56   C  CB  . ILE A 1 10 ? 7.975   -6.710  2.846   1.00 35.51  ? 8   ILE A CB  1 
ATOM   57   C  CG1 . ILE A 1 10 ? 8.934   -5.888  1.984   1.00 37.31  ? 8   ILE A CG1 1 
ATOM   58   C  CG2 . ILE A 1 10 ? 8.598   -8.066  3.151   1.00 34.85  ? 8   ILE A CG2 1 
ATOM   59   C  CD1 . ILE A 1 10 ? 9.292   -6.547  0.700   1.00 42.50  ? 8   ILE A CD1 1 
ATOM   60   N  N   . LEU A 1 11 ? 5.390   -8.902  2.757   1.00 23.91  ? 9   LEU A N   1 
ATOM   61   C  CA  . LEU A 1 11 ? 4.531   -9.741  3.574   1.00 24.98  ? 9   LEU A CA  1 
ATOM   62   C  C   . LEU A 1 11 ? 5.167   -11.128 3.645   1.00 29.99  ? 9   LEU A C   1 
ATOM   63   O  O   . LEU A 1 11 ? 6.014   -11.476 2.823   1.00 27.05  ? 9   LEU A O   1 
ATOM   64   C  CB  . LEU A 1 11 ? 3.107   -9.795  3.001   1.00 24.93  ? 9   LEU A CB  1 
ATOM   65   C  CG  . LEU A 1 11 ? 2.378   -8.437  2.999   1.00 27.48  ? 9   LEU A CG  1 
ATOM   66   C  CD1 . LEU A 1 11 ? 1.226   -8.408  1.997   1.00 24.95  ? 9   LEU A CD1 1 
ATOM   67   C  CD2 . LEU A 1 11 ? 1.891   -8.090  4.397   1.00 25.73  ? 9   LEU A CD2 1 
ATOM   68   N  N   . ARG A 1 12 ? 4.771   -11.907 4.649   1.00 35.22  ? 10  ARG A N   1 
ATOM   69   C  CA  . ARG A 1 12 ? 5.262   -13.272 4.804   1.00 31.15  ? 10  ARG A CA  1 
ATOM   70   C  C   . ARG A 1 12 ? 4.315   -14.228 4.096   1.00 29.07  ? 10  ARG A C   1 
ATOM   71   O  O   . ARG A 1 12 ? 3.097   -14.138 4.273   1.00 31.62  ? 10  ARG A O   1 
ATOM   72   C  CB  . ARG A 1 12 ? 5.386   -13.653 6.279   1.00 35.81  ? 10  ARG A CB  1 
ATOM   73   C  CG  . ARG A 1 12 ? 6.554   -12.994 6.964   1.00 41.43  ? 10  ARG A CG  1 
ATOM   74   C  CD  . ARG A 1 12 ? 7.058   -13.781 8.178   1.00 44.32  ? 10  ARG A CD  1 
ATOM   75   N  NE  . ARG A 1 12 ? 8.248   -13.130 8.731   1.00 51.01  ? 10  ARG A NE  1 
ATOM   76   C  CZ  . ARG A 1 12 ? 9.497   -13.388 8.347   1.00 54.97  ? 10  ARG A CZ  1 
ATOM   77   N  NH1 . ARG A 1 12 ? 9.742   -14.307 7.419   1.00 48.31  ? 10  ARG A NH1 1 
ATOM   78   N  NH2 . ARG A 1 12 ? 10.507  -12.726 8.897   1.00 56.72  ? 10  ARG A NH2 1 
ATOM   79   N  N   . VAL A 1 13 ? 4.876   -15.129 3.285   1.00 28.42  ? 11  VAL A N   1 
ATOM   80   C  CA  . VAL A 1 13 ? 4.057   -16.102 2.563   1.00 34.03  ? 11  VAL A CA  1 
ATOM   81   C  C   . VAL A 1 13 ? 3.446   -17.101 3.533   1.00 38.41  ? 11  VAL A C   1 
ATOM   82   O  O   . VAL A 1 13 ? 4.145   -17.666 4.382   1.00 44.41  ? 11  VAL A O   1 
ATOM   83   C  CB  . VAL A 1 13 ? 4.887   -16.843 1.509   1.00 44.06  ? 11  VAL A CB  1 
ATOM   84   C  CG1 . VAL A 1 13 ? 4.123   -18.048 1.026   1.00 45.61  ? 11  VAL A CG1 1 
ATOM   85   C  CG2 . VAL A 1 13 ? 5.176   -15.953 0.352   1.00 28.27  ? 11  VAL A CG2 1 
ATOM   86   N  N   . ALA A 1 14 ? 2.140   -17.343 3.391   1.00 34.74  ? 12  ALA A N   1 
ATOM   87   C  CA  . ALA A 1 14 ? 1.441   -18.401 4.105   1.00 40.58  ? 12  ALA A CA  1 
ATOM   88   C  C   . ALA A 1 14 ? 0.657   -19.241 3.104   1.00 38.16  ? 12  ALA A C   1 
ATOM   89   O  O   . ALA A 1 14 ? 0.375   -18.807 1.985   1.00 30.18  ? 12  ALA A O   1 
ATOM   90   C  CB  . ALA A 1 14 ? 0.496   -17.847 5.180   1.00 43.36  ? 12  ALA A CB  1 
ATOM   91   N  N   . GLU A 1 15 ? 0.300   -20.455 3.519   1.00 37.55  ? 13  GLU A N   1 
ATOM   92   C  CA  . GLU A 1 15 ? -0.347  -21.386 2.607   1.00 39.58  ? 13  GLU A CA  1 
ATOM   93   C  C   . GLU A 1 15 ? -1.728  -20.875 2.221   1.00 33.35  ? 13  GLU A C   1 
ATOM   94   O  O   . GLU A 1 15 ? -2.359  -20.097 2.939   1.00 38.48  ? 13  GLU A O   1 
ATOM   95   C  CB  . GLU A 1 15 ? -0.466  -22.781 3.240   1.00 39.88  ? 13  GLU A CB  1 
ATOM   96   C  CG  . GLU A 1 15 ? -1.555  -22.870 4.289   1.00 45.28  ? 13  GLU A CG  1 
ATOM   97   C  CD  . GLU A 1 15 ? -1.540  -24.187 5.029   1.00 49.14  ? 13  GLU A CD  1 
ATOM   98   O  OE1 . GLU A 1 15 ? -1.024  -25.180 4.468   1.00 57.19  ? 13  GLU A OE1 1 
ATOM   99   O  OE2 . GLU A 1 15 ? -2.031  -24.220 6.171   1.00 44.20  ? 13  GLU A OE2 1 
ATOM   100  N  N   . ALA A 1 16 ? -2.196  -21.328 1.065   1.00 38.72  ? 14  ALA A N   1 
ATOM   101  C  CA  . ALA A 1 16 ? -3.474  -20.865 0.556   1.00 43.46  ? 14  ALA A CA  1 
ATOM   102  C  C   . ALA A 1 16 ? -4.613  -21.304 1.472   1.00 43.88  ? 14  ALA A C   1 
ATOM   103  O  O   . ALA A 1 16 ? -4.519  -22.307 2.185   1.00 40.58  ? 14  ALA A O   1 
ATOM   104  C  CB  . ALA A 1 16 ? -3.703  -21.401 -0.858  1.00 43.48  ? 14  ALA A CB  1 
ATOM   105  N  N   . ASN A 1 17 ? -5.692  -20.526 1.463   1.00 42.31  ? 15  ASN A N   1 
ATOM   106  C  CA  . ASN A 1 17 ? -6.944  -21.050 1.988   1.00 41.79  ? 15  ASN A CA  1 
ATOM   107  C  C   . ASN A 1 17 ? -7.375  -22.228 1.128   1.00 54.67  ? 15  ASN A C   1 
ATOM   108  O  O   . ASN A 1 17 ? -7.073  -22.293 -0.066  1.00 48.35  ? 15  ASN A O   1 
ATOM   109  C  CB  . ASN A 1 17 ? -8.024  -19.970 2.020   1.00 51.78  ? 15  ASN A CB  1 
ATOM   110  C  CG  . ASN A 1 17 ? -7.758  -18.916 3.080   1.00 53.55  ? 15  ASN A CG  1 
ATOM   111  O  OD1 . ASN A 1 17 ? -7.962  -17.715 2.854   1.00 59.61  ? 15  ASN A OD1 1 
ATOM   112  N  ND2 . ASN A 1 17 ? -7.275  -19.359 4.244   1.00 46.64  ? 15  ASN A ND2 1 
ATOM   113  N  N   . SER A 1 18 ? -8.071  -23.179 1.753   1.00 54.71  ? 16  SER A N   1 
ATOM   114  C  CA  . SER A 1 18 ? -8.260  -24.482 1.125   1.00 51.71  ? 16  SER A CA  1 
ATOM   115  C  C   . SER A 1 18 ? -9.052  -24.379 -0.175  1.00 53.34  ? 16  SER A C   1 
ATOM   116  O  O   . SER A 1 18 ? -8.859  -25.202 -1.081  1.00 49.25  ? 16  SER A O   1 
ATOM   117  C  CB  . SER A 1 18 ? -8.939  -25.431 2.114   1.00 56.20  ? 16  SER A CB  1 
ATOM   118  O  OG  . SER A 1 18 ? -8.792  -26.781 1.707   1.00 64.76  ? 16  SER A OG  1 
ATOM   119  N  N   . THR A 1 19 ? -9.918  -23.363 -0.298  1.00 48.42  ? 17  THR A N   1 
ATOM   120  C  CA  . THR A 1 19 ? -10.716 -23.117 -1.499  1.00 47.03  ? 17  THR A CA  1 
ATOM   121  C  C   . THR A 1 19 ? -9.926  -22.471 -2.642  1.00 50.32  ? 17  THR A C   1 
ATOM   122  O  O   . THR A 1 19 ? -10.475 -22.295 -3.740  1.00 41.06  ? 17  THR A O   1 
ATOM   123  C  CB  . THR A 1 19 ? -11.914 -22.228 -1.146  1.00 56.59  ? 17  THR A CB  1 
ATOM   124  O  OG1 . THR A 1 19 ? -12.591 -21.829 -2.346  1.00 65.50  ? 17  THR A OG1 1 
ATOM   125  C  CG2 . THR A 1 19 ? -11.463 -20.984 -0.377  1.00 42.66  ? 17  THR A CG2 1 
ATOM   126  N  N   . ASP A 1 20 ? -8.661  -22.138 -2.428  1.00 48.86  ? 18  ASP A N   1 
ATOM   127  C  CA  . ASP A 1 20 ? -7.935  -21.255 -3.333  1.00 44.81  ? 18  ASP A CA  1 
ATOM   128  C  C   . ASP A 1 20 ? -7.084  -21.913 -4.416  1.00 42.14  ? 18  ASP A C   1 
ATOM   129  O  O   . ASP A 1 20 ? -6.997  -21.346 -5.514  1.00 39.01  ? 18  ASP A O   1 
ATOM   130  C  CB  . ASP A 1 20 ? -7.038  -20.325 -2.522  1.00 43.59  ? 18  ASP A CB  1 
ATOM   131  C  CG  . ASP A 1 20 ? -7.822  -19.288 -1.774  1.00 42.76  ? 18  ASP A CG  1 
ATOM   132  O  OD1 . ASP A 1 20 ? -9.068  -19.272 -1.914  1.00 46.11  ? 18  ASP A OD1 1 
ATOM   133  O  OD2 . ASP A 1 20 ? -7.188  -18.485 -1.060  1.00 52.19  ? 18  ASP A OD2 1 
ATOM   134  N  N   . PRO A 1 21 ? -6.412  -23.046 -4.169  1.00 49.41  ? 19  PRO A N   1 
ATOM   135  C  CA  . PRO A 1 21 ? -5.422  -23.526 -5.143  1.00 39.78  ? 19  PRO A CA  1 
ATOM   136  C  C   . PRO A 1 21 ? -5.975  -23.578 -6.561  1.00 43.31  ? 19  PRO A C   1 
ATOM   137  O  O   . PRO A 1 21 ? -7.142  -23.909 -6.787  1.00 40.42  ? 19  PRO A O   1 
ATOM   138  C  CB  . PRO A 1 21 ? -5.062  -24.919 -4.620  1.00 46.01  ? 19  PRO A CB  1 
ATOM   139  C  CG  . PRO A 1 21 ? -5.214  -24.792 -3.161  1.00 39.53  ? 19  PRO A CG  1 
ATOM   140  C  CD  . PRO A 1 21 ? -6.434  -23.921 -2.976  1.00 41.62  ? 19  PRO A CD  1 
ATOM   141  N  N   . GLY A 1 22 ? -5.128  -23.181 -7.511  1.00 42.70  ? 20  GLY A N   1 
ATOM   142  C  CA  . GLY A 1 22 ? -5.459  -23.152 -8.921  1.00 39.30  ? 20  GLY A CA  1 
ATOM   143  C  C   . GLY A 1 22 ? -6.334  -22.005 -9.365  1.00 45.68  ? 20  GLY A C   1 
ATOM   144  O  O   . GLY A 1 22 ? -6.742  -21.978 -10.533 1.00 49.31  ? 20  GLY A O   1 
HETATM 145  N  N   . MSE A 1 23 ? -6.631  -21.050 -8.491  1.00 39.07  ? 21  MSE A N   1 
HETATM 146  C  CA  A MSE A 1 23 ? -7.541  -19.971 -8.840  0.54 38.23  ? 21  MSE A CA  1 
HETATM 147  C  CA  B MSE A 1 23 ? -7.530  -19.971 -8.863  0.46 38.24  ? 21  MSE A CA  1 
HETATM 148  C  C   . MSE A 1 23 ? -6.825  -18.628 -8.941  1.00 35.46  ? 21  MSE A C   1 
HETATM 149  O  O   . MSE A 1 23 ? -7.462  -17.608 -9.119  1.00 35.31  ? 21  MSE A O   1 
HETATM 150  C  CB  A MSE A 1 23 ? -8.675  -19.882 -7.816  0.54 41.45  ? 21  MSE A CB  1 
HETATM 151  C  CB  B MSE A 1 23 ? -8.686  -19.896 -7.877  0.46 41.46  ? 21  MSE A CB  1 
HETATM 152  C  CG  A MSE A 1 23 ? -9.369  -21.209 -7.546  0.54 41.60  ? 21  MSE A CG  1 
HETATM 153  C  CG  B MSE A 1 23 ? -9.363  -21.230 -7.685  0.46 41.59  ? 21  MSE A CG  1 
HETATM 154  SE SE  A MSE A 1 23 ? -10.412 -21.874 -9.054  0.54 35.10  ? 21  MSE A SE  1 
HETATM 155  SE SE  B MSE A 1 23 ? -11.178 -21.006 -7.071  0.46 49.95  ? 21  MSE A SE  1 
HETATM 156  C  CE  A MSE A 1 23 ? -11.756 -20.454 -9.126  0.54 43.49  ? 21  MSE A CE  1 
HETATM 157  C  CE  B MSE A 1 23 ? -11.833 -19.836 -8.495  0.46 44.37  ? 21  MSE A CE  1 
ATOM   158  N  N   . SER A 1 24 ? -5.498  -18.652 -8.817  1.00 41.81  ? 22  SER A N   1 
ATOM   159  C  CA  . SER A 1 24 ? -4.657  -17.458 -8.928  1.00 39.64  ? 22  SER A CA  1 
ATOM   160  C  C   . SER A 1 24 ? -5.092  -16.383 -7.932  1.00 41.39  ? 22  SER A C   1 
ATOM   161  O  O   . SER A 1 24 ? -5.206  -15.197 -8.261  1.00 38.26  ? 22  SER A O   1 
ATOM   162  C  CB  . SER A 1 24 ? -4.659  -16.902 -10.358 1.00 41.76  ? 22  SER A CB  1 
ATOM   163  O  OG  . SER A 1 24 ? -5.047  -17.873 -11.317 1.00 45.76  ? 22  SER A OG  1 
ATOM   164  N  N   . ARG A 1 25 ? -5.335  -16.807 -6.698  1.00 34.54  ? 23  ARG A N   1 
ATOM   165  C  CA  . ARG A 1 25 ? -5.804  -15.908 -5.660  1.00 36.23  ? 23  ARG A CA  1 
ATOM   166  C  C   . ARG A 1 25 ? -4.640  -15.447 -4.793  1.00 36.19  ? 23  ARG A C   1 
ATOM   167  O  O   . ARG A 1 25 ? -3.678  -16.183 -4.569  1.00 33.12  ? 23  ARG A O   1 
ATOM   168  C  CB  . ARG A 1 25 ? -6.878  -16.583 -4.802  1.00 36.48  ? 23  ARG A CB  1 
ATOM   169  C  CG  . ARG A 1 25 ? -8.203  -16.769 -5.526  1.00 36.79  ? 23  ARG A CG  1 
ATOM   170  C  CD  . ARG A 1 25 ? -9.183  -17.532 -4.668  1.00 36.57  ? 23  ARG A CD  1 
ATOM   171  N  NE  . ARG A 1 25 ? -10.498 -17.682 -5.292  1.00 43.81  ? 23  ARG A NE  1 
ATOM   172  C  CZ  . ARG A 1 25 ? -11.508 -18.345 -4.730  1.00 47.52  ? 23  ARG A CZ  1 
ATOM   173  N  NH1 . ARG A 1 25 ? -11.340 -18.915 -3.545  1.00 49.00  ? 23  ARG A NH1 1 
ATOM   174  N  NH2 . ARG A 1 25 ? -12.676 -18.444 -5.345  1.00 46.20  ? 23  ARG A NH2 1 
ATOM   175  N  N   . VAL A 1 26 ? -4.733  -14.207 -4.323  1.00 27.94  ? 24  VAL A N   1 
ATOM   176  C  CA  . VAL A 1 26 ? -3.733  -13.594 -3.451  1.00 27.63  ? 24  VAL A CA  1 
ATOM   177  C  C   . VAL A 1 26 ? -4.510  -13.005 -2.275  1.00 31.63  ? 24  VAL A C   1 
ATOM   178  O  O   . VAL A 1 26 ? -5.128  -11.942 -2.400  1.00 29.79  ? 24  VAL A O   1 
ATOM   179  C  CB  . VAL A 1 26 ? -2.911  -12.515 -4.176  1.00 28.60  ? 24  VAL A CB  1 
ATOM   180  C  CG1 . VAL A 1 26 ? -1.836  -11.973 -3.284  1.00 27.64  ? 24  VAL A CG1 1 
ATOM   181  C  CG2 . VAL A 1 26 ? -2.289  -13.078 -5.450  1.00 34.03  ? 24  VAL A CG2 1 
ATOM   182  N  N   . ARG A 1 27 ? -4.492  -13.694 -1.135  1.00 32.69  ? 25  ARG A N   1 
ATOM   183  C  CA  . ARG A 1 27 ? -5.228  -13.250 0.050   1.00 26.90  ? 25  ARG A CA  1 
ATOM   184  C  C   . ARG A 1 27 ? -4.481  -12.127 0.754   1.00 27.69  ? 25  ARG A C   1 
ATOM   185  O  O   . ARG A 1 27 ? -3.342  -12.305 1.198   1.00 26.38  ? 25  ARG A O   1 
ATOM   186  C  CB  . ARG A 1 27 ? -5.451  -14.417 1.001   1.00 33.27  ? 25  ARG A CB  1 
ATOM   187  C  CG  . ARG A 1 27 ? -6.327  -15.500 0.426   1.00 34.52  ? 25  ARG A CG  1 
ATOM   188  C  CD  . ARG A 1 27 ? -7.790  -15.125 0.508   1.00 35.61  ? 25  ARG A CD  1 
ATOM   189  N  NE  . ARG A 1 27 ? -8.628  -16.219 0.028   1.00 49.79  ? 25  ARG A NE  1 
ATOM   190  C  CZ  . ARG A 1 27 ? -9.883  -16.418 0.413   1.00 58.47  ? 25  ARG A CZ  1 
ATOM   191  N  NH1 . ARG A 1 27 ? -10.444 -15.597 1.293   1.00 54.57  ? 25  ARG A NH1 1 
ATOM   192  N  NH2 . ARG A 1 27 ? -10.576 -17.432 -0.085  1.00 55.70  ? 25  ARG A NH2 1 
ATOM   193  N  N   . LEU A 1 28 ? -5.135  -10.970 0.869   1.00 30.20  ? 26  LEU A N   1 
ATOM   194  C  CA  . LEU A 1 28 ? -4.561  -9.797  1.503   1.00 29.07  ? 26  LEU A CA  1 
ATOM   195  C  C   . LEU A 1 28 ? -5.549  -9.240  2.510   1.00 26.83  ? 26  LEU A C   1 
ATOM   196  O  O   . LEU A 1 28 ? -6.754  -9.195  2.243   1.00 30.13  ? 26  LEU A O   1 
ATOM   197  C  CB  . LEU A 1 28 ? -4.224  -8.717  0.471   1.00 26.67  ? 26  LEU A CB  1 
ATOM   198  C  CG  . LEU A 1 28 ? -3.107  -9.040  -0.519  1.00 27.58  ? 26  LEU A CG  1 
ATOM   199  C  CD1 . LEU A 1 28 ? -2.977  -7.890  -1.578  1.00 21.36  ? 26  LEU A CD1 1 
ATOM   200  C  CD2 . LEU A 1 28 ? -1.799  -9.267  0.206   1.00 24.68  ? 26  LEU A CD2 1 
ATOM   201  N  N   . ASP A 1 29 ? -5.036  -8.794  3.657   1.00 24.56  ? 27  ASP A N   1 
ATOM   202  C  CA  . ASP A 1 29 ? -5.912  -8.220  4.663   1.00 30.82  ? 27  ASP A CA  1 
ATOM   203  C  C   . ASP A 1 29 ? -6.267  -6.768  4.315   1.00 32.92  ? 27  ASP A C   1 
ATOM   204  O  O   . ASP A 1 29 ? -5.849  -6.211  3.289   1.00 29.43  ? 27  ASP A O   1 
ATOM   205  C  CB  . ASP A 1 29 ? -5.295  -8.355  6.056   1.00 30.91  ? 27  ASP A CB  1 
ATOM   206  C  CG  . ASP A 1 29 ? -4.067  -7.494  6.267   1.00 33.47  ? 27  ASP A CG  1 
ATOM   207  O  OD1 . ASP A 1 29 ? -3.708  -6.636  5.414   1.00 32.67  ? 27  ASP A OD1 1 
ATOM   208  O  OD2 . ASP A 1 29 ? -3.441  -7.693  7.326   1.00 30.44  ? 27  ASP A OD2 1 
ATOM   209  N  N   . GLU A 1 30 ? -7.089  -6.156  5.173   1.00 33.14  ? 28  GLU A N   1 
ATOM   210  C  CA  . GLU A 1 30 ? -7.585  -4.818  4.874   1.00 35.92  ? 28  GLU A CA  1 
ATOM   211  C  C   . GLU A 1 30 ? -6.449  -3.809  4.858   1.00 23.44  ? 28  GLU A C   1 
ATOM   212  O  O   . GLU A 1 30 ? -6.386  -2.947  3.979   1.00 35.24  ? 28  GLU A O   1 
ATOM   213  C  CB  . GLU A 1 30 ? -8.659  -4.438  5.890   1.00 34.45  ? 28  GLU A CB  1 
ATOM   214  C  CG  . GLU A 1 30 ? -9.171  -3.026  5.780   1.00 45.33  ? 28  GLU A CG  1 
ATOM   215  C  CD  . GLU A 1 30 ? -10.041 -2.656  6.972   1.00 54.50  ? 28  GLU A CD  1 
ATOM   216  O  OE1 . GLU A 1 30 ? -10.796 -3.539  7.447   1.00 46.55  ? 28  GLU A OE1 1 
ATOM   217  O  OE2 . GLU A 1 30 ? -9.953  -1.502  7.444   1.00 54.70  ? 28  GLU A OE2 1 
ATOM   218  N  N   . SER A 1 31 ? -5.521  -3.928  5.803   1.00 25.57  ? 29  SER A N   1 
ATOM   219  C  CA  . SER A 1 31 ? -4.395  -3.006  5.885   1.00 28.27  ? 29  SER A CA  1 
ATOM   220  C  C   . SER A 1 31 ? -3.539  -3.080  4.621   1.00 30.07  ? 29  SER A C   1 
ATOM   221  O  O   . SER A 1 31 ? -3.158  -2.057  4.041   1.00 26.12  ? 29  SER A O   1 
ATOM   222  C  CB  . SER A 1 31 ? -3.567  -3.352  7.131   1.00 29.16  ? 29  SER A CB  1 
ATOM   223  O  OG  . SER A 1 31 ? -2.258  -2.792  7.092   1.00 40.48  ? 29  SER A OG  1 
ATOM   224  N  N   . SER A 1 32 ? -3.220  -4.299  4.190   1.00 27.13  ? 30  SER A N   1 
ATOM   225  C  CA  . SER A 1 32 ? -2.415  -4.487  2.991   1.00 24.14  ? 30  SER A CA  1 
ATOM   226  C  C   . SER A 1 32 ? -3.115  -3.930  1.765   1.00 23.93  ? 30  SER A C   1 
ATOM   227  O  O   . SER A 1 32 ? -2.505  -3.215  0.962   1.00 24.97  ? 30  SER A O   1 
ATOM   228  C  CB  . SER A 1 32 ? -2.113  -5.970  2.811   1.00 28.55  ? 30  SER A CB  1 
ATOM   229  O  OG  . SER A 1 32 ? -1.320  -6.410  3.881   1.00 29.12  ? 30  SER A OG  1 
ATOM   230  N  N   . ARG A 1 33 ? -4.402  -4.255  1.600   1.00 24.77  ? 31  ARG A N   1 
ATOM   231  C  CA  . ARG A 1 33 ? -5.130  -3.749  0.446   1.00 28.51  ? 31  ARG A CA  1 
ATOM   232  C  C   . ARG A 1 33 ? -5.169  -2.231  0.445   1.00 34.67  ? 31  ARG A C   1 
ATOM   233  O  O   . ARG A 1 33 ? -5.026  -1.600  -0.608  1.00 29.97  ? 31  ARG A O   1 
ATOM   234  C  CB  . ARG A 1 33 ? -6.542  -4.320  0.419   1.00 28.92  ? 31  ARG A CB  1 
ATOM   235  C  CG  . ARG A 1 33 ? -6.668  -5.519  -0.493  1.00 38.49  ? 31  ARG A CG  1 
ATOM   236  C  CD  . ARG A 1 33 ? -7.632  -6.505  0.063   1.00 33.41  ? 31  ARG A CD  1 
ATOM   237  N  NE  . ARG A 1 33 ? -8.842  -5.876  0.579   1.00 43.03  ? 31  ARG A NE  1 
ATOM   238  C  CZ  . ARG A 1 33 ? -9.500  -6.324  1.644   1.00 41.55  ? 31  ARG A CZ  1 
ATOM   239  N  NH1 . ARG A 1 33 ? -10.594 -5.711  2.069   1.00 40.04  ? 31  ARG A NH1 1 
ATOM   240  N  NH2 . ARG A 1 33 ? -9.046  -7.384  2.294   1.00 36.54  ? 31  ARG A NH2 1 
ATOM   241  N  N   . ARG A 1 34 ? -5.334  -1.625  1.620   1.00 31.83  ? 32  ARG A N   1 
ATOM   242  C  CA  A ARG A 1 34 ? -5.388  -0.169  1.687   0.64 31.97  ? 32  ARG A CA  1 
ATOM   243  C  CA  B ARG A 1 34 ? -5.386  -0.169  1.692   0.36 31.95  ? 32  ARG A CA  1 
ATOM   244  C  C   . ARG A 1 34 ? -4.042  0.446   1.325   1.00 32.27  ? 32  ARG A C   1 
ATOM   245  O  O   . ARG A 1 34 ? -3.979  1.404   0.540   1.00 32.39  ? 32  ARG A O   1 
ATOM   246  C  CB  A ARG A 1 34 ? -5.838  0.274   3.078   0.64 30.45  ? 32  ARG A CB  1 
ATOM   247  C  CB  B ARG A 1 34 ? -5.815  0.268   3.091   0.36 30.48  ? 32  ARG A CB  1 
ATOM   248  C  CG  A ARG A 1 34 ? -5.881  1.775   3.263   0.64 32.94  ? 32  ARG A CG  1 
ATOM   249  C  CG  B ARG A 1 34 ? -6.021  1.758   3.233   0.36 32.91  ? 32  ARG A CG  1 
ATOM   250  C  CD  A ARG A 1 34 ? -6.580  2.156   4.576   0.64 32.13  ? 32  ARG A CD  1 
ATOM   251  C  CD  B ARG A 1 34 ? -6.565  2.091   4.616   0.36 32.11  ? 32  ARG A CD  1 
ATOM   252  N  NE  A ARG A 1 34 ? -5.987  1.514   5.746   0.64 33.65  ? 32  ARG A NE  1 
ATOM   253  N  NE  B ARG A 1 34 ? -7.557  1.114   5.062   0.36 30.03  ? 32  ARG A NE  1 
ATOM   254  C  CZ  A ARG A 1 34 ? -6.579  0.561   6.463   0.64 26.08  ? 32  ARG A CZ  1 
ATOM   255  C  CZ  B ARG A 1 34 ? -8.818  1.080   4.645   0.36 32.82  ? 32  ARG A CZ  1 
ATOM   256  N  NH1 A ARG A 1 34 ? -7.797  0.145   6.136   0.64 27.24  ? 32  ARG A NH1 1 
ATOM   257  N  NH1 B ARG A 1 34 ? -9.254  1.968   3.763   0.36 35.29  ? 32  ARG A NH1 1 
ATOM   258  N  NH2 A ARG A 1 34 ? -5.957  0.034   7.508   0.64 22.06  ? 32  ARG A NH2 1 
ATOM   259  N  NH2 B ARG A 1 34 ? -9.643  0.156   5.106   0.36 34.60  ? 32  ARG A NH2 1 
ATOM   260  N  N   . LEU A 1 35 ? -2.953  -0.087  1.890   1.00 28.65  ? 33  LEU A N   1 
ATOM   261  C  CA  . LEU A 1 35 ? -1.621  0.422   1.568   1.00 29.30  ? 33  LEU A CA  1 
ATOM   262  C  C   . LEU A 1 35 ? -1.321  0.360   0.072   1.00 32.12  ? 33  LEU A C   1 
ATOM   263  O  O   . LEU A 1 35 ? -0.628  1.241   -0.462  1.00 27.06  ? 33  LEU A O   1 
ATOM   264  C  CB  . LEU A 1 35 ? -0.563  -0.356  2.337   1.00 30.16  ? 33  LEU A CB  1 
ATOM   265  C  CG  . LEU A 1 35 ? -0.468  -0.077  3.836   1.00 34.68  ? 33  LEU A CG  1 
ATOM   266  C  CD1 . LEU A 1 35 ? 0.797   -0.723  4.352   1.00 23.11  ? 33  LEU A CD1 1 
ATOM   267  C  CD2 . LEU A 1 35 ? -0.462  1.435   4.110   1.00 25.59  ? 33  LEU A CD2 1 
ATOM   268  N  N   . LEU A 1 36 ? -1.829  -0.665  -0.616  1.00 28.11  ? 34  LEU A N   1 
ATOM   269  C  CA  . LEU A 1 36 ? -1.574  -0.873  -2.039  1.00 31.97  ? 34  LEU A CA  1 
ATOM   270  C  C   . LEU A 1 36 ? -2.604  -0.204  -2.934  1.00 32.25  ? 34  LEU A C   1 
ATOM   271  O  O   . LEU A 1 36 ? -2.451  -0.248  -4.157  1.00 27.55  ? 34  LEU A O   1 
ATOM   272  C  CB  . LEU A 1 36 ? -1.542  -2.378  -2.362  1.00 24.79  ? 34  LEU A CB  1 
ATOM   273  C  CG  . LEU A 1 36 ? -0.372  -3.139  -1.735  1.00 24.16  ? 34  LEU A CG  1 
ATOM   274  C  CD1 . LEU A 1 36 ? -0.428  -4.650  -2.043  1.00 24.42  ? 34  LEU A CD1 1 
ATOM   275  C  CD2 . LEU A 1 36 ? 0.924   -2.541  -2.241  1.00 31.17  ? 34  LEU A CD2 1 
ATOM   276  N  N   . ASP A 1 37 ? -3.642  0.404   -2.355  1.00 31.23  ? 35  ASP A N   1 
ATOM   277  C  CA  . ASP A 1 37 ? -4.831  0.826   -3.096  1.00 34.05  ? 35  ASP A CA  1 
ATOM   278  C  C   . ASP A 1 37 ? -5.314  -0.285  -4.022  1.00 35.47  ? 35  ASP A C   1 
ATOM   279  O  O   . ASP A 1 37 ? -5.499  -0.097  -5.229  1.00 34.27  ? 35  ASP A O   1 
ATOM   280  C  CB  . ASP A 1 37 ? -4.579  2.112   -3.879  1.00 35.06  ? 35  ASP A CB  1 
ATOM   281  C  CG  . ASP A 1 37 ? -5.869  2.711   -4.437  1.00 38.38  ? 35  ASP A CG  1 
ATOM   282  O  OD1 . ASP A 1 37 ? -6.841  2.894   -3.664  1.00 45.75  ? 35  ASP A OD1 1 
ATOM   283  O  OD2 . ASP A 1 37 ? -5.904  2.990   -5.651  1.00 41.68  ? 35  ASP A OD2 1 
ATOM   284  N  N   . ALA A 1 38 ? -5.512  -1.465  -3.443  1.00 37.39  ? 36  ALA A N   1 
ATOM   285  C  CA  . ALA A 1 38 ? -5.926  -2.646  -4.190  1.00 32.39  ? 36  ALA A CA  1 
ATOM   286  C  C   . ALA A 1 38 ? -7.362  -3.009  -3.829  1.00 29.64  ? 36  ALA A C   1 
ATOM   287  O  O   . ALA A 1 38 ? -7.656  -3.310  -2.670  1.00 40.37  ? 36  ALA A O   1 
ATOM   288  C  CB  . ALA A 1 38 ? -4.988  -3.817  -3.900  1.00 33.89  ? 36  ALA A CB  1 
ATOM   289  N  N   . GLU A 1 39 ? -8.247  -3.003  -4.819  1.00 31.19  ? 37  GLU A N   1 
ATOM   290  C  CA  . GLU A 1 39 ? -9.576  -3.556  -4.604  1.00 32.03  ? 37  GLU A CA  1 
ATOM   291  C  C   . GLU A 1 39 ? -9.547  -5.070  -4.753  1.00 37.16  ? 37  GLU A C   1 
ATOM   292  O  O   . GLU A 1 39 ? -8.674  -5.635  -5.419  1.00 31.57  ? 37  GLU A O   1 
ATOM   293  C  CB  . GLU A 1 39 ? -10.584 -2.974  -5.601  1.00 35.98  ? 37  GLU A CB  1 
ATOM   294  C  CG  . GLU A 1 39 ? -10.877 -1.494  -5.383  1.00 51.31  ? 37  GLU A CG  1 
ATOM   295  C  CD  . GLU A 1 39 ? -12.273 -1.089  -5.835  1.00 62.37  ? 37  GLU A CD  1 
ATOM   296  O  OE1 . GLU A 1 39 ? -12.418 0.030   -6.374  1.00 57.13  ? 37  GLU A OE1 1 
ATOM   297  O  OE2 . GLU A 1 39 ? -13.226 -1.881  -5.639  1.00 64.89  ? 37  GLU A OE2 1 
ATOM   298  N  N   . ILE A 1 40 ? -10.531 -5.733  -4.142  1.00 31.48  ? 38  ILE A N   1 
ATOM   299  C  CA  . ILE A 1 40 ? -10.752 -7.142  -4.445  1.00 37.75  ? 38  ILE A CA  1 
ATOM   300  C  C   . ILE A 1 40 ? -10.865 -7.283  -5.950  1.00 36.48  ? 38  ILE A C   1 
ATOM   301  O  O   . ILE A 1 40 ? -11.587 -6.522  -6.601  1.00 37.35  ? 38  ILE A O   1 
ATOM   302  C  CB  . ILE A 1 40 ? -12.015 -7.667  -3.733  1.00 38.96  ? 38  ILE A CB  1 
ATOM   303  C  CG1 . ILE A 1 40 ? -11.964 -7.372  -2.239  1.00 43.33  ? 38  ILE A CG1 1 
ATOM   304  C  CG2 . ILE A 1 40 ? -12.188 -9.178  -3.955  1.00 43.60  ? 38  ILE A CG2 1 
ATOM   305  C  CD1 . ILE A 1 40 ? -10.869 -8.099  -1.518  1.00 42.04  ? 38  ILE A CD1 1 
ATOM   306  N  N   . GLY A 1 41 ? -10.117 -8.225  -6.519  1.00 34.00  ? 39  GLY A N   1 
ATOM   307  C  CA  . GLY A 1 41 ? -10.117 -8.433  -7.946  1.00 38.65  ? 39  GLY A CA  1 
ATOM   308  C  C   . GLY A 1 41 ? -9.012  -7.722  -8.691  1.00 38.68  ? 39  GLY A C   1 
ATOM   309  O  O   . GLY A 1 41 ? -8.782  -8.042  -9.864  1.00 39.13  ? 39  GLY A O   1 
ATOM   310  N  N   . ASP A 1 42 ? -8.318  -6.783  -8.051  1.00 35.04  ? 40  ASP A N   1 
ATOM   311  C  CA  . ASP A 1 42 ? -7.187  -6.119  -8.686  1.00 30.10  ? 40  ASP A CA  1 
ATOM   312  C  C   . ASP A 1 42 ? -6.054  -7.118  -8.931  1.00 32.22  ? 40  ASP A C   1 
ATOM   313  O  O   . ASP A 1 42 ? -5.808  -8.010  -8.123  1.00 27.29  ? 40  ASP A O   1 
ATOM   314  C  CB  . ASP A 1 42 ? -6.671  -4.989  -7.797  1.00 32.38  ? 40  ASP A CB  1 
ATOM   315  C  CG  . ASP A 1 42 ? -7.347  -3.649  -8.069  1.00 38.99  ? 40  ASP A CG  1 
ATOM   316  O  OD1 . ASP A 1 42 ? -8.284  -3.573  -8.900  1.00 33.59  ? 40  ASP A OD1 1 
ATOM   317  O  OD2 . ASP A 1 42 ? -6.912  -2.661  -7.442  1.00 32.70  ? 40  ASP A OD2 1 
ATOM   318  N  N   . VAL A 1 43 ? -5.336  -6.938  -10.038 1.00 23.81  ? 41  VAL A N   1 
ATOM   319  C  CA  . VAL A 1 43 ? -4.188  -7.788  -10.347 1.00 27.81  ? 41  VAL A CA  1 
ATOM   320  C  C   . VAL A 1 43 ? -2.978  -7.314  -9.548  1.00 25.14  ? 41  VAL A C   1 
ATOM   321  O  O   . VAL A 1 43 ? -2.663  -6.118  -9.518  1.00 22.71  ? 41  VAL A O   1 
ATOM   322  C  CB  . VAL A 1 43 ? -3.903  -7.792  -11.860 1.00 26.03  ? 41  VAL A CB  1 
ATOM   323  C  CG1 . VAL A 1 43 ? -2.659  -8.614  -12.152 1.00 29.50  ? 41  VAL A CG1 1 
ATOM   324  C  CG2 . VAL A 1 43 ? -5.086  -8.392  -12.597 1.00 31.21  ? 41  VAL A CG2 1 
ATOM   325  N  N   . VAL A 1 44 ? -2.311  -8.252  -8.869  1.00 25.53  ? 42  VAL A N   1 
ATOM   326  C  CA  . VAL A 1 44 ? -1.095  -7.967  -8.118  1.00 22.57  ? 42  VAL A CA  1 
ATOM   327  C  C   . VAL A 1 44 ? -0.020  -8.954  -8.536  1.00 22.48  ? 42  VAL A C   1 
ATOM   328  O  O   . VAL A 1 44 ? -0.292  -9.986  -9.150  1.00 27.93  ? 42  VAL A O   1 
ATOM   329  C  CB  . VAL A 1 44 ? -1.291  -8.035  -6.586  1.00 23.96  ? 42  VAL A CB  1 
ATOM   330  C  CG1 . VAL A 1 44 ? -2.097  -6.828  -6.089  1.00 23.64  ? 42  VAL A CG1 1 
ATOM   331  C  CG2 . VAL A 1 44 ? -1.968  -9.357  -6.183  1.00 25.77  ? 42  VAL A CG2 1 
ATOM   332  N  N   . GLU A 1 45 ? 1.215   -8.612  -8.181  1.00 25.93  ? 43  GLU A N   1 
ATOM   333  C  CA  . GLU A 1 45 ? 2.387   -9.442  -8.403  1.00 32.87  ? 43  GLU A CA  1 
ATOM   334  C  C   . GLU A 1 45 ? 2.996   -9.808  -7.067  1.00 31.04  ? 43  GLU A C   1 
ATOM   335  O  O   . GLU A 1 45 ? 3.030   -8.990  -6.143  1.00 27.44  ? 43  GLU A O   1 
ATOM   336  C  CB  . GLU A 1 45 ? 3.438   -8.732  -9.231  1.00 29.80  ? 43  GLU A CB  1 
ATOM   337  C  CG  . GLU A 1 45 ? 3.310   -8.952  -10.701 1.00 37.76  ? 43  GLU A CG  1 
ATOM   338  C  CD  . GLU A 1 45 ? 4.530   -8.444  -11.407 1.00 50.33  ? 43  GLU A CD  1 
ATOM   339  O  OE1 . GLU A 1 45 ? 5.147   -7.510  -10.852 1.00 49.56  ? 43  GLU A OE1 1 
ATOM   340  O  OE2 . GLU A 1 45 ? 4.881   -8.991  -12.476 1.00 45.53  ? 43  GLU A OE2 1 
ATOM   341  N  N   . ILE A 1 46 ? 3.460   -11.047 -6.975  1.00 28.80  ? 44  ILE A N   1 
ATOM   342  C  CA  . ILE A 1 46 ? 4.253   -11.531 -5.856  1.00 29.75  ? 44  ILE A CA  1 
ATOM   343  C  C   . ILE A 1 46 ? 5.648   -11.789 -6.395  1.00 26.95  ? 44  ILE A C   1 
ATOM   344  O  O   . ILE A 1 46 ? 5.800   -12.413 -7.448  1.00 29.35  ? 44  ILE A O   1 
ATOM   345  C  CB  . ILE A 1 46 ? 3.645   -12.806 -5.252  1.00 31.46  ? 44  ILE A CB  1 
ATOM   346  C  CG1 . ILE A 1 46 ? 2.122   -12.653 -5.172  1.00 27.84  ? 44  ILE A CG1 1 
ATOM   347  C  CG2 . ILE A 1 46 ? 4.279   -13.110 -3.894  1.00 26.61  ? 44  ILE A CG2 1 
ATOM   348  C  CD1 . ILE A 1 46 ? 1.667   -11.664 -4.127  1.00 30.80  ? 44  ILE A CD1 1 
ATOM   349  N  N   . GLU A 1 47 ? 6.657   -11.277 -5.700  1.00 26.55  ? 45  GLU A N   1 
ATOM   350  C  CA  . GLU A 1 47 ? 8.016   -11.258 -6.211  1.00 29.19  ? 45  GLU A CA  1 
ATOM   351  C  C   . GLU A 1 47 ? 8.964   -11.754 -5.136  1.00 32.98  ? 45  GLU A C   1 
ATOM   352  O  O   . GLU A 1 47 ? 8.900   -11.303 -3.985  1.00 31.96  ? 45  GLU A O   1 
ATOM   353  C  CB  . GLU A 1 47 ? 8.417   -9.841  -6.668  1.00 27.96  ? 45  GLU A CB  1 
ATOM   354  C  CG  . GLU A 1 47 ? 7.326   -9.148  -7.479  1.00 33.80  ? 45  GLU A CG  1 
ATOM   355  C  CD  . GLU A 1 47 ? 7.769   -7.819  -8.100  1.00 45.12  ? 45  GLU A CD  1 
ATOM   356  O  OE1 . GLU A 1 47 ? 8.959   -7.451  -7.962  1.00 50.15  ? 45  GLU A OE1 1 
ATOM   357  O  OE2 . GLU A 1 47 ? 6.919   -7.153  -8.729  1.00 38.21  ? 45  GLU A OE2 1 
ATOM   358  N  N   . LYS A 1 48 ? 9.803   -12.725 -5.510  1.00 37.53  ? 46  LYS A N   1 
ATOM   359  C  CA  . LYS A 1 48 ? 10.978  -13.079 -4.727  1.00 34.81  ? 46  LYS A CA  1 
ATOM   360  C  C   . LYS A 1 48 ? 12.124  -13.360 -5.694  1.00 36.75  ? 46  LYS A C   1 
ATOM   361  O  O   . LYS A 1 48 ? 12.795  -12.429 -6.143  1.00 31.61  ? 46  LYS A O   1 
ATOM   362  C  CB  . LYS A 1 48 ? 10.699  -14.267 -3.806  1.00 33.38  ? 46  LYS A CB  1 
ATOM   363  C  CG  . LYS A 1 48 ? 11.817  -14.507 -2.821  1.00 33.63  ? 46  LYS A CG  1 
ATOM   364  C  CD  . LYS A 1 48 ? 11.350  -15.273 -1.593  1.00 35.93  ? 46  LYS A CD  1 
ATOM   365  C  CE  . LYS A 1 48 ? 12.529  -15.484 -0.664  1.00 49.07  ? 46  LYS A CE  1 
ATOM   366  N  NZ  . LYS A 1 48 ? 13.767  -15.770 -1.454  1.00 56.81  ? 46  LYS A NZ  1 
ATOM   367  N  N   . VAL A 1 49 ? 12.361  -14.624 -6.045  1.00 35.23  ? 47  VAL A N   1 
ATOM   368  C  CA  . VAL A 1 49 ? 13.329  -14.881 -7.110  1.00 28.68  ? 47  VAL A CA  1 
ATOM   369  C  C   . VAL A 1 49 ? 12.759  -14.436 -8.451  1.00 36.74  ? 47  VAL A C   1 
ATOM   370  O  O   . VAL A 1 49 ? 13.451  -13.817 -9.269  1.00 30.84  ? 47  VAL A O   1 
ATOM   371  C  CB  . VAL A 1 49 ? 13.740  -16.366 -7.133  1.00 37.09  ? 47  VAL A CB  1 
ATOM   372  C  CG1 . VAL A 1 49 ? 14.878  -16.571 -8.113  1.00 36.33  ? 47  VAL A CG1 1 
ATOM   373  C  CG2 . VAL A 1 49 ? 14.140  -16.835 -5.743  1.00 39.26  ? 47  VAL A CG2 1 
ATOM   374  N  N   . ARG A 1 50 ? 11.487  -14.738 -8.687  1.00 39.16  ? 48  ARG A N   1 
ATOM   375  C  CA  . ARG A 1 50 ? 10.747  -14.386 -9.888  1.00 37.34  ? 48  ARG A CA  1 
ATOM   376  C  C   . ARG A 1 50 ? 9.465   -13.646 -9.498  1.00 38.37  ? 48  ARG A C   1 
ATOM   377  O  O   . ARG A 1 50 ? 9.176   -13.436 -8.310  1.00 29.63  ? 48  ARG A O   1 
ATOM   378  C  CB  . ARG A 1 50 ? 10.404  -15.642 -10.701 1.00 38.81  ? 48  ARG A CB  1 
ATOM   379  C  CG  . ARG A 1 50 ? 11.530  -16.196 -11.542 1.00 42.54  ? 48  ARG A CG  1 
ATOM   380  C  CD  . ARG A 1 50 ? 11.719  -15.359 -12.801 1.00 56.70  ? 48  ARG A CD  1 
ATOM   381  N  NE  . ARG A 1 50 ? 12.759  -14.351 -12.646 1.00 58.00  ? 48  ARG A NE  1 
ATOM   382  C  CZ  . ARG A 1 50 ? 13.940  -14.414 -13.245 1.00 59.53  ? 48  ARG A CZ  1 
ATOM   383  N  NH1 . ARG A 1 50 ? 14.217  -15.435 -14.047 1.00 67.81  ? 48  ARG A NH1 1 
ATOM   384  N  NH2 . ARG A 1 50 ? 14.836  -13.456 -13.050 1.00 53.13  ? 48  ARG A NH2 1 
ATOM   385  N  N   . LYS A 1 51 ? 8.660   -13.342 -10.514 1.00 35.21  ? 49  LYS A N   1 
ATOM   386  C  CA  . LYS A 1 51 ? 7.372   -12.675 -10.364 1.00 36.99  ? 49  LYS A CA  1 
ATOM   387  C  C   . LYS A 1 51 ? 6.253   -13.611 -10.797 1.00 37.26  ? 49  LYS A C   1 
ATOM   388  O  O   . LYS A 1 51 ? 6.347   -14.253 -11.849 1.00 38.90  ? 49  LYS A O   1 
ATOM   389  C  CB  . LYS A 1 51 ? 7.324   -11.388 -11.204 1.00 38.08  ? 49  LYS A CB  1 
ATOM   390  C  CG  . LYS A 1 51 ? 8.479   -10.440 -10.939 1.00 35.02  ? 49  LYS A CG  1 
ATOM   391  C  CD  . LYS A 1 51 ? 8.408   -9.193  -11.802 1.00 39.99  ? 49  LYS A CD  1 
ATOM   392  C  CE  . LYS A 1 51 ? 9.722   -8.417  -11.753 1.00 54.73  ? 49  LYS A CE  1 
ATOM   393  N  NZ  . LYS A 1 51 ? 9.710   -7.172  -12.593 1.00 48.62  ? 49  LYS A NZ  1 
ATOM   394  N  N   . THR A 1 52 ? 5.204   -13.697 -9.989  1.00 30.81  ? 50  THR A N   1 
ATOM   395  C  CA  . THR A 1 52 ? 3.981   -14.385 -10.375 1.00 37.10  ? 50  THR A CA  1 
ATOM   396  C  C   . THR A 1 52 ? 2.816   -13.420 -10.197 1.00 34.72  ? 50  THR A C   1 
ATOM   397  O  O   . THR A 1 52 ? 2.879   -12.494 -9.390  1.00 38.83  ? 50  THR A O   1 
ATOM   398  C  CB  . THR A 1 52 ? 3.750   -15.676 -9.555  1.00 36.57  ? 50  THR A CB  1 
ATOM   399  O  OG1 . THR A 1 52 ? 2.654   -16.404 -10.111 1.00 41.91  ? 50  THR A OG1 1 
ATOM   400  C  CG2 . THR A 1 52 ? 3.407   -15.355 -8.131  1.00 36.46  ? 50  THR A CG2 1 
ATOM   401  N  N   . VAL A 1 53 ? 1.752   -13.637 -10.956 1.00 30.69  ? 51  VAL A N   1 
ATOM   402  C  CA  . VAL A 1 53 ? 0.641   -12.699 -11.001 1.00 36.43  ? 51  VAL A CA  1 
ATOM   403  C  C   . VAL A 1 53 ? -0.641  -13.398 -10.534 1.00 39.26  ? 51  VAL A C   1 
ATOM   404  O  O   . VAL A 1 53 ? -0.784  -14.619 -10.657 1.00 33.82  ? 51  VAL A O   1 
ATOM   405  C  CB  . VAL A 1 53 ? 0.568   -12.121 -12.440 1.00 37.32  ? 51  VAL A CB  1 
ATOM   406  C  CG1 . VAL A 1 53 ? -0.323  -12.934 -13.334 1.00 40.62  ? 51  VAL A CG1 1 
ATOM   407  C  CG2 . VAL A 1 53 ? 0.227   -10.647 -12.432 1.00 41.57  ? 51  VAL A CG2 1 
ATOM   408  N  N   . GLY A 1 54 ? -1.540  -12.629 -9.917  1.00 30.57  ? 52  GLY A N   1 
ATOM   409  C  CA  . GLY A 1 54 ? -2.822  -13.144 -9.460  1.00 24.72  ? 52  GLY A CA  1 
ATOM   410  C  C   . GLY A 1 54 ? -3.738  -12.005 -9.056  1.00 35.17  ? 52  GLY A C   1 
ATOM   411  O  O   . GLY A 1 54 ? -3.375  -10.829 -9.137  1.00 29.48  ? 52  GLY A O   1 
ATOM   412  N  N   . ARG A 1 55 ? -4.950  -12.357 -8.621  1.00 28.31  ? 53  ARG A N   1 
ATOM   413  C  CA  . ARG A 1 55 ? -5.942  -11.347 -8.265  1.00 30.39  ? 53  ARG A CA  1 
ATOM   414  C  C   . ARG A 1 55 ? -6.148  -11.286 -6.756  1.00 34.24  ? 53  ARG A C   1 
ATOM   415  O  O   . ARG A 1 55 ? -6.081  -12.305 -6.054  1.00 30.29  ? 53  ARG A O   1 
ATOM   416  C  CB  . ARG A 1 55 ? -7.280  -11.610 -8.963  1.00 31.68  ? 53  ARG A CB  1 
ATOM   417  C  CG  . ARG A 1 55 ? -7.157  -11.824 -10.464 1.00 42.64  ? 53  ARG A CG  1 
ATOM   418  C  CD  . ARG A 1 55 ? -8.498  -11.693 -11.168 1.00 43.44  ? 53  ARG A CD  1 
ATOM   419  N  NE  . ARG A 1 55 ? -8.831  -10.296 -11.410 1.00 50.39  ? 53  ARG A NE  1 
ATOM   420  C  CZ  . ARG A 1 55 ? -9.000  -9.745  -12.607 1.00 47.88  ? 53  ARG A CZ  1 
ATOM   421  N  NH1 . ARG A 1 55 ? -8.887  -10.473 -13.705 1.00 49.49  ? 53  ARG A NH1 1 
ATOM   422  N  NH2 . ARG A 1 55 ? -9.298  -8.454  -12.702 1.00 47.07  ? 53  ARG A NH2 1 
ATOM   423  N  N   . VAL A 1 56 ? -6.423  -10.076 -6.266  1.00 31.70  ? 54  VAL A N   1 
ATOM   424  C  CA  . VAL A 1 56 ? -6.567  -9.864  -4.831  1.00 31.56  ? 54  VAL A CA  1 
ATOM   425  C  C   . VAL A 1 56 ? -7.838  -10.536 -4.331  1.00 32.10  ? 54  VAL A C   1 
ATOM   426  O  O   . VAL A 1 56 ? -8.908  -10.435 -4.948  1.00 38.04  ? 54  VAL A O   1 
ATOM   427  C  CB  . VAL A 1 56 ? -6.572  -8.362  -4.494  1.00 30.26  ? 54  VAL A CB  1 
ATOM   428  C  CG1 . VAL A 1 56 ? -7.061  -8.135  -3.065  1.00 26.86  ? 54  VAL A CG1 1 
ATOM   429  C  CG2 . VAL A 1 56 ? -5.179  -7.792  -4.653  1.00 26.23  ? 54  VAL A CG2 1 
ATOM   430  N  N   . TYR A 1 57 ? -7.720  -11.238 -3.214  1.00 36.67  ? 55  TYR A N   1 
ATOM   431  C  CA  . TYR A 1 57 ? -8.854  -11.857 -2.552  1.00 39.33  ? 55  TYR A CA  1 
ATOM   432  C  C   . TYR A 1 57 ? -8.858  -11.419 -1.095  1.00 32.35  ? 55  TYR A C   1 
ATOM   433  O  O   . TYR A 1 57 ? -7.797  -11.266 -0.479  1.00 30.27  ? 55  TYR A O   1 
ATOM   434  C  CB  . TYR A 1 57 ? -8.788  -13.390 -2.677  1.00 37.56  ? 55  TYR A CB  1 
ATOM   435  C  CG  . TYR A 1 57 ? -10.137 -14.032 -2.917  1.00 47.53  ? 55  TYR A CG  1 
ATOM   436  C  CD1 . TYR A 1 57 ? -10.941 -14.418 -1.848  1.00 55.96  ? 55  TYR A CD1 1 
ATOM   437  C  CD2 . TYR A 1 57 ? -10.614 -14.246 -4.208  1.00 43.80  ? 55  TYR A CD2 1 
ATOM   438  C  CE1 . TYR A 1 57 ? -12.180 -15.001 -2.049  1.00 60.99  ? 55  TYR A CE1 1 
ATOM   439  C  CE2 . TYR A 1 57 ? -11.853 -14.834 -4.424  1.00 49.32  ? 55  TYR A CE2 1 
ATOM   440  C  CZ  . TYR A 1 57 ? -12.634 -15.206 -3.334  1.00 63.27  ? 55  TYR A CZ  1 
ATOM   441  O  OH  . TYR A 1 57 ? -13.873 -15.792 -3.513  1.00 73.16  ? 55  TYR A OH  1 
ATOM   442  N  N   . ARG A 1 58 ? -10.053 -11.210 -0.548  1.00 39.98  ? 56  ARG A N   1 
ATOM   443  C  CA  . ARG A 1 58 ? -10.187 -10.739 0.828   1.00 41.74  ? 56  ARG A CA  1 
ATOM   444  C  C   . ARG A 1 58 ? -9.692  -11.793 1.811   1.00 39.20  ? 56  ARG A C   1 
ATOM   445  O  O   . ARG A 1 58 ? -10.219 -12.910 1.854   1.00 37.08  ? 56  ARG A O   1 
ATOM   446  C  CB  . ARG A 1 58 ? -11.641 -10.384 1.115   1.00 40.20  ? 56  ARG A CB  1 
ATOM   447  C  CG  . ARG A 1 58 ? -11.972 -10.229 2.581   1.00 44.10  ? 56  ARG A CG  1 
ATOM   448  C  CD  . ARG A 1 58 ? -13.427 -9.807  2.763   1.00 61.46  ? 56  ARG A CD  1 
ATOM   449  N  NE  . ARG A 1 58 ? -13.654 -8.399  2.433   1.00 61.21  ? 56  ARG A NE  1 
ATOM   450  C  CZ  . ARG A 1 58 ? -14.163 -7.965  1.284   1.00 61.35  ? 56  ARG A CZ  1 
ATOM   451  N  NH1 . ARG A 1 58 ? -14.508 -8.831  0.338   1.00 60.39  ? 56  ARG A NH1 1 
ATOM   452  N  NH2 . ARG A 1 58 ? -14.333 -6.664  1.083   1.00 55.54  ? 56  ARG A NH2 1 
ATOM   453  N  N   . ALA A 1 59 ? -8.678  -11.439 2.596   1.00 31.18  ? 57  ALA A N   1 
ATOM   454  C  CA  . ALA A 1 59 ? -8.203  -12.333 3.635   1.00 35.84  ? 57  ALA A CA  1 
ATOM   455  C  C   . ALA A 1 59 ? -9.280  -12.510 4.693   1.00 43.00  ? 57  ALA A C   1 
ATOM   456  O  O   . ALA A 1 59 ? -10.116 -11.630 4.915   1.00 46.10  ? 57  ALA A O   1 
ATOM   457  C  CB  . ALA A 1 59 ? -6.929  -11.796 4.281   1.00 36.68  ? 57  ALA A CB  1 
ATOM   458  N  N   . ARG A 1 60 ? -9.249  -13.659 5.351   1.00 49.01  ? 58  ARG A N   1 
ATOM   459  C  CA  . ARG A 1 60 ? -10.246 -13.983 6.352   1.00 47.85  ? 58  ARG A CA  1 
ATOM   460  C  C   . ARG A 1 60 ? -9.949  -13.276 7.669   1.00 48.00  ? 58  ARG A C   1 
ATOM   461  O  O   . ARG A 1 60 ? -8.812  -12.867 7.926   1.00 44.46  ? 58  ARG A O   1 
ATOM   462  C  CB  . ARG A 1 60 ? -10.314 -15.498 6.532   1.00 42.08  ? 58  ARG A CB  1 
ATOM   463  C  CG  . ARG A 1 60 ? -11.310 -16.100 5.575   1.00 46.52  ? 58  ARG A CG  1 
ATOM   464  C  CD  . ARG A 1 60 ? -11.246 -17.597 5.516   1.00 53.13  ? 58  ARG A CD  1 
ATOM   465  N  NE  . ARG A 1 60 ? -11.795 -18.051 4.245   1.00 48.77  ? 58  ARG A NE  1 
ATOM   466  C  CZ  . ARG A 1 60 ? -11.936 -19.325 3.897   1.00 56.79  ? 58  ARG A CZ  1 
ATOM   467  N  NH1 . ARG A 1 60 ? -11.585 -20.292 4.738   1.00 48.49  ? 58  ARG A NH1 1 
ATOM   468  N  NH2 . ARG A 1 60 ? -12.439 -19.624 2.705   1.00 56.62  ? 58  ARG A NH2 1 
ATOM   469  N  N   . PRO A 1 61 ? -10.970 -13.104 8.518   1.00 47.97  ? 59  PRO A N   1 
ATOM   470  C  CA  . PRO A 1 61 ? -10.801 -12.261 9.712   1.00 45.07  ? 59  PRO A CA  1 
ATOM   471  C  C   . PRO A 1 61 ? -9.608  -12.622 10.577  1.00 43.47  ? 59  PRO A C   1 
ATOM   472  O  O   . PRO A 1 61 ? -8.934  -11.725 11.095  1.00 40.60  ? 59  PRO A O   1 
ATOM   473  C  CB  . PRO A 1 61 ? -12.127 -12.470 10.451  1.00 52.86  ? 59  PRO A CB  1 
ATOM   474  C  CG  . PRO A 1 61 ? -13.108 -12.718 9.352   1.00 48.16  ? 59  PRO A CG  1 
ATOM   475  C  CD  . PRO A 1 61 ? -12.368 -13.542 8.351   1.00 45.25  ? 59  PRO A CD  1 
ATOM   476  N  N   . GLU A 1 62 ? -9.311  -13.912 10.727  1.00 45.86  ? 60  GLU A N   1 
ATOM   477  C  CA  . GLU A 1 62 ? -8.207  -14.325 11.583  1.00 46.59  ? 60  GLU A CA  1 
ATOM   478  C  C   . GLU A 1 62 ? -6.856  -13.826 11.084  1.00 51.07  ? 60  GLU A C   1 
ATOM   479  O  O   . GLU A 1 62 ? -5.925  -13.702 11.886  1.00 54.28  ? 60  GLU A O   1 
ATOM   480  C  CB  . GLU A 1 62 ? -8.191  -15.852 11.715  1.00 53.23  ? 60  GLU A CB  1 
ATOM   481  C  CG  . GLU A 1 62 ? -8.125  -16.601 10.379  1.00 62.07  ? 60  GLU A CG  1 
ATOM   482  C  CD  . GLU A 1 62 ? -9.493  -17.057 9.870   1.00 62.48  ? 60  GLU A CD  1 
ATOM   483  O  OE1 . GLU A 1 62 ? -9.580  -18.187 9.327   1.00 67.85  ? 60  GLU A OE1 1 
ATOM   484  O  OE2 . GLU A 1 62 ? -10.477 -16.293 10.015  1.00 56.02  ? 60  GLU A OE2 1 
ATOM   485  N  N   . ASP A 1 63 ? -6.717  -13.541 9.784   1.00 51.27  ? 61  ASP A N   1 
ATOM   486  C  CA  . ASP A 1 63 ? -5.444  -13.082 9.237   1.00 52.00  ? 61  ASP A CA  1 
ATOM   487  C  C   . ASP A 1 63 ? -5.284  -11.566 9.265   1.00 46.18  ? 61  ASP A C   1 
ATOM   488  O  O   . ASP A 1 63 ? -4.202  -11.066 8.930   1.00 46.13  ? 61  ASP A O   1 
ATOM   489  C  CB  . ASP A 1 63 ? -5.272  -13.582 7.801   1.00 47.77  ? 61  ASP A CB  1 
ATOM   490  C  CG  . ASP A 1 63 ? -5.367  -15.088 7.701   1.00 50.27  ? 61  ASP A CG  1 
ATOM   491  O  OD1 . ASP A 1 63 ? -6.193  -15.589 6.909   1.00 49.54  ? 61  ASP A OD1 1 
ATOM   492  O  OD2 . ASP A 1 63 ? -4.621  -15.772 8.434   1.00 51.14  ? 61  ASP A OD2 1 
ATOM   493  N  N   . GLU A 1 64 ? -6.316  -10.828 9.663   1.00 39.34  ? 62  GLU A N   1 
ATOM   494  C  CA  . GLU A 1 64 ? -6.230  -9.376  9.681   1.00 40.20  ? 62  GLU A CA  1 
ATOM   495  C  C   . GLU A 1 64 ? -5.096  -8.911  10.590  1.00 47.31  ? 62  GLU A C   1 
ATOM   496  O  O   . GLU A 1 64 ? -4.990  -9.335  11.744  1.00 49.50  ? 62  GLU A O   1 
ATOM   497  C  CB  . GLU A 1 64 ? -7.564  -8.780  10.126  1.00 37.37  ? 62  GLU A CB  1 
ATOM   498  C  CG  . GLU A 1 64 ? -8.691  -8.942  9.102   1.00 34.61  ? 62  GLU A CG  1 
ATOM   499  C  CD  . GLU A 1 64 ? -8.575  -7.977  7.912   1.00 46.52  ? 62  GLU A CD  1 
ATOM   500  O  OE1 . GLU A 1 64 ? -9.427  -8.062  6.999   1.00 39.67  ? 62  GLU A OE1 1 
ATOM   501  O  OE2 . GLU A 1 64 ? -7.646  -7.127  7.888   1.00 38.20  ? 62  GLU A OE2 1 
ATOM   502  N  N   . ASN A 1 65 ? -4.222  -8.066  10.041  1.00 39.19  ? 63  ASN A N   1 
ATOM   503  C  CA  . ASN A 1 65 ? -3.120  -7.425  10.755  1.00 43.84  ? 63  ASN A CA  1 
ATOM   504  C  C   . ASN A 1 65 ? -2.019  -8.393  11.145  1.00 40.42  ? 63  ASN A C   1 
ATOM   505  O  O   . ASN A 1 65 ? -1.248  -8.116  12.066  1.00 45.21  ? 63  ASN A O   1 
ATOM   506  C  CB  . ASN A 1 65 ? -3.616  -6.668  11.996  1.00 42.75  ? 63  ASN A CB  1 
ATOM   507  C  CG  . ASN A 1 65 ? -4.546  -5.537  11.634  1.00 49.40  ? 63  ASN A CG  1 
ATOM   508  O  OD1 . ASN A 1 65 ? -4.481  -5.004  10.522  1.00 48.28  ? 63  ASN A OD1 1 
ATOM   509  N  ND2 . ASN A 1 65 ? -5.425  -5.165  12.561  1.00 49.34  ? 63  ASN A ND2 1 
ATOM   510  N  N   . LYS A 1 66 ? -1.900  -9.509  10.441  1.00 40.30  ? 64  LYS A N   1 
ATOM   511  C  CA  . LYS A 1 66 ? -0.845  -10.473 10.700  1.00 36.86  ? 64  LYS A CA  1 
ATOM   512  C  C   . LYS A 1 66 ? 0.288   -10.433 9.681   1.00 37.19  ? 64  LYS A C   1 
ATOM   513  O  O   . LYS A 1 66 ? 1.200   -11.256 9.772   1.00 41.97  ? 64  LYS A O   1 
ATOM   514  C  CB  . LYS A 1 66 ? -1.434  -11.883 10.758  1.00 48.82  ? 64  LYS A CB  1 
ATOM   515  C  CG  . LYS A 1 66 ? -2.209  -12.163 12.028  1.00 38.91  ? 64  LYS A CG  1 
ATOM   516  C  CD  . LYS A 1 66 ? -2.711  -13.589 12.015  1.00 63.36  ? 64  LYS A CD  1 
ATOM   517  C  CE  . LYS A 1 66 ? -3.176  -14.045 13.385  1.00 61.75  ? 64  LYS A CE  1 
ATOM   518  N  NZ  . LYS A 1 66 ? -3.418  -15.515 13.350  1.00 64.92  ? 64  LYS A NZ  1 
ATOM   519  N  N   . GLY A 1 67 ? 0.256   -9.510  8.722   1.00 40.28  ? 65  GLY A N   1 
ATOM   520  C  CA  . GLY A 1 67 ? 1.372   -9.346  7.791   1.00 31.82  ? 65  GLY A CA  1 
ATOM   521  C  C   . GLY A 1 67 ? 1.677   -10.549 6.920   1.00 33.44  ? 65  GLY A C   1 
ATOM   522  O  O   . GLY A 1 67 ? 2.854   -10.848 6.661   1.00 34.57  ? 65  GLY A O   1 
ATOM   523  N  N   . ILE A 1 68 ? 0.643   -11.243 6.442   1.00 29.49  ? 66  ILE A N   1 
ATOM   524  C  CA  . ILE A 1 68 ? 0.845   -12.419 5.611   1.00 33.99  ? 66  ILE A CA  1 
ATOM   525  C  C   . ILE A 1 68 ? 0.117   -12.240 4.285   1.00 36.75  ? 66  ILE A C   1 
ATOM   526  O  O   . ILE A 1 68 ? -0.831  -11.458 4.155   1.00 33.33  ? 66  ILE A O   1 
ATOM   527  C  CB  . ILE A 1 68 ? 0.388   -13.732 6.292   1.00 34.11  ? 66  ILE A CB  1 
ATOM   528  C  CG1 . ILE A 1 68 ? -1.123  -13.743 6.504   1.00 39.88  ? 66  ILE A CG1 1 
ATOM   529  C  CG2 . ILE A 1 68 ? 1.123   -13.942 7.598   1.00 36.01  ? 66  ILE A CG2 1 
ATOM   530  C  CD1 . ILE A 1 68 ? -1.646  -15.093 6.990   1.00 45.93  ? 66  ILE A CD1 1 
ATOM   531  N  N   . VAL A 1 69 ? 0.596   -12.978 3.288   1.00 33.62  ? 67  VAL A N   1 
ATOM   532  C  CA  . VAL A 1 69 ? -0.097  -13.141 2.021   1.00 34.74  ? 67  VAL A CA  1 
ATOM   533  C  C   . VAL A 1 69 ? -0.238  -14.635 1.770   1.00 30.15  ? 67  VAL A C   1 
ATOM   534  O  O   . VAL A 1 69 ? 0.730   -15.385 1.927   1.00 33.11  ? 67  VAL A O   1 
ATOM   535  C  CB  . VAL A 1 69 ? 0.646   -12.443 0.863   1.00 27.74  ? 67  VAL A CB  1 
ATOM   536  C  CG1 . VAL A 1 69 ? 2.142   -12.776 0.859   1.00 25.76  ? 67  VAL A CG1 1 
ATOM   537  C  CG2 . VAL A 1 69 ? 0.006   -12.795 -0.453  1.00 28.56  ? 67  VAL A CG2 1 
ATOM   538  N  N   . ARG A 1 70 ? -1.440  -15.066 1.399   1.00 34.76  ? 68  ARG A N   1 
ATOM   539  C  CA  . ARG A 1 70 ? -1.702  -16.472 1.116   1.00 34.74  ? 68  ARG A CA  1 
ATOM   540  C  C   . ARG A 1 70 ? -1.754  -16.684 -0.388  1.00 36.27  ? 68  ARG A C   1 
ATOM   541  O  O   . ARG A 1 70 ? -2.587  -16.089 -1.083  1.00 32.46  ? 68  ARG A O   1 
ATOM   542  C  CB  . ARG A 1 70 ? -2.998  -16.944 1.765   1.00 34.37  ? 68  ARG A CB  1 
ATOM   543  C  CG  . ARG A 1 70 ? -2.961  -16.904 3.281   1.00 40.20  ? 68  ARG A CG  1 
ATOM   544  C  CD  . ARG A 1 70 ? -4.233  -17.482 3.885   1.00 41.03  ? 68  ARG A CD  1 
ATOM   545  N  NE  . ARG A 1 70 ? -4.219  -17.410 5.344   1.00 40.80  ? 68  ARG A NE  1 
ATOM   546  C  CZ  . ARG A 1 70 ? -3.555  -18.249 6.137   1.00 45.93  ? 68  ARG A CZ  1 
ATOM   547  N  NH1 . ARG A 1 70 ? -2.828  -19.238 5.619   1.00 45.19  ? 68  ARG A NH1 1 
ATOM   548  N  NH2 . ARG A 1 70 ? -3.607  -18.090 7.451   1.00 49.33  ? 68  ARG A NH2 1 
ATOM   549  N  N   . ILE A 1 71 ? -0.853  -17.527 -0.876  1.00 32.41  ? 69  ILE A N   1 
ATOM   550  C  CA  . ILE A 1 71 ? -0.797  -17.973 -2.258  1.00 42.29  ? 69  ILE A CA  1 
ATOM   551  C  C   . ILE A 1 71 ? -0.464  -19.460 -2.230  1.00 34.87  ? 69  ILE A C   1 
ATOM   552  O  O   . ILE A 1 71 ? 0.268   -19.927 -1.353  1.00 34.10  ? 69  ILE A O   1 
ATOM   553  C  CB  . ILE A 1 71 ? 0.254   -17.191 -3.065  1.00 31.41  ? 69  ILE A CB  1 
ATOM   554  C  CG1 . ILE A 1 71 ? 1.546   -17.093 -2.246  1.00 28.17  ? 69  ILE A CG1 1 
ATOM   555  C  CG2 . ILE A 1 71 ? -0.291  -15.789 -3.451  1.00 33.50  ? 69  ILE A CG2 1 
ATOM   556  C  CD1 . ILE A 1 71 ? 2.784   -16.861 -3.064  1.00 32.36  ? 69  ILE A CD1 1 
ATOM   557  N  N   . ASP A 1 72 ? -0.996  -20.197 -3.204  1.00 39.46  ? 70  ASP A N   1 
ATOM   558  C  CA  . ASP A 1 72 ? -0.896  -21.651 -3.226  1.00 37.87  ? 70  ASP A CA  1 
ATOM   559  C  C   . ASP A 1 72 ? 0.502   -22.098 -3.667  1.00 38.89  ? 70  ASP A C   1 
ATOM   560  O  O   . ASP A 1 72 ? 1.352   -21.289 -4.052  1.00 35.10  ? 70  ASP A O   1 
ATOM   561  C  CB  . ASP A 1 72 ? -1.987  -22.238 -4.126  1.00 37.46  ? 70  ASP A CB  1 
ATOM   562  C  CG  . ASP A 1 72 ? -1.822  -21.863 -5.591  1.00 40.53  ? 70  ASP A CG  1 
ATOM   563  O  OD1 . ASP A 1 72 ? -0.708  -21.519 -6.017  1.00 41.52  ? 70  ASP A OD1 1 
ATOM   564  O  OD2 . ASP A 1 72 ? -2.822  -21.915 -6.332  1.00 47.51  ? 70  ASP A OD2 1 
ATOM   565  N  N   A SER A 1 73 ? 0.727   -23.418 -3.652  0.49 37.86  ? 71  SER A N   1 
ATOM   566  N  N   B SER A 1 73 ? 0.720   -23.418 -3.652  0.51 37.87  ? 71  SER A N   1 
ATOM   567  C  CA  A SER A 1 73 ? 2.070   -23.937 -3.902  0.49 36.15  ? 71  SER A CA  1 
ATOM   568  C  CA  B SER A 1 73 ? 2.050   -23.965 -3.897  0.51 36.16  ? 71  SER A CA  1 
ATOM   569  C  C   A SER A 1 73 ? 2.561   -23.619 -5.308  0.49 31.81  ? 71  SER A C   1 
ATOM   570  C  C   B SER A 1 73 ? 2.557   -23.674 -5.304  0.51 31.81  ? 71  SER A C   1 
ATOM   571  O  O   A SER A 1 73 ? 3.759   -23.383 -5.509  0.49 35.11  ? 71  SER A O   1 
ATOM   572  O  O   B SER A 1 73 ? 3.763   -23.479 -5.491  0.51 35.09  ? 71  SER A O   1 
ATOM   573  C  CB  A SER A 1 73 ? 2.117   -25.444 -3.681  0.49 36.10  ? 71  SER A CB  1 
ATOM   574  C  CB  B SER A 1 73 ? 2.045   -25.472 -3.642  0.51 36.08  ? 71  SER A CB  1 
ATOM   575  O  OG  A SER A 1 73 ? 3.297   -25.943 -4.280  0.49 27.33  ? 71  SER A OG  1 
ATOM   576  O  OG  B SER A 1 73 ? 0.985   -26.099 -4.335  0.51 28.62  ? 71  SER A OG  1 
ATOM   577  N  N   . VAL A 1 74 ? 1.671   -23.649 -6.303  1.00 32.90  ? 72  VAL A N   1 
ATOM   578  C  CA  . VAL A 1 74 ? 2.107   -23.341 -7.668  1.00 33.85  ? 72  VAL A CA  1 
ATOM   579  C  C   . VAL A 1 74 ? 2.638   -21.915 -7.751  1.00 41.11  ? 72  VAL A C   1 
ATOM   580  O  O   . VAL A 1 74 ? 3.671   -21.649 -8.383  1.00 36.51  ? 72  VAL A O   1 
ATOM   581  C  CB  . VAL A 1 74 ? 0.969   -23.565 -8.683  1.00 38.27  ? 72  VAL A CB  1 
ATOM   582  C  CG1 . VAL A 1 74 ? 1.277   -22.837 -9.988  1.00 29.29  ? 72  VAL A CG1 1 
ATOM   583  C  CG2 . VAL A 1 74 ? 0.775   -25.046 -8.961  1.00 41.59  ? 72  VAL A CG2 1 
HETATM 584  N  N   . MSE A 1 75 ? 1.935   -20.978 -7.134  1.00 35.84  ? 73  MSE A N   1 
HETATM 585  C  CA  . MSE A 1 75 ? 2.332   -19.577 -7.158  1.00 35.21  ? 73  MSE A CA  1 
HETATM 586  C  C   . MSE A 1 75 ? 3.618   -19.365 -6.379  1.00 32.10  ? 73  MSE A C   1 
HETATM 587  O  O   . MSE A 1 75 ? 4.484   -18.603 -6.803  1.00 30.77  ? 73  MSE A O   1 
HETATM 588  C  CB  . MSE A 1 75 ? 1.200   -18.715 -6.597  1.00 26.74  ? 73  MSE A CB  1 
HETATM 589  C  CG  . MSE A 1 75 ? -0.051  -18.817 -7.439  1.00 28.92  ? 73  MSE A CG  1 
HETATM 590  SE SE  . MSE A 1 75 ? -1.540  -17.804 -6.676  1.00 39.40  ? 73  MSE A SE  1 
HETATM 591  C  CE  . MSE A 1 75 ? -0.904  -15.997 -7.134  1.00 34.00  ? 73  MSE A CE  1 
ATOM   592  N  N   . ARG A 1 76 ? 3.741   -20.069 -5.246  1.00 32.97  ? 74  ARG A N   1 
ATOM   593  C  CA  . ARG A 1 76 ? 4.985   -20.020 -4.485  1.00 35.27  ? 74  ARG A CA  1 
ATOM   594  C  C   . ARG A 1 76 ? 6.152   -20.524 -5.315  1.00 36.80  ? 74  ARG A C   1 
ATOM   595  O  O   . ARG A 1 76 ? 7.220   -19.901 -5.331  1.00 34.94  ? 74  ARG A O   1 
ATOM   596  C  CB  . ARG A 1 76 ? 4.861   -20.830 -3.199  1.00 36.58  ? 74  ARG A CB  1 
ATOM   597  C  CG  . ARG A 1 76 ? 3.773   -20.357 -2.263  1.00 39.24  ? 74  ARG A CG  1 
ATOM   598  C  CD  . ARG A 1 76 ? 4.027   -20.851 -0.856  1.00 40.67  ? 74  ARG A CD  1 
ATOM   599  N  NE  . ARG A 1 76 ? 3.906   -22.296 -0.720  1.00 40.24  ? 74  ARG A NE  1 
ATOM   600  C  CZ  . ARG A 1 76 ? 2.753   -22.931 -0.541  1.00 38.65  ? 74  ARG A CZ  1 
ATOM   601  N  NH1 . ARG A 1 76 ? 1.618   -22.252 -0.487  1.00 32.66  ? 74  ARG A NH1 1 
ATOM   602  N  NH2 . ARG A 1 76 ? 2.733   -24.256 -0.420  1.00 45.94  ? 74  ARG A NH2 1 
ATOM   603  N  N   . ASN A 1 77 ? 5.965   -21.652 -6.019  1.00 39.46  ? 75  ASN A N   1 
ATOM   604  C  CA  . ASN A 1 77 ? 7.005   -22.136 -6.924  1.00 39.79  ? 75  ASN A CA  1 
ATOM   605  C  C   . ASN A 1 77 ? 7.294   -21.117 -8.020  1.00 38.66  ? 75  ASN A C   1 
ATOM   606  O  O   . ASN A 1 77 ? 8.461   -20.852 -8.336  1.00 39.53  ? 75  ASN A O   1 
ATOM   607  C  CB  . ASN A 1 77 ? 6.613   -23.481 -7.563  1.00 36.34  ? 75  ASN A CB  1 
ATOM   608  C  CG  . ASN A 1 77 ? 6.410   -24.627 -6.541  1.00 37.85  ? 75  ASN A CG  1 
ATOM   609  O  OD1 . ASN A 1 77 ? 6.872   -24.584 -5.392  1.00 34.40  ? 75  ASN A OD1 1 
ATOM   610  N  ND2 . ASN A 1 77 ? 5.704   -25.665 -6.984  1.00 35.80  ? 75  ASN A ND2 1 
ATOM   611  N  N   . ASN A 1 78 ? 6.245   -20.546 -8.627  1.00 36.29  ? 76  ASN A N   1 
ATOM   612  C  CA  . ASN A 1 78 ? 6.438   -19.598 -9.726  1.00 34.82  ? 76  ASN A CA  1 
ATOM   613  C  C   . ASN A 1 78 ? 7.272   -18.400 -9.288  1.00 32.59  ? 76  ASN A C   1 
ATOM   614  O  O   . ASN A 1 78 ? 8.185   -17.970 -10.003 1.00 34.35  ? 76  ASN A O   1 
ATOM   615  C  CB  . ASN A 1 78 ? 5.090   -19.115 -10.271 1.00 37.31  ? 76  ASN A CB  1 
ATOM   616  C  CG  . ASN A 1 78 ? 4.301   -20.205 -10.965 1.00 43.75  ? 76  ASN A CG  1 
ATOM   617  O  OD1 . ASN A 1 78 ? 4.755   -21.350 -11.090 1.00 44.64  ? 76  ASN A OD1 1 
ATOM   618  N  ND2 . ASN A 1 78 ? 3.100   -19.857 -11.415 1.00 37.91  ? 76  ASN A ND2 1 
ATOM   619  N  N   . CYS A 1 79 ? 6.958   -17.820 -8.134  1.00 31.85  ? 77  CYS A N   1 
ATOM   620  C  CA  . CYS A 1 79 ? 7.708   -16.646 -7.705  1.00 35.66  ? 77  CYS A CA  1 
ATOM   621  C  C   . CYS A 1 79 ? 8.991   -17.006 -6.970  1.00 36.10  ? 77  CYS A C   1 
ATOM   622  O  O   . CYS A 1 79 ? 9.886   -16.157 -6.861  1.00 33.27  ? 77  CYS A O   1 
ATOM   623  C  CB  . CYS A 1 79 ? 6.835   -15.721 -6.831  1.00 32.77  ? 77  CYS A CB  1 
ATOM   624  S  SG  . CYS A 1 79 ? 6.502   -16.249 -5.171  1.00 35.55  ? 77  CYS A SG  1 
ATOM   625  N  N   . GLY A 1 80 ? 9.105   -18.243 -6.487  1.00 36.42  ? 78  GLY A N   1 
ATOM   626  C  CA  . GLY A 1 80 ? 10.315  -18.691 -5.832  1.00 32.85  ? 78  GLY A CA  1 
ATOM   627  C  C   . GLY A 1 80 ? 10.391  -18.392 -4.356  1.00 37.64  ? 78  GLY A C   1 
ATOM   628  O  O   . GLY A 1 80 ? 11.408  -17.891 -3.870  1.00 40.90  ? 78  GLY A O   1 
ATOM   629  N  N   . ALA A 1 81 ? 9.318   -18.701 -3.631  1.00 30.07  ? 79  ALA A N   1 
ATOM   630  C  CA  . ALA A 1 81 ? 9.234   -18.467 -2.204  1.00 37.01  ? 79  ALA A CA  1 
ATOM   631  C  C   . ALA A 1 81 ? 8.721   -19.726 -1.525  1.00 37.65  ? 79  ALA A C   1 
ATOM   632  O  O   . ALA A 1 81 ? 7.997   -20.526 -2.124  1.00 38.55  ? 79  ALA A O   1 
ATOM   633  C  CB  . ALA A 1 81 ? 8.308   -17.287 -1.874  1.00 32.62  ? 79  ALA A CB  1 
ATOM   634  N  N   . SER A 1 82 ? 9.112   -19.890 -0.271  1.00 37.26  ? 80  SER A N   1 
ATOM   635  C  CA  . SER A 1 82 ? 8.619   -20.949 0.591   1.00 42.03  ? 80  SER A CA  1 
ATOM   636  C  C   . SER A 1 82 ? 7.700   -20.346 1.641   1.00 42.57  ? 80  SER A C   1 
ATOM   637  O  O   . SER A 1 82 ? 7.698   -19.131 1.857   1.00 38.29  ? 80  SER A O   1 
ATOM   638  C  CB  . SER A 1 82 ? 9.793   -21.684 1.242   1.00 42.53  ? 80  SER A CB  1 
ATOM   639  O  OG  . SER A 1 82 ? 10.823  -21.860 0.280   1.00 49.69  ? 80  SER A OG  1 
ATOM   640  N  N   . ILE A 1 83 ? 6.902   -21.205 2.287   1.00 44.87  ? 81  ILE A N   1 
ATOM   641  C  CA  . ILE A 1 83 ? 6.013   -20.737 3.350   1.00 40.73  ? 81  ILE A CA  1 
ATOM   642  C  C   . ILE A 1 83 ? 6.844   -20.098 4.447   1.00 45.18  ? 81  ILE A C   1 
ATOM   643  O  O   . ILE A 1 83 ? 7.849   -20.662 4.895   1.00 45.64  ? 81  ILE A O   1 
ATOM   644  C  CB  . ILE A 1 83 ? 5.158   -21.887 3.905   1.00 42.52  ? 81  ILE A CB  1 
ATOM   645  C  CG1 . ILE A 1 83 ? 4.076   -22.289 2.901   1.00 48.87  ? 81  ILE A CG1 1 
ATOM   646  C  CG2 . ILE A 1 83 ? 4.519   -21.495 5.233   1.00 42.75  ? 81  ILE A CG2 1 
ATOM   647  C  CD1 . ILE A 1 83 ? 2.973   -23.128 3.504   1.00 39.55  ? 81  ILE A CD1 1 
ATOM   648  N  N   . GLY A 1 84 ? 6.441   -18.906 4.872   1.00 38.68  ? 82  GLY A N   1 
ATOM   649  C  CA  . GLY A 1 84 ? 7.195   -18.165 5.854   1.00 38.96  ? 82  GLY A CA  1 
ATOM   650  C  C   . GLY A 1 84 ? 8.229   -17.214 5.290   1.00 40.63  ? 82  GLY A C   1 
ATOM   651  O  O   . GLY A 1 84 ? 8.780   -16.411 6.051   1.00 43.19  ? 82  GLY A O   1 
ATOM   652  N  N   . ASP A 1 85 ? 8.521   -17.277 3.992   1.00 38.08  ? 83  ASP A N   1 
ATOM   653  C  CA  . ASP A 1 85 ? 9.461   -16.341 3.394   1.00 36.94  ? 83  ASP A CA  1 
ATOM   654  C  C   . ASP A 1 85 ? 8.839   -14.953 3.258   1.00 33.42  ? 83  ASP A C   1 
ATOM   655  O  O   . ASP A 1 85 ? 7.618   -14.799 3.161   1.00 32.17  ? 83  ASP A O   1 
ATOM   656  C  CB  . ASP A 1 85 ? 9.904   -16.828 2.016   1.00 37.60  ? 83  ASP A CB  1 
ATOM   657  C  CG  . ASP A 1 85 ? 10.894  -17.958 2.093   1.00 39.31  ? 83  ASP A CG  1 
ATOM   658  O  OD1 . ASP A 1 85 ? 11.212  -18.380 3.224   1.00 49.80  ? 83  ASP A OD1 1 
ATOM   659  O  OD2 . ASP A 1 85 ? 11.358  -18.409 1.028   1.00 42.85  ? 83  ASP A OD2 1 
ATOM   660  N  N   . LYS A 1 86 ? 9.701   -13.937 3.263   1.00 35.29  ? 84  LYS A N   1 
ATOM   661  C  CA  . LYS A 1 86 ? 9.295   -12.595 2.866   1.00 34.41  ? 84  LYS A CA  1 
ATOM   662  C  C   . LYS A 1 86 ? 9.153   -12.530 1.352   1.00 30.17  ? 84  LYS A C   1 
ATOM   663  O  O   . LYS A 1 86 ? 9.997   -13.046 0.613   1.00 33.23  ? 84  LYS A O   1 
ATOM   664  C  CB  . LYS A 1 86 ? 10.313  -11.547 3.319   1.00 35.27  ? 84  LYS A CB  1 
ATOM   665  C  CG  . LYS A 1 86 ? 10.492  -11.418 4.808   1.00 41.75  ? 84  LYS A CG  1 
ATOM   666  C  CD  . LYS A 1 86 ? 9.191   -11.140 5.469   1.00 38.34  ? 84  LYS A CD  1 
ATOM   667  C  CE  . LYS A 1 86 ? 9.392   -10.342 6.751   1.00 60.45  ? 84  LYS A CE  1 
ATOM   668  N  NZ  . LYS A 1 86 ? 8.115   -9.699  7.202   1.00 65.13  ? 84  LYS A NZ  1 
ATOM   669  N  N   . VAL A 1 87 ? 8.075   -11.894 0.894   1.00 33.99  ? 85  VAL A N   1 
ATOM   670  C  CA  . VAL A 1 87 ? 7.887   -11.603 -0.520  1.00 30.46  ? 85  VAL A CA  1 
ATOM   671  C  C   . VAL A 1 87 ? 7.453   -10.149 -0.675  1.00 27.36  ? 85  VAL A C   1 
ATOM   672  O  O   . VAL A 1 87 ? 6.882   -9.539  0.234   1.00 27.04  ? 85  VAL A O   1 
ATOM   673  C  CB  . VAL A 1 87 ? 6.854   -12.532 -1.191  1.00 22.78  ? 85  VAL A CB  1 
ATOM   674  C  CG1 . VAL A 1 87 ? 7.369   -13.960 -1.214  1.00 26.53  ? 85  VAL A CG1 1 
ATOM   675  C  CG2 . VAL A 1 87 ? 5.517   -12.444 -0.471  1.00 25.81  ? 85  VAL A CG2 1 
ATOM   676  N  N   . LYS A 1 88 ? 7.727   -9.616  -1.855  1.00 25.54  ? 86  LYS A N   1 
ATOM   677  C  CA  . LYS A 1 88 ? 7.211   -8.323  -2.287  1.00 27.69  ? 86  LYS A CA  1 
ATOM   678  C  C   . LYS A 1 88 ? 5.837   -8.525  -2.901  1.00 23.53  ? 86  LYS A C   1 
ATOM   679  O  O   . LYS A 1 88 ? 5.663   -9.380  -3.774  1.00 30.35  ? 86  LYS A O   1 
ATOM   680  C  CB  . LYS A 1 88 ? 8.145   -7.686  -3.324  1.00 27.28  ? 86  LYS A CB  1 
ATOM   681  C  CG  . LYS A 1 88 ? 9.515   -7.285  -2.771  1.00 42.82  ? 86  LYS A CG  1 
ATOM   682  C  CD  . LYS A 1 88 ? 10.491  -6.860  -3.870  1.00 50.01  ? 86  LYS A CD  1 
ATOM   683  C  CE  . LYS A 1 88 ? 11.091  -8.079  -4.591  1.00 54.59  ? 86  LYS A CE  1 
ATOM   684  N  NZ  . LYS A 1 88 ? 11.932  -7.717  -5.783  1.00 58.95  ? 86  LYS A NZ  1 
ATOM   685  N  N   . VAL A 1 89 ? 4.864   -7.739  -2.458  1.00 24.60  ? 87  VAL A N   1 
ATOM   686  C  CA  . VAL A 1 89 ? 3.553   -7.699  -3.095  1.00 23.61  ? 87  VAL A CA  1 
ATOM   687  C  C   . VAL A 1 89 ? 3.398   -6.336  -3.760  1.00 23.99  ? 87  VAL A C   1 
ATOM   688  O  O   . VAL A 1 89 ? 3.574   -5.299  -3.111  1.00 22.47  ? 87  VAL A O   1 
ATOM   689  C  CB  . VAL A 1 89 ? 2.419   -7.955  -2.092  1.00 24.25  ? 87  VAL A CB  1 
ATOM   690  C  CG1 . VAL A 1 89 ? 1.093   -7.930  -2.821  1.00 25.18  ? 87  VAL A CG1 1 
ATOM   691  C  CG2 . VAL A 1 89 ? 2.626   -9.326  -1.385  1.00 24.89  ? 87  VAL A CG2 1 
ATOM   692  N  N   . ARG A 1 90 ? 3.049   -6.337  -5.043  1.00 20.36  ? 88  ARG A N   1 
ATOM   693  C  CA  . ARG A 1 90 ? 2.969   -5.105  -5.823  1.00 23.66  ? 88  ARG A CA  1 
ATOM   694  C  C   . ARG A 1 90 ? 1.672   -5.077  -6.617  1.00 21.82  ? 88  ARG A C   1 
ATOM   695  O  O   . ARG A 1 90 ? 1.370   -6.027  -7.343  1.00 26.33  ? 88  ARG A O   1 
ATOM   696  C  CB  . ARG A 1 90 ? 4.174   -4.979  -6.776  1.00 29.76  ? 88  ARG A CB  1 
ATOM   697  C  CG  . ARG A 1 90 ? 4.290   -3.634  -7.506  1.00 28.03  ? 88  ARG A CG  1 
ATOM   698  C  CD  . ARG A 1 90 ? 5.172   -3.745  -8.763  1.00 37.63  ? 88  ARG A CD  1 
ATOM   699  N  NE  . ARG A 1 90 ? 5.362   -2.438  -9.398  1.00 28.09  ? 88  ARG A NE  1 
ATOM   700  C  CZ  . ARG A 1 90 ? 6.296   -1.576  -9.013  1.00 39.42  ? 88  ARG A CZ  1 
ATOM   701  N  NH1 . ARG A 1 90 ? 7.127   -1.907  -8.027  1.00 35.18  ? 88  ARG A NH1 1 
ATOM   702  N  NH2 . ARG A 1 90 ? 6.405   -0.387  -9.602  1.00 32.61  ? 88  ARG A NH2 1 
ATOM   703  N  N   . LYS A 1 91 ? 0.915   -3.982  -6.498  1.00 25.74  ? 89  LYS A N   1 
ATOM   704  C  CA  . LYS A 1 91 ? -0.185  -3.753  -7.430  1.00 23.39  ? 89  LYS A CA  1 
ATOM   705  C  C   . LYS A 1 91 ? 0.349   -3.590  -8.859  1.00 24.74  ? 89  LYS A C   1 
ATOM   706  O  O   . LYS A 1 91 ? 1.298   -2.836  -9.093  1.00 29.15  ? 89  LYS A O   1 
ATOM   707  C  CB  . LYS A 1 91 ? -0.972  -2.513  -6.999  1.00 29.12  ? 89  LYS A CB  1 
ATOM   708  C  CG  . LYS A 1 91 ? -2.251  -2.267  -7.782  1.00 34.32  ? 89  LYS A CG  1 
ATOM   709  C  CD  . LYS A 1 91 ? -2.938  -0.936  -7.391  1.00 28.48  ? 89  LYS A CD  1 
ATOM   710  C  CE  . LYS A 1 91 ? -4.235  -0.800  -8.166  1.00 38.05  ? 89  LYS A CE  1 
ATOM   711  N  NZ  . LYS A 1 91 ? -5.021  0.397   -7.776  1.00 41.42  ? 89  LYS A NZ  1 
ATOM   712  N  N   . VAL A 1 92 ? -0.235  -4.321  -9.816  1.00 21.54  ? 90  VAL A N   1 
ATOM   713  C  CA  . VAL A 1 92 ? 0.109   -4.114  -11.226 1.00 26.43  ? 90  VAL A CA  1 
ATOM   714  C  C   . VAL A 1 92 ? -0.525  -2.805  -11.697 1.00 29.96  ? 90  VAL A C   1 
ATOM   715  O  O   . VAL A 1 92 ? -1.754  -2.664  -11.727 1.00 30.59  ? 90  VAL A O   1 
ATOM   716  C  CB  . VAL A 1 92 ? -0.353  -5.287  -12.100 1.00 28.07  ? 90  VAL A CB  1 
ATOM   717  C  CG1 . VAL A 1 92 ? -0.213  -4.929  -13.581 1.00 36.51  ? 90  VAL A CG1 1 
ATOM   718  C  CG2 . VAL A 1 92 ? 0.449   -6.541  -11.806 1.00 27.91  ? 90  VAL A CG2 1 
ATOM   719  N  N   . ARG A 1 93 ? 0.301   -1.840  -12.058 1.00 27.78  ? 91  ARG A N   1 
ATOM   720  C  CA  . ARG A 1 93 ? -0.240  -0.527  -12.408 1.00 41.79  ? 91  ARG A CA  1 
ATOM   721  C  C   . ARG A 1 93 ? -0.679  -0.458  -13.857 1.00 44.96  ? 91  ARG A C   1 
ATOM   722  O  O   . ARG A 1 93 ? -1.655  0.236   -14.150 1.00 55.90  ? 91  ARG A O   1 
ATOM   723  C  CB  . ARG A 1 93 ? 0.775   0.569   -12.105 1.00 32.18  ? 91  ARG A CB  1 
ATOM   724  C  CG  . ARG A 1 93 ? 0.758   0.991   -10.615 1.00 35.05  ? 91  ARG A CG  1 
ATOM   725  C  CD  . ARG A 1 93 ? 2.174   1.238   -10.222 1.00 40.91  ? 91  ARG A CD  1 
ATOM   726  N  NE  . ARG A 1 93 ? 2.410   1.685   -8.854  1.00 31.14  ? 91  ARG A NE  1 
ATOM   727  C  CZ  . ARG A 1 93 ? 2.622   0.867   -7.832  1.00 29.93  ? 91  ARG A CZ  1 
ATOM   728  N  NH1 . ARG A 1 93 ? 2.530   -0.450  -7.991  1.00 27.81  ? 91  ARG A NH1 1 
ATOM   729  N  NH2 . ARG A 1 93 ? 2.900   1.368   -6.646  1.00 31.25  ? 91  ARG A NH2 1 
ATOM   730  O  OXT . ARG A 1 93 ? -0.097  -1.093  -14.742 1.00 46.61  ? 91  ARG A OXT 1 
ATOM   731  N  N   . GLY B 1 8  ? 3.011   19.453  12.950  1.00 50.99  ? 6   GLY B N   1 
ATOM   732  C  CA  . GLY B 1 8  ? 2.192   18.697  12.019  1.00 50.16  ? 6   GLY B CA  1 
ATOM   733  C  C   . GLY B 1 8  ? 1.544   17.445  12.589  1.00 54.07  ? 6   GLY B C   1 
ATOM   734  O  O   . GLY B 1 8  ? 1.149   17.410  13.758  1.00 53.95  ? 6   GLY B O   1 
ATOM   735  N  N   . ILE B 1 9  ? 1.414   16.415  11.748  1.00 33.54  ? 7   ILE B N   1 
ATOM   736  C  CA  . ILE B 1 9  ? 0.782   15.152  12.118  1.00 36.68  ? 7   ILE B CA  1 
ATOM   737  C  C   . ILE B 1 9  ? 1.587   14.011  11.509  1.00 46.16  ? 7   ILE B C   1 
ATOM   738  O  O   . ILE B 1 9  ? 2.339   14.195  10.549  1.00 38.13  ? 7   ILE B O   1 
ATOM   739  C  CB  . ILE B 1 9  ? -0.684  15.069  11.636  1.00 35.54  ? 7   ILE B CB  1 
ATOM   740  C  CG1 . ILE B 1 9  ? -0.723  15.087  10.101  1.00 37.97  ? 7   ILE B CG1 1 
ATOM   741  C  CG2 . ILE B 1 9  ? -1.520  16.202  12.224  1.00 39.00  ? 7   ILE B CG2 1 
ATOM   742  C  CD1 . ILE B 1 9  ? -2.103  15.039  9.520   1.00 34.82  ? 7   ILE B CD1 1 
ATOM   743  N  N   . ILE B 1 10 ? 1.406   12.814  12.063  1.00 40.22  ? 8   ILE B N   1 
ATOM   744  C  CA  . ILE B 1 10 ? 2.112   11.617  11.606  1.00 44.72  ? 8   ILE B CA  1 
ATOM   745  C  C   . ILE B 1 10 ? 1.108   10.690  10.936  1.00 40.97  ? 8   ILE B C   1 
ATOM   746  O  O   . ILE B 1 10 ? 0.022   10.447  11.476  1.00 30.87  ? 8   ILE B O   1 
ATOM   747  C  CB  . ILE B 1 10 ? 2.849   10.904  12.756  1.00 41.47  ? 8   ILE B CB  1 
ATOM   748  C  CG1 . ILE B 1 10 ? 4.172   11.613  13.078  1.00 33.94  ? 8   ILE B CG1 1 
ATOM   749  C  CG2 . ILE B 1 10 ? 3.180   9.468   12.366  1.00 45.33  ? 8   ILE B CG2 1 
ATOM   750  C  CD1 . ILE B 1 10 ? 4.023   12.862  13.892  1.00 49.51  ? 8   ILE B CD1 1 
ATOM   751  N  N   . LEU B 1 11 ? 1.457   10.199  9.742   1.00 35.33  ? 9   LEU B N   1 
ATOM   752  C  CA  . LEU B 1 11 ? 0.586   9.305   8.990   1.00 34.12  ? 9   LEU B CA  1 
ATOM   753  C  C   . LEU B 1 11 ? 1.437   8.263   8.279   1.00 28.61  ? 9   LEU B C   1 
ATOM   754  O  O   . LEU B 1 11 ? 2.658   8.407   8.137   1.00 32.66  ? 9   LEU B O   1 
ATOM   755  C  CB  . LEU B 1 11 ? -0.295  10.055  7.965   1.00 28.15  ? 9   LEU B CB  1 
ATOM   756  C  CG  . LEU B 1 11 ? -1.334  11.072  8.455   1.00 32.07  ? 9   LEU B CG  1 
ATOM   757  C  CD1 . LEU B 1 11 ? -1.656  12.069  7.359   1.00 31.03  ? 9   LEU B CD1 1 
ATOM   758  C  CD2 . LEU B 1 11 ? -2.604  10.377  8.910   1.00 39.21  ? 9   LEU B CD2 1 
ATOM   759  N  N   . ARG B 1 12 ? 0.777   7.201   7.838   1.00 33.67  ? 10  ARG B N   1 
ATOM   760  C  CA  . ARG B 1 12 ? 1.450   6.110   7.152   1.00 34.74  ? 10  ARG B CA  1 
ATOM   761  C  C   . ARG B 1 12 ? 1.271   6.275   5.650   1.00 26.02  ? 10  ARG B C   1 
ATOM   762  O  O   . ARG B 1 12 ? 0.160   6.515   5.168   1.00 27.14  ? 10  ARG B O   1 
ATOM   763  C  CB  . ARG B 1 12 ? 0.933   4.740   7.614   1.00 40.96  ? 10  ARG B CB  1 
ATOM   764  C  CG  . ARG B 1 12 ? 1.681   4.203   8.833   1.00 46.19  ? 10  ARG B CG  1 
ATOM   765  C  CD  . ARG B 1 12 ? 1.339   2.760   9.191   1.00 52.78  ? 10  ARG B CD  1 
ATOM   766  N  NE  . ARG B 1 12 ? 1.789   2.449   10.553  1.00 56.19  ? 10  ARG B NE  1 
ATOM   767  C  CZ  . ARG B 1 12 ? 3.009   2.023   10.874  1.00 57.95  ? 10  ARG B CZ  1 
ATOM   768  N  NH1 . ARG B 1 12 ? 3.925   1.830   9.932   1.00 48.65  ? 10  ARG B NH1 1 
ATOM   769  N  NH2 . ARG B 1 12 ? 3.319   1.782   12.141  1.00 61.09  ? 10  ARG B NH2 1 
ATOM   770  N  N   . VAL B 1 13 ? 2.367   6.120   4.919   1.00 32.24  ? 11  VAL B N   1 
ATOM   771  C  CA  . VAL B 1 13 ? 2.343   6.305   3.477   1.00 32.43  ? 11  VAL B CA  1 
ATOM   772  C  C   . VAL B 1 13 ? 1.608   5.147   2.816   1.00 34.73  ? 11  VAL B C   1 
ATOM   773  O  O   . VAL B 1 13 ? 1.868   3.971   3.113   1.00 28.43  ? 11  VAL B O   1 
ATOM   774  C  CB  . VAL B 1 13 ? 3.774   6.435   2.947   1.00 30.40  ? 11  VAL B CB  1 
ATOM   775  C  CG1 . VAL B 1 13 ? 3.784   6.341   1.448   1.00 25.64  ? 11  VAL B CG1 1 
ATOM   776  C  CG2 . VAL B 1 13 ? 4.364   7.748   3.416   1.00 34.16  ? 11  VAL B CG2 1 
ATOM   777  N  N   . ALA B 1 14 ? 0.676   5.479   1.920   1.00 23.48  ? 12  ALA B N   1 
ATOM   778  C  CA  . ALA B 1 14 ? 0.024   4.519   1.055   1.00 27.27  ? 12  ALA B CA  1 
ATOM   779  C  C   . ALA B 1 14 ? 0.213   4.915   -0.405  1.00 30.12  ? 12  ALA B C   1 
ATOM   780  O  O   . ALA B 1 14 ? 0.444   6.088   -0.744  1.00 26.53  ? 12  ALA B O   1 
ATOM   781  C  CB  . ALA B 1 14 ? -1.468  4.391   1.363   1.00 27.74  ? 12  ALA B CB  1 
ATOM   782  N  N   . GLU B 1 15 ? 0.087   3.905   -1.264  1.00 26.06  ? 13  GLU B N   1 
ATOM   783  C  CA  . GLU B 1 15 ? 0.162   4.081   -2.712  1.00 29.71  ? 13  GLU B CA  1 
ATOM   784  C  C   . GLU B 1 15 ? -0.887  5.082   -3.205  1.00 24.24  ? 13  GLU B C   1 
ATOM   785  O  O   . GLU B 1 15 ? -1.992  5.169   -2.670  1.00 26.99  ? 13  GLU B O   1 
ATOM   786  C  CB  . GLU B 1 15 ? -0.043  2.717   -3.382  1.00 20.17  ? 13  GLU B CB  1 
ATOM   787  C  CG  . GLU B 1 15 ? 0.283   2.656   -4.810  1.00 29.66  ? 13  GLU B CG  1 
ATOM   788  C  CD  . GLU B 1 15 ? 0.227   1.220   -5.302  1.00 25.05  ? 13  GLU B CD  1 
ATOM   789  O  OE1 . GLU B 1 15 ? 0.737   0.348   -4.576  1.00 27.57  ? 13  GLU B OE1 1 
ATOM   790  O  OE2 . GLU B 1 15 ? -0.332  0.974   -6.383  1.00 28.39  ? 13  GLU B OE2 1 
ATOM   791  N  N   . ALA B 1 16 ? -0.539  5.838   -4.248  1.00 22.66  ? 14  ALA B N   1 
ATOM   792  C  CA  . ALA B 1 16 ? -1.464  6.836   -4.791  1.00 23.31  ? 14  ALA B CA  1 
ATOM   793  C  C   . ALA B 1 16 ? -2.714  6.175   -5.374  1.00 27.44  ? 14  ALA B C   1 
ATOM   794  O  O   . ALA B 1 16 ? -2.691  5.023   -5.817  1.00 23.00  ? 14  ALA B O   1 
ATOM   795  C  CB  . ALA B 1 16 ? -0.772  7.669   -5.877  1.00 23.35  ? 14  ALA B CB  1 
ATOM   796  N  N   . ASN B 1 17 ? -3.828  6.904   -5.350  1.00 25.68  ? 15  ASN B N   1 
ATOM   797  C  CA  . ASN B 1 17 ? -4.980  6.487   -6.140  1.00 30.56  ? 15  ASN B CA  1 
ATOM   798  C  C   . ASN B 1 17 ? -4.618  6.521   -7.620  1.00 27.62  ? 15  ASN B C   1 
ATOM   799  O  O   . ASN B 1 17 ? -3.738  7.267   -8.043  1.00 21.42  ? 15  ASN B O   1 
ATOM   800  C  CB  . ASN B 1 17 ? -6.188  7.389   -5.870  1.00 31.59  ? 15  ASN B CB  1 
ATOM   801  C  CG  . ASN B 1 17 ? -6.758  7.194   -4.472  1.00 28.27  ? 15  ASN B CG  1 
ATOM   802  O  OD1 . ASN B 1 17 ? -6.838  8.139   -3.681  1.00 29.24  ? 15  ASN B OD1 1 
ATOM   803  N  ND2 . ASN B 1 17 ? -7.154  5.963   -4.162  1.00 27.95  ? 15  ASN B ND2 1 
ATOM   804  N  N   . SER B 1 18 ? -5.304  5.702   -8.410  1.00 26.91  ? 16  SER B N   1 
ATOM   805  C  CA  . SER B 1 18 ? -4.851  5.490   -9.778  1.00 35.29  ? 16  SER B CA  1 
ATOM   806  C  C   . SER B 1 18 ? -4.982  6.748   -10.623 1.00 36.46  ? 16  SER B C   1 
ATOM   807  O  O   . SER B 1 18 ? -4.249  6.900   -11.601 1.00 31.33  ? 16  SER B O   1 
ATOM   808  C  CB  . SER B 1 18 ? -5.620  4.337   -10.418 1.00 31.61  ? 16  SER B CB  1 
ATOM   809  O  OG  . SER B 1 18 ? -6.982  4.674   -10.558 1.00 44.03  ? 16  SER B OG  1 
ATOM   810  N  N   . THR B 1 19 ? -5.888  7.656   -10.256 1.00 28.20  ? 17  THR B N   1 
ATOM   811  C  CA  . THR B 1 19 ? -6.030  8.923   -10.962 1.00 34.08  ? 17  THR B CA  1 
ATOM   812  C  C   . THR B 1 19 ? -4.870  9.884   -10.699 1.00 25.96  ? 17  THR B C   1 
ATOM   813  O  O   . THR B 1 19 ? -4.734  10.870  -11.429 1.00 27.53  ? 17  THR B O   1 
ATOM   814  C  CB  . THR B 1 19 ? -7.348  9.605   -10.550 1.00 31.43  ? 17  THR B CB  1 
ATOM   815  O  OG1 . THR B 1 19 ? -7.411  9.711   -9.119  1.00 30.65  ? 17  THR B OG1 1 
ATOM   816  C  CG2 . THR B 1 19 ? -8.571  8.843   -11.052 1.00 34.07  ? 17  THR B CG2 1 
ATOM   817  N  N   . ASP B 1 20 ? -4.028  9.618   -9.693  1.00 25.93  ? 18  ASP B N   1 
ATOM   818  C  CA  . ASP B 1 20 ? -3.143  10.637  -9.134  1.00 22.85  ? 18  ASP B CA  1 
ATOM   819  C  C   . ASP B 1 20 ? -1.694  10.739  -9.610  1.00 29.22  ? 18  ASP B C   1 
ATOM   820  O  O   . ASP B 1 20 ? -1.147  11.850  -9.556  1.00 21.42  ? 18  ASP B O   1 
ATOM   821  C  CB  . ASP B 1 20 ? -3.088  10.485  -7.616  1.00 23.88  ? 18  ASP B CB  1 
ATOM   822  C  CG  . ASP B 1 20 ? -4.423  10.735  -6.959  1.00 27.05  ? 18  ASP B CG  1 
ATOM   823  O  OD1 . ASP B 1 20 ? -5.394  11.078  -7.654  1.00 26.88  ? 18  ASP B OD1 1 
ATOM   824  O  OD2 . ASP B 1 20 ? -4.496  10.565  -5.737  1.00 35.71  ? 18  ASP B OD2 1 
ATOM   825  N  N   . PRO B 1 21 ? -1.008  9.658   -10.021 1.00 24.61  ? 19  PRO B N   1 
ATOM   826  C  CA  . PRO B 1 21 ? 0.454   9.745   -10.164 1.00 25.43  ? 19  PRO B CA  1 
ATOM   827  C  C   . PRO B 1 21 ? 0.893   10.879  -11.085 1.00 27.97  ? 19  PRO B C   1 
ATOM   828  O  O   . PRO B 1 21 ? 0.278   11.141  -12.115 1.00 24.86  ? 19  PRO B O   1 
ATOM   829  C  CB  . PRO B 1 21 ? 0.841   8.370   -10.738 1.00 21.40  ? 19  PRO B CB  1 
ATOM   830  C  CG  . PRO B 1 21 ? -0.202  7.455   -10.104 1.00 30.46  ? 19  PRO B CG  1 
ATOM   831  C  CD  . PRO B 1 21 ? -1.476  8.267   -10.215 1.00 29.52  ? 19  PRO B CD  1 
ATOM   832  N  N   . GLY B 1 22 ? 1.958   11.565  -10.679 1.00 26.48  ? 20  GLY B N   1 
ATOM   833  C  CA  . GLY B 1 22 ? 2.580   12.597  -11.484 1.00 26.28  ? 20  GLY B CA  1 
ATOM   834  C  C   . GLY B 1 22 ? 2.158   14.006  -11.142 1.00 27.93  ? 20  GLY B C   1 
ATOM   835  O  O   . GLY B 1 22 ? 2.776   14.955  -11.638 1.00 37.02  ? 20  GLY B O   1 
HETATM 836  N  N   . MSE B 1 23 ? 1.141   14.175  -10.300 1.00 25.87  ? 21  MSE B N   1 
HETATM 837  C  CA  . MSE B 1 23 ? 0.559   15.487  -10.122 1.00 24.44  ? 21  MSE B CA  1 
HETATM 838  C  C   . MSE B 1 23 ? 0.679   16.098  -8.736  1.00 29.79  ? 21  MSE B C   1 
HETATM 839  O  O   . MSE B 1 23 ? -0.082  17.003  -8.399  1.00 25.73  ? 21  MSE B O   1 
HETATM 840  C  CB  . MSE B 1 23 ? -0.904  15.424  -10.548 1.00 24.70  ? 21  MSE B CB  1 
HETATM 841  C  CG  . MSE B 1 23 ? -1.003  15.344  -12.079 1.00 28.95  ? 21  MSE B CG  1 
HETATM 842  SE SE  . MSE B 1 23 ? -2.854  15.324  -12.659 1.00 40.88  ? 21  MSE B SE  1 
HETATM 843  C  CE  . MSE B 1 23 ? -3.474  13.821  -11.837 1.00 12.58  ? 21  MSE B CE  1 
ATOM   844  N  N   . SER B 1 24 ? 1.660   15.630  -7.954  1.00 22.86  ? 22  SER B N   1 
ATOM   845  C  CA  . SER B 1 24 ? 1.954   16.186  -6.634  1.00 29.00  ? 22  SER B CA  1 
ATOM   846  C  C   . SER B 1 24 ? 0.734   16.168  -5.708  1.00 26.08  ? 22  SER B C   1 
ATOM   847  O  O   . SER B 1 24 ? 0.558   17.064  -4.880  1.00 29.71  ? 22  SER B O   1 
ATOM   848  C  CB  . SER B 1 24 ? 2.501   17.620  -6.750  1.00 23.06  ? 22  SER B CB  1 
ATOM   849  O  OG  . SER B 1 24 ? 3.763   17.634  -7.410  1.00 27.79  ? 22  SER B OG  1 
ATOM   850  N  N   . ARG B 1 25 ? -0.144  15.181  -5.847  1.00 21.73  ? 23  ARG B N   1 
ATOM   851  C  CA  . ARG B 1 25 ? -1.311  15.121  -4.985  1.00 24.25  ? 23  ARG B CA  1 
ATOM   852  C  C   . ARG B 1 25 ? -0.960  14.524  -3.629  1.00 24.87  ? 23  ARG B C   1 
ATOM   853  O  O   . ARG B 1 25 ? -0.184  13.572  -3.524  1.00 25.62  ? 23  ARG B O   1 
ATOM   854  C  CB  . ARG B 1 25 ? -2.418  14.314  -5.646  1.00 25.74  ? 23  ARG B CB  1 
ATOM   855  C  CG  . ARG B 1 25 ? -2.803  14.896  -6.954  1.00 24.94  ? 23  ARG B CG  1 
ATOM   856  C  CD  . ARG B 1 25 ? -4.042  14.265  -7.510  1.00 29.86  ? 23  ARG B CD  1 
ATOM   857  N  NE  . ARG B 1 25 ? -4.520  15.053  -8.642  1.00 33.40  ? 23  ARG B NE  1 
ATOM   858  C  CZ  . ARG B 1 25 ? -5.557  14.717  -9.397  1.00 34.85  ? 23  ARG B CZ  1 
ATOM   859  N  NH1 . ARG B 1 25 ? -6.215  13.592  -9.154  1.00 25.73  ? 23  ARG B NH1 1 
ATOM   860  N  NH2 . ARG B 1 25 ? -5.929  15.508  -10.401 1.00 41.49  ? 23  ARG B NH2 1 
ATOM   861  N  N   . VAL B 1 26 ? -1.543  15.092  -2.584  1.00 25.58  ? 24  VAL B N   1 
ATOM   862  C  CA  . VAL B 1 26 ? -1.438  14.535  -1.237  1.00 25.21  ? 24  VAL B CA  1 
ATOM   863  C  C   . VAL B 1 26 ? -2.849  14.231  -0.769  1.00 25.86  ? 24  VAL B C   1 
ATOM   864  O  O   . VAL B 1 26 ? -3.622  15.153  -0.477  1.00 26.95  ? 24  VAL B O   1 
ATOM   865  C  CB  . VAL B 1 26 ? -0.718  15.481  -0.273  1.00 25.90  ? 24  VAL B CB  1 
ATOM   866  C  CG1 . VAL B 1 26 ? -0.535  14.823  1.107   1.00 29.00  ? 24  VAL B CG1 1 
ATOM   867  C  CG2 . VAL B 1 26 ? 0.609   15.879  -0.856  1.00 27.66  ? 24  VAL B CG2 1 
ATOM   868  N  N   . ARG B 1 27 ? -3.204  12.945  -0.714  1.00 22.45  ? 25  ARG B N   1 
ATOM   869  C  CA  . ARG B 1 27 ? -4.552  12.558  -0.321  1.00 27.66  ? 25  ARG B CA  1 
ATOM   870  C  C   . ARG B 1 27 ? -4.618  12.500  1.199   1.00 27.93  ? 25  ARG B C   1 
ATOM   871  O  O   . ARG B 1 27 ? -3.904  11.702  1.819   1.00 27.25  ? 25  ARG B O   1 
ATOM   872  C  CB  . ARG B 1 27 ? -4.948  11.211  -0.920  1.00 26.94  ? 25  ARG B CB  1 
ATOM   873  C  CG  . ARG B 1 27 ? -5.161  11.233  -2.411  1.00 28.54  ? 25  ARG B CG  1 
ATOM   874  C  CD  . ARG B 1 27 ? -6.625  11.296  -2.796  1.00 29.75  ? 25  ARG B CD  1 
ATOM   875  N  NE  . ARG B 1 27 ? -6.754  11.536  -4.233  1.00 33.67  ? 25  ARG B NE  1 
ATOM   876  C  CZ  . ARG B 1 27 ? -7.903  11.656  -4.894  1.00 44.46  ? 25  ARG B CZ  1 
ATOM   877  N  NH1 . ARG B 1 27 ? -9.060  11.546  -4.257  1.00 45.02  ? 25  ARG B NH1 1 
ATOM   878  N  NH2 . ARG B 1 27 ? -7.893  11.884  -6.204  1.00 49.50  ? 25  ARG B NH2 1 
ATOM   879  N  N   . LEU B 1 28 ? -5.494  13.325  1.789   1.00 24.56  ? 26  LEU B N   1 
ATOM   880  C  CA  . LEU B 1 28 ? -5.660  13.445  3.237   1.00 33.08  ? 26  LEU B CA  1 
ATOM   881  C  C   . LEU B 1 28 ? -7.136  13.370  3.612   1.00 26.20  ? 26  LEU B C   1 
ATOM   882  O  O   . LEU B 1 28 ? -7.978  13.961  2.927   1.00 28.57  ? 26  LEU B O   1 
ATOM   883  C  CB  . LEU B 1 28 ? -5.096  14.772  3.744   1.00 26.55  ? 26  LEU B CB  1 
ATOM   884  C  CG  . LEU B 1 28 ? -3.604  15.053  3.590   1.00 28.84  ? 26  LEU B CG  1 
ATOM   885  C  CD1 . LEU B 1 28 ? -3.300  16.501  4.035   1.00 23.30  ? 26  LEU B CD1 1 
ATOM   886  C  CD2 . LEU B 1 28 ? -2.782  14.043  4.387   1.00 25.15  ? 26  LEU B CD2 1 
ATOM   887  N  N   . ASP B 1 29 ? -7.448  12.662  4.707   1.00 29.52  ? 27  ASP B N   1 
ATOM   888  C  CA  . ASP B 1 29 ? -8.837  12.553  5.149   1.00 35.76  ? 27  ASP B CA  1 
ATOM   889  C  C   . ASP B 1 29 ? -9.283  13.837  5.873   1.00 39.87  ? 27  ASP B C   1 
ATOM   890  O  O   . ASP B 1 29 ? -8.487  14.736  6.138   1.00 30.91  ? 27  ASP B O   1 
ATOM   891  C  CB  . ASP B 1 29 ? -9.051  11.298  6.023   1.00 35.30  ? 27  ASP B CB  1 
ATOM   892  C  CG  . ASP B 1 29 ? -8.137  11.222  7.256   1.00 36.59  ? 27  ASP B CG  1 
ATOM   893  O  OD1 . ASP B 1 29 ? -7.558  12.245  7.676   1.00 33.90  ? 27  ASP B OD1 1 
ATOM   894  O  OD2 . ASP B 1 29 ? -8.003  10.109  7.823   1.00 38.62  ? 27  ASP B OD2 1 
ATOM   895  N  N   . GLU B 1 30 ? -10.589 13.924  6.160   1.00 45.44  ? 28  GLU B N   1 
ATOM   896  C  CA  . GLU B 1 30 ? -11.151 15.129  6.776   1.00 45.07  ? 28  GLU B CA  1 
ATOM   897  C  C   . GLU B 1 30 ? -10.477 15.451  8.106   1.00 45.70  ? 28  GLU B C   1 
ATOM   898  O  O   . GLU B 1 30 ? -10.170 16.615  8.395   1.00 39.77  ? 28  GLU B O   1 
ATOM   899  C  CB  . GLU B 1 30 ? -12.659 14.962  6.986   1.00 57.08  ? 28  GLU B CB  1 
ATOM   900  C  CG  . GLU B 1 30 ? -13.293 16.068  7.847   1.00 58.32  ? 28  GLU B CG  1 
ATOM   901  C  CD  . GLU B 1 30 ? -14.618 15.661  8.494   1.00 65.10  ? 28  GLU B CD  1 
ATOM   902  O  OE1 . GLU B 1 30 ? -14.897 14.442  8.633   1.00 54.74  ? 28  GLU B OE1 1 
ATOM   903  O  OE2 . GLU B 1 30 ? -15.386 16.574  8.870   1.00 68.98  ? 28  GLU B OE2 1 
ATOM   904  N  N   . SER B 1 31 ? -10.236 14.432  8.928   1.00 38.64  ? 29  SER B N   1 
ATOM   905  C  CA  . SER B 1 31 ? -9.659  14.678  10.242  1.00 45.77  ? 29  SER B CA  1 
ATOM   906  C  C   . SER B 1 31 ? -8.226  15.184  10.136  1.00 43.56  ? 29  SER B C   1 
ATOM   907  O  O   . SER B 1 31 ? -7.813  16.060  10.906  1.00 35.12  ? 29  SER B O   1 
ATOM   908  C  CB  . SER B 1 31 ? -9.737  13.404  11.082  1.00 47.83  ? 29  SER B CB  1 
ATOM   909  O  OG  . SER B 1 31 ? -8.712  13.372  12.056  1.00 50.78  ? 29  SER B OG  1 
ATOM   910  N  N   . SER B 1 32 ? -7.445  14.642  9.199   1.00 38.60  ? 30  SER B N   1 
ATOM   911  C  CA  . SER B 1 32 ? -6.085  15.132  9.019   1.00 35.05  ? 30  SER B CA  1 
ATOM   912  C  C   . SER B 1 32 ? -6.098  16.549  8.481   1.00 30.61  ? 30  SER B C   1 
ATOM   913  O  O   . SER B 1 32 ? -5.262  17.374  8.869   1.00 31.94  ? 30  SER B O   1 
ATOM   914  C  CB  . SER B 1 32 ? -5.295  14.219  8.067   1.00 30.26  ? 30  SER B CB  1 
ATOM   915  O  OG  . SER B 1 32 ? -5.495  12.855  8.394   1.00 29.11  ? 30  SER B OG  1 
ATOM   916  N  N   . ARG B 1 33 ? -7.031  16.835  7.565   1.00 28.14  ? 31  ARG B N   1 
ATOM   917  C  CA  . ARG B 1 33 ? -7.160  18.179  7.026   1.00 31.08  ? 31  ARG B CA  1 
ATOM   918  C  C   . ARG B 1 33 ? -7.637  19.154  8.097   1.00 37.71  ? 31  ARG B C   1 
ATOM   919  O  O   . ARG B 1 33 ? -7.189  20.308  8.137   1.00 31.14  ? 31  ARG B O   1 
ATOM   920  C  CB  . ARG B 1 33 ? -8.116  18.180  5.832   1.00 35.08  ? 31  ARG B CB  1 
ATOM   921  C  CG  . ARG B 1 33 ? -7.622  17.325  4.663   1.00 38.26  ? 31  ARG B CG  1 
ATOM   922  C  CD  . ARG B 1 33 ? -8.113  17.825  3.324   1.00 36.77  ? 31  ARG B CD  1 
ATOM   923  N  NE  . ARG B 1 33 ? -9.556  18.048  3.227   1.00 40.97  ? 31  ARG B NE  1 
ATOM   924  C  CZ  . ARG B 1 33 ? -10.463 17.078  3.161   1.00 54.46  ? 31  ARG B CZ  1 
ATOM   925  N  NH1 . ARG B 1 33 ? -10.089 15.799  3.220   1.00 39.26  ? 31  ARG B NH1 1 
ATOM   926  N  NH2 . ARG B 1 33 ? -11.748 17.388  3.041   1.00 44.72  ? 31  ARG B NH2 1 
ATOM   927  N  N   . ARG B 1 34 ? -8.550  18.713  8.970   1.00 36.83  ? 32  ARG B N   1 
ATOM   928  C  CA  . ARG B 1 34 ? -8.961  19.566  10.086  1.00 28.25  ? 32  ARG B CA  1 
ATOM   929  C  C   . ARG B 1 34 ? -7.769  19.881  10.977  1.00 32.25  ? 32  ARG B C   1 
ATOM   930  O  O   . ARG B 1 34 ? -7.501  21.046  11.292  1.00 40.56  ? 32  ARG B O   1 
ATOM   931  C  CB  . ARG B 1 34 ? -10.072 18.888  10.879  1.00 39.38  ? 32  ARG B CB  1 
ATOM   932  C  CG  . ARG B 1 34 ? -10.910 19.844  11.735  1.00 51.80  ? 32  ARG B CG  1 
ATOM   933  C  CD  . ARG B 1 34 ? -11.568 19.108  12.896  1.00 60.37  ? 32  ARG B CD  1 
ATOM   934  N  NE  . ARG B 1 34 ? -10.581 18.718  13.899  1.00 52.98  ? 32  ARG B NE  1 
ATOM   935  C  CZ  . ARG B 1 34 ? -10.183 19.504  14.894  1.00 63.25  ? 32  ARG B CZ  1 
ATOM   936  N  NH1 . ARG B 1 34 ? -10.698 20.724  15.037  1.00 60.10  ? 32  ARG B NH1 1 
ATOM   937  N  NH2 . ARG B 1 34 ? -9.272  19.072  15.754  1.00 65.28  ? 32  ARG B NH2 1 
ATOM   938  N  N   . LEU B 1 35 ? -7.007  18.849  11.346  1.00 35.33  ? 33  LEU B N   1 
ATOM   939  C  CA  . LEU B 1 35 ? -5.858  19.036  12.229  1.00 32.97  ? 33  LEU B CA  1 
ATOM   940  C  C   . LEU B 1 35 ? -4.819  19.959  11.619  1.00 37.69  ? 33  LEU B C   1 
ATOM   941  O  O   . LEU B 1 35 ? -4.190  20.754  12.331  1.00 40.07  ? 33  LEU B O   1 
ATOM   942  C  CB  . LEU B 1 35 ? -5.224  17.685  12.555  1.00 37.56  ? 33  LEU B CB  1 
ATOM   943  C  CG  . LEU B 1 35 ? -5.536  17.090  13.919  1.00 56.10  ? 33  LEU B CG  1 
ATOM   944  C  CD1 . LEU B 1 35 ? -7.014  17.259  14.246  1.00 58.53  ? 33  LEU B CD1 1 
ATOM   945  C  CD2 . LEU B 1 35 ? -5.140  15.630  13.910  1.00 43.79  ? 33  LEU B CD2 1 
ATOM   946  N  N   . LEU B 1 36 ? -4.587  19.845  10.311  1.00 33.58  ? 34  LEU B N   1 
ATOM   947  C  CA  . LEU B 1 36 ? -3.621  20.719  9.670   1.00 37.10  ? 34  LEU B CA  1 
ATOM   948  C  C   . LEU B 1 36 ? -4.212  22.067  9.279   1.00 33.06  ? 34  LEU B C   1 
ATOM   949  O  O   . LEU B 1 36 ? -3.456  22.949  8.855   1.00 40.38  ? 34  LEU B O   1 
ATOM   950  C  CB  . LEU B 1 36 ? -3.040  20.033  8.434   1.00 30.00  ? 34  LEU B CB  1 
ATOM   951  C  CG  . LEU B 1 36 ? -2.197  18.794  8.706   1.00 36.14  ? 34  LEU B CG  1 
ATOM   952  C  CD1 . LEU B 1 36 ? -2.018  18.019  7.422   1.00 35.57  ? 34  LEU B CD1 1 
ATOM   953  C  CD2 . LEU B 1 36 ? -0.837  19.183  9.284   1.00 38.62  ? 34  LEU B CD2 1 
ATOM   954  N  N   . ASP B 1 37 ? -5.527  22.245  9.424   1.00 32.23  ? 35  ASP B N   1 
ATOM   955  C  CA  . ASP B 1 37 ? -6.232  23.405  8.891   1.00 34.89  ? 35  ASP B CA  1 
ATOM   956  C  C   . ASP B 1 37 ? -5.820  23.639  7.436   1.00 40.33  ? 35  ASP B C   1 
ATOM   957  O  O   . ASP B 1 37 ? -5.467  24.748  7.017   1.00 37.56  ? 35  ASP B O   1 
ATOM   958  C  CB  . ASP B 1 37 ? -5.988  24.636  9.768   1.00 44.93  ? 35  ASP B CB  1 
ATOM   959  C  CG  . ASP B 1 37 ? -6.829  25.829  9.358   1.00 40.37  ? 35  ASP B CG  1 
ATOM   960  O  OD1 . ASP B 1 37 ? -8.072  25.704  9.294   1.00 46.75  ? 35  ASP B OD1 1 
ATOM   961  O  OD2 . ASP B 1 37 ? -6.238  26.896  9.099   1.00 50.88  ? 35  ASP B OD2 1 
ATOM   962  N  N   . ALA B 1 38 ? -5.834  22.550  6.670   1.00 32.16  ? 36  ALA B N   1 
ATOM   963  C  CA  . ALA B 1 38 ? -5.444  22.548  5.269   1.00 38.90  ? 36  ALA B CA  1 
ATOM   964  C  C   . ALA B 1 38 ? -6.663  22.189  4.434   1.00 42.15  ? 36  ALA B C   1 
ATOM   965  O  O   . ALA B 1 38 ? -7.283  21.145  4.652   1.00 43.98  ? 36  ALA B O   1 
ATOM   966  C  CB  . ALA B 1 38 ? -4.313  21.556  5.018   1.00 31.18  ? 36  ALA B CB  1 
ATOM   967  N  N   . GLU B 1 39 ? -7.006  23.049  3.491   1.00 29.17  ? 37  GLU B N   1 
ATOM   968  C  CA  . GLU B 1 39 ? -8.090  22.773  2.567   1.00 25.17  ? 37  GLU B CA  1 
ATOM   969  C  C   . GLU B 1 39 ? -7.533  22.206  1.265   1.00 24.22  ? 37  GLU B C   1 
ATOM   970  O  O   . GLU B 1 39 ? -6.330  22.254  1.007   1.00 23.60  ? 37  GLU B O   1 
ATOM   971  C  CB  . GLU B 1 39 ? -8.876  24.056  2.297   1.00 23.28  ? 37  GLU B CB  1 
ATOM   972  C  CG  . GLU B 1 39 ? -9.498  24.629  3.563   1.00 31.04  ? 37  GLU B CG  1 
ATOM   973  C  CD  . GLU B 1 39 ? -10.190 25.934  3.292   1.00 36.66  ? 37  GLU B CD  1 
ATOM   974  O  OE1 . GLU B 1 39 ? -11.293 25.902  2.713   1.00 36.85  ? 37  GLU B OE1 1 
ATOM   975  O  OE2 . GLU B 1 39 ? -9.608  26.979  3.624   1.00 38.64  ? 37  GLU B OE2 1 
ATOM   976  N  N   . ILE B 1 40 ? -8.441  21.685  0.436   1.00 27.77  ? 38  ILE B N   1 
ATOM   977  C  CA  . ILE B 1 40 ? -8.080  21.214  -0.897  1.00 29.35  ? 38  ILE B CA  1 
ATOM   978  C  C   . ILE B 1 40 ? -7.348  22.330  -1.633  1.00 31.91  ? 38  ILE B C   1 
ATOM   979  O  O   . ILE B 1 40 ? -7.838  23.463  -1.726  1.00 26.54  ? 38  ILE B O   1 
ATOM   980  C  CB  . ILE B 1 40 ? -9.337  20.760  -1.666  1.00 30.34  ? 38  ILE B CB  1 
ATOM   981  C  CG1 . ILE B 1 40 ? -10.147 19.719  -0.884  1.00 31.51  ? 38  ILE B CG1 1 
ATOM   982  C  CG2 . ILE B 1 40 ? -8.976  20.238  -3.062  1.00 23.83  ? 38  ILE B CG2 1 
ATOM   983  C  CD1 . ILE B 1 40 ? -9.321  18.589  -0.328  1.00 41.57  ? 38  ILE B CD1 1 
ATOM   984  N  N   . GLY B 1 41 ? -6.156  22.024  -2.125  1.00 25.53  ? 39  GLY B N   1 
ATOM   985  C  CA  . GLY B 1 41 ? -5.361  22.987  -2.855  1.00 21.46  ? 39  GLY B CA  1 
ATOM   986  C  C   . GLY B 1 41 ? -4.242  23.594  -2.047  1.00 28.32  ? 39  GLY B C   1 
ATOM   987  O  O   . GLY B 1 41 ? -3.260  24.061  -2.630  1.00 25.49  ? 39  GLY B O   1 
ATOM   988  N  N   . ASP B 1 42 ? -4.366  23.600  -0.721  1.00 23.01  ? 40  ASP B N   1 
ATOM   989  C  CA  . ASP B 1 42 ? -3.264  24.009  0.127   1.00 22.73  ? 40  ASP B CA  1 
ATOM   990  C  C   . ASP B 1 42 ? -2.063  23.094  -0.087  1.00 26.40  ? 40  ASP B C   1 
ATOM   991  O  O   . ASP B 1 42 ? -2.175  21.969  -0.576  1.00 27.24  ? 40  ASP B O   1 
ATOM   992  C  CB  . ASP B 1 42 ? -3.671  23.975  1.599   1.00 28.23  ? 40  ASP B CB  1 
ATOM   993  C  CG  . ASP B 1 42 ? -4.580  25.131  1.987   1.00 28.06  ? 40  ASP B CG  1 
ATOM   994  O  OD1 . ASP B 1 42 ? -4.814  26.036  1.156   1.00 25.19  ? 40  ASP B OD1 1 
ATOM   995  O  OD2 . ASP B 1 42 ? -5.066  25.110  3.126   1.00 28.09  ? 40  ASP B OD2 1 
ATOM   996  N  N   . VAL B 1 43 ? -0.898  23.601  0.275   1.00 26.15  ? 41  VAL B N   1 
ATOM   997  C  CA  . VAL B 1 43 ? 0.353   22.893  0.082   1.00 28.79  ? 41  VAL B CA  1 
ATOM   998  C  C   . VAL B 1 43 ? 0.760   22.317  1.425   1.00 34.71  ? 41  VAL B C   1 
ATOM   999  O  O   . VAL B 1 43 ? 0.692   23.004  2.449   1.00 28.74  ? 41  VAL B O   1 
ATOM   1000 C  CB  . VAL B 1 43 ? 1.442   23.819  -0.489  1.00 27.28  ? 41  VAL B CB  1 
ATOM   1001 C  CG1 . VAL B 1 43 ? 2.750   23.057  -0.673  1.00 28.34  ? 41  VAL B CG1 1 
ATOM   1002 C  CG2 . VAL B 1 43 ? 0.982   24.431  -1.809  1.00 26.41  ? 41  VAL B CG2 1 
ATOM   1003 N  N   . VAL B 1 44 ? 1.131   21.042  1.440   1.00 29.89  ? 42  VAL B N   1 
ATOM   1004 C  CA  . VAL B 1 44 ? 1.649   20.446  2.656   1.00 30.24  ? 42  VAL B CA  1 
ATOM   1005 C  C   . VAL B 1 44 ? 3.027   19.886  2.372   1.00 32.38  ? 42  VAL B C   1 
ATOM   1006 O  O   . VAL B 1 44 ? 3.400   19.595  1.229   1.00 32.88  ? 42  VAL B O   1 
ATOM   1007 C  CB  . VAL B 1 44 ? 0.729   19.357  3.243   1.00 30.92  ? 42  VAL B CB  1 
ATOM   1008 C  CG1 . VAL B 1 44 ? -0.539  19.971  3.733   1.00 26.00  ? 42  VAL B CG1 1 
ATOM   1009 C  CG2 . VAL B 1 44 ? 0.452   18.250  2.214   1.00 29.69  ? 42  VAL B CG2 1 
ATOM   1010 N  N   . GLU B 1 45 ? 3.807   19.778  3.432   1.00 29.28  ? 43  GLU B N   1 
ATOM   1011 C  CA  . GLU B 1 45 ? 5.155   19.255  3.351   1.00 32.21  ? 43  GLU B CA  1 
ATOM   1012 C  C   . GLU B 1 45 ? 5.173   17.884  4.002   1.00 36.76  ? 43  GLU B C   1 
ATOM   1013 O  O   . GLU B 1 45 ? 4.659   17.713  5.116   1.00 35.49  ? 43  GLU B O   1 
ATOM   1014 C  CB  . GLU B 1 45 ? 6.140   20.195  4.035   1.00 31.15  ? 43  GLU B CB  1 
ATOM   1015 C  CG  . GLU B 1 45 ? 7.569   19.750  4.029   1.00 43.51  ? 43  GLU B CG  1 
ATOM   1016 C  CD  . GLU B 1 45 ? 8.425   20.662  4.884   1.00 49.41  ? 43  GLU B CD  1 
ATOM   1017 O  OE1 . GLU B 1 45 ? 9.186   21.464  4.315   1.00 50.49  ? 43  GLU B OE1 1 
ATOM   1018 O  OE2 . GLU B 1 45 ? 8.312   20.589  6.128   1.00 54.08  ? 43  GLU B OE2 1 
ATOM   1019 N  N   . ILE B 1 46 ? 5.737   16.913  3.297   1.00 35.38  ? 44  ILE B N   1 
ATOM   1020 C  CA  . ILE B 1 46 ? 5.850   15.544  3.778   1.00 32.24  ? 44  ILE B CA  1 
ATOM   1021 C  C   . ILE B 1 46 ? 7.317   15.255  4.019   1.00 40.71  ? 44  ILE B C   1 
ATOM   1022 O  O   . ILE B 1 46 ? 8.145   15.443  3.116   1.00 39.27  ? 44  ILE B O   1 
ATOM   1023 C  CB  . ILE B 1 46 ? 5.262   14.542  2.777   1.00 32.79  ? 44  ILE B CB  1 
ATOM   1024 C  CG1 . ILE B 1 46 ? 3.757   14.758  2.669   1.00 31.16  ? 44  ILE B CG1 1 
ATOM   1025 C  CG2 . ILE B 1 46 ? 5.603   13.108  3.226   1.00 30.49  ? 44  ILE B CG2 1 
ATOM   1026 C  CD1 . ILE B 1 46 ? 3.229   14.568  1.298   1.00 31.86  ? 44  ILE B CD1 1 
ATOM   1027 N  N   . GLU B 1 47 ? 7.640   14.784  5.223   1.00 40.35  ? 45  GLU B N   1 
ATOM   1028 C  CA  . GLU B 1 47 ? 9.025   14.547  5.591   1.00 41.85  ? 45  GLU B CA  1 
ATOM   1029 C  C   . GLU B 1 47 ? 9.205   13.134  6.130   1.00 39.58  ? 45  GLU B C   1 
ATOM   1030 O  O   . GLU B 1 47 ? 8.332   12.602  6.816   1.00 37.63  ? 45  GLU B O   1 
ATOM   1031 C  CB  . GLU B 1 47 ? 9.517   15.559  6.633   1.00 47.79  ? 45  GLU B CB  1 
ATOM   1032 C  CG  . GLU B 1 47 ? 11.030  15.518  6.829   1.00 47.03  ? 45  GLU B CG  1 
ATOM   1033 C  CD  . GLU B 1 47 ? 11.488  16.318  8.027   1.00 64.05  ? 45  GLU B CD  1 
ATOM   1034 O  OE1 . GLU B 1 47 ? 10.618  16.773  8.806   1.00 58.26  ? 45  GLU B OE1 1 
ATOM   1035 O  OE2 . GLU B 1 47 ? 12.717  16.482  8.185   1.00 63.98  ? 45  GLU B OE2 1 
ATOM   1036 N  N   . LYS B 1 48 ? 10.344  12.540  5.796   1.00 39.17  ? 46  LYS B N   1 
ATOM   1037 C  CA  . LYS B 1 48 ? 10.784  11.265  6.346   1.00 40.06  ? 46  LYS B CA  1 
ATOM   1038 C  C   . LYS B 1 48 ? 12.296  11.352  6.492   1.00 43.69  ? 46  LYS B C   1 
ATOM   1039 O  O   . LYS B 1 48 ? 12.796  11.913  7.472   1.00 41.25  ? 46  LYS B O   1 
ATOM   1040 C  CB  . LYS B 1 48 ? 10.359  10.103  5.443   1.00 41.91  ? 46  LYS B CB  1 
ATOM   1041 C  CG  . LYS B 1 48 ? 10.845  8.702   5.874   1.00 46.89  ? 46  LYS B CG  1 
ATOM   1042 C  CD  . LYS B 1 48 ? 10.119  8.205   7.089   1.00 46.98  ? 46  LYS B CD  1 
ATOM   1043 C  CE  . LYS B 1 48 ? 10.614  6.822   7.496   1.00 40.63  ? 46  LYS B CE  1 
ATOM   1044 N  NZ  . LYS B 1 48 ? 9.946   6.389   8.757   1.00 44.46  ? 46  LYS B NZ  1 
ATOM   1045 N  N   . VAL B 1 49 ? 13.025  10.832  5.505   1.00 41.55  ? 47  VAL B N   1 
ATOM   1046 C  CA  . VAL B 1 49 ? 14.459  11.084  5.420   1.00 41.93  ? 47  VAL B CA  1 
ATOM   1047 C  C   . VAL B 1 49 ? 14.708  12.500  4.919   1.00 57.74  ? 47  VAL B C   1 
ATOM   1048 O  O   . VAL B 1 49 ? 15.589  13.210  5.419   1.00 60.06  ? 47  VAL B O   1 
ATOM   1049 C  CB  . VAL B 1 49 ? 15.129  10.037  4.507   1.00 45.12  ? 47  VAL B CB  1 
ATOM   1050 C  CG1 . VAL B 1 49 ? 16.630  10.247  4.457   1.00 56.65  ? 47  VAL B CG1 1 
ATOM   1051 C  CG2 . VAL B 1 49 ? 14.792  8.619   4.947   1.00 38.79  ? 47  VAL B CG2 1 
ATOM   1052 N  N   . ARG B 1 50 ? 13.943  12.925  3.917   1.00 53.28  ? 48  ARG B N   1 
ATOM   1053 C  CA  . ARG B 1 50 ? 13.985  14.255  3.334   1.00 47.37  ? 48  ARG B CA  1 
ATOM   1054 C  C   . ARG B 1 50 ? 12.583  14.863  3.378   1.00 40.47  ? 48  ARG B C   1 
ATOM   1055 O  O   . ARG B 1 50 ? 11.649  14.273  3.925   1.00 41.24  ? 48  ARG B O   1 
ATOM   1056 C  CB  . ARG B 1 50 ? 14.527  14.188  1.905   1.00 49.24  ? 48  ARG B CB  1 
ATOM   1057 C  CG  . ARG B 1 50 ? 16.035  14.159  1.804   1.00 53.38  ? 48  ARG B CG  1 
ATOM   1058 C  CD  . ARG B 1 50 ? 16.471  13.711  0.432   1.00 52.18  ? 48  ARG B CD  1 
ATOM   1059 N  NE  . ARG B 1 50 ? 16.683  12.265  0.381   1.00 80.75  ? 48  ARG B NE  1 
ATOM   1060 C  CZ  . ARG B 1 50 ? 15.749  11.378  0.048   1.00 70.21  ? 48  ARG B CZ  1 
ATOM   1061 N  NH1 . ARG B 1 50 ? 14.529  11.786  -0.271  1.00 68.44  ? 48  ARG B NH1 1 
ATOM   1062 N  NH2 . ARG B 1 50 ? 16.032  10.083  0.032   1.00 55.55  ? 48  ARG B NH2 1 
ATOM   1063 N  N   . LYS B 1 51 ? 12.446  16.052  2.789   1.00 46.84  ? 49  LYS B N   1 
ATOM   1064 C  CA  . LYS B 1 51 ? 11.176  16.759  2.677   1.00 45.24  ? 49  LYS B CA  1 
ATOM   1065 C  C   . LYS B 1 51 ? 10.792  16.919  1.209   1.00 39.49  ? 49  LYS B C   1 
ATOM   1066 O  O   . LYS B 1 51 ? 11.653  17.144  0.349   1.00 35.29  ? 49  LYS B O   1 
ATOM   1067 C  CB  . LYS B 1 51 ? 11.237  18.151  3.323   1.00 46.04  ? 49  LYS B CB  1 
ATOM   1068 C  CG  . LYS B 1 51 ? 11.797  18.203  4.727   1.00 50.98  ? 49  LYS B CG  1 
ATOM   1069 C  CD  . LYS B 1 51 ? 12.335  19.597  5.031   1.00 50.67  ? 49  LYS B CD  1 
ATOM   1070 C  CE  . LYS B 1 51 ? 13.853  19.584  5.258   1.00 59.21  ? 49  LYS B CE  1 
ATOM   1071 N  NZ  . LYS B 1 51 ? 14.632  18.920  4.155   1.00 64.60  ? 49  LYS B NZ  1 
ATOM   1072 N  N   . THR B 1 52 ? 9.496   16.797  0.936   1.00 36.38  ? 50  THR B N   1 
ATOM   1073 C  CA  . THR B 1 52 ? 8.913   17.151  -0.352  1.00 33.98  ? 50  THR B CA  1 
ATOM   1074 C  C   . THR B 1 52 ? 7.544   17.761  -0.091  1.00 32.64  ? 50  THR B C   1 
ATOM   1075 O  O   . THR B 1 52 ? 6.942   17.544  0.972   1.00 35.97  ? 50  THR B O   1 
ATOM   1076 C  CB  . THR B 1 52 ? 8.781   15.938  -1.284  1.00 33.68  ? 50  THR B CB  1 
ATOM   1077 O  OG1 . THR B 1 52 ? 8.556   16.392  -2.620  1.00 38.74  ? 50  THR B OG1 1 
ATOM   1078 C  CG2 . THR B 1 52 ? 7.622   15.066  -0.859  1.00 27.26  ? 50  THR B CG2 1 
ATOM   1079 N  N   . VAL B 1 53 ? 7.053   18.544  -1.058  1.00 32.60  ? 51  VAL B N   1 
ATOM   1080 C  CA  . VAL B 1 53 ? 5.770   19.223  -0.902  1.00 25.24  ? 51  VAL B CA  1 
ATOM   1081 C  C   . VAL B 1 53 ? 4.786   18.672  -1.922  1.00 31.09  ? 51  VAL B C   1 
ATOM   1082 O  O   . VAL B 1 53 ? 5.168   18.123  -2.958  1.00 32.49  ? 51  VAL B O   1 
ATOM   1083 C  CB  . VAL B 1 53 ? 5.895   20.753  -1.037  1.00 35.84  ? 51  VAL B CB  1 
ATOM   1084 C  CG1 . VAL B 1 53 ? 6.794   21.298  0.062   1.00 38.16  ? 51  VAL B CG1 1 
ATOM   1085 C  CG2 . VAL B 1 53 ? 6.418   21.127  -2.432  1.00 33.50  ? 51  VAL B CG2 1 
ATOM   1086 N  N   . GLY B 1 54 ? 3.501   18.839  -1.622  1.00 27.92  ? 52  GLY B N   1 
ATOM   1087 C  CA  . GLY B 1 54 ? 2.454   18.419  -2.531  1.00 27.18  ? 52  GLY B CA  1 
ATOM   1088 C  C   . GLY B 1 54 ? 1.199   19.209  -2.251  1.00 27.97  ? 52  GLY B C   1 
ATOM   1089 O  O   . GLY B 1 54 ? 1.147   20.013  -1.321  1.00 28.91  ? 52  GLY B O   1 
ATOM   1090 N  N   . ARG B 1 55 ? 0.170   18.958  -3.060  1.00 25.39  ? 53  ARG B N   1 
ATOM   1091 C  CA  . ARG B 1 55 ? -1.077  19.711  -3.007  1.00 28.60  ? 53  ARG B CA  1 
ATOM   1092 C  C   . ARG B 1 55 ? -2.179  18.851  -2.402  1.00 24.98  ? 53  ARG B C   1 
ATOM   1093 O  O   . ARG B 1 55 ? -2.378  17.706  -2.814  1.00 23.74  ? 53  ARG B O   1 
ATOM   1094 C  CB  . ARG B 1 55 ? -1.472  20.198  -4.404  1.00 22.51  ? 53  ARG B CB  1 
ATOM   1095 C  CG  . ARG B 1 55 ? -2.803  20.953  -4.515  1.00 22.02  ? 53  ARG B CG  1 
ATOM   1096 C  CD  . ARG B 1 55 ? -2.799  21.639  -5.897  1.00 25.70  ? 53  ARG B CD  1 
ATOM   1097 N  NE  . ARG B 1 55 ? -3.905  22.558  -6.182  1.00 27.50  ? 53  ARG B NE  1 
ATOM   1098 C  CZ  . ARG B 1 55 ? -5.155  22.163  -6.411  1.00 24.75  ? 53  ARG B CZ  1 
ATOM   1099 N  NH1 . ARG B 1 55 ? -5.470  20.875  -6.311  1.00 30.75  ? 53  ARG B NH1 1 
ATOM   1100 N  NH2 . ARG B 1 55 ? -6.099  23.042  -6.712  1.00 23.92  ? 53  ARG B NH2 1 
ATOM   1101 N  N   . VAL B 1 56 ? -2.898  19.409  -1.424  1.00 21.61  ? 54  VAL B N   1 
ATOM   1102 C  CA  . VAL B 1 56 ? -3.867  18.624  -0.678  1.00 21.65  ? 54  VAL B CA  1 
ATOM   1103 C  C   . VAL B 1 56 ? -5.041  18.255  -1.574  1.00 23.18  ? 54  VAL B C   1 
ATOM   1104 O  O   . VAL B 1 56 ? -5.587  19.099  -2.290  1.00 24.69  ? 54  VAL B O   1 
ATOM   1105 C  CB  . VAL B 1 56 ? -4.333  19.385  0.568   1.00 26.76  ? 54  VAL B CB  1 
ATOM   1106 C  CG1 . VAL B 1 56 ? -5.442  18.620  1.253   1.00 22.10  ? 54  VAL B CG1 1 
ATOM   1107 C  CG2 . VAL B 1 56 ? -3.178  19.574  1.503   1.00 27.33  ? 54  VAL B CG2 1 
ATOM   1108 N  N   . TYR B 1 57 ? -5.416  16.974  -1.540  1.00 26.61  ? 55  TYR B N   1 
ATOM   1109 C  CA  . TYR B 1 57 ? -6.563  16.408  -2.241  1.00 23.66  ? 55  TYR B CA  1 
ATOM   1110 C  C   . TYR B 1 57 ? -7.360  15.592  -1.247  1.00 30.87  ? 55  TYR B C   1 
ATOM   1111 O  O   . TYR B 1 57 ? -6.806  15.052  -0.288  1.00 31.11  ? 55  TYR B O   1 
ATOM   1112 C  CB  . TYR B 1 57 ? -6.149  15.482  -3.418  1.00 28.71  ? 55  TYR B CB  1 
ATOM   1113 C  CG  . TYR B 1 57 ? -6.011  16.221  -4.677  1.00 28.61  ? 55  TYR B CG  1 
ATOM   1114 C  CD1 . TYR B 1 57 ? -4.903  17.023  -4.899  1.00 38.68  ? 55  TYR B CD1 1 
ATOM   1115 C  CD2 . TYR B 1 57 ? -7.011  16.183  -5.633  1.00 37.32  ? 55  TYR B CD2 1 
ATOM   1116 C  CE1 . TYR B 1 57 ? -4.776  17.753  -6.054  1.00 30.95  ? 55  TYR B CE1 1 
ATOM   1117 C  CE2 . TYR B 1 57 ? -6.900  16.901  -6.797  1.00 37.74  ? 55  TYR B CE2 1 
ATOM   1118 C  CZ  . TYR B 1 57 ? -5.783  17.691  -7.007  1.00 39.86  ? 55  TYR B CZ  1 
ATOM   1119 O  OH  . TYR B 1 57 ? -5.676  18.421  -8.180  1.00 45.29  ? 55  TYR B OH  1 
ATOM   1120 N  N   . ARG B 1 58 ? -8.661  15.498  -1.478  1.00 38.68  ? 56  ARG B N   1 
ATOM   1121 C  CA  . ARG B 1 58 ? -9.519  14.864  -0.494  1.00 33.74  ? 56  ARG B CA  1 
ATOM   1122 C  C   . ARG B 1 58 ? -9.394  13.349  -0.615  1.00 36.49  ? 56  ARG B C   1 
ATOM   1123 O  O   . ARG B 1 58 ? -9.553  12.792  -1.701  1.00 37.88  ? 56  ARG B O   1 
ATOM   1124 C  CB  . ARG B 1 58 ? -10.969 15.301  -0.672  1.00 37.99  ? 56  ARG B CB  1 
ATOM   1125 C  CG  . ARG B 1 58 ? -11.856 14.845  0.483   1.00 45.72  ? 56  ARG B CG  1 
ATOM   1126 C  CD  . ARG B 1 58 ? -13.314 15.272  0.322   1.00 56.93  ? 56  ARG B CD  1 
ATOM   1127 N  NE  . ARG B 1 58 ? -13.560 16.663  0.707   1.00 58.72  ? 56  ARG B NE  1 
ATOM   1128 C  CZ  . ARG B 1 58 ? -14.026 17.595  -0.123  1.00 57.49  ? 56  ARG B CZ  1 
ATOM   1129 N  NH1 . ARG B 1 58 ? -14.297 17.280  -1.382  1.00 49.34  ? 56  ARG B NH1 1 
ATOM   1130 N  NH2 . ARG B 1 58 ? -14.230 18.839  0.307   1.00 57.42  ? 56  ARG B NH2 1 
ATOM   1131 N  N   . ALA B 1 59 ? -9.087  12.694  0.499   1.00 33.04  ? 57  ALA B N   1 
ATOM   1132 C  CA  . ALA B 1 59 ? -9.073  11.242  0.519   1.00 33.05  ? 57  ALA B CA  1 
ATOM   1133 C  C   . ALA B 1 59 ? -10.439 10.706  0.117   1.00 47.69  ? 57  ALA B C   1 
ATOM   1134 O  O   . ALA B 1 59 ? -11.478 11.270  0.480   1.00 43.35  ? 57  ALA B O   1 
ATOM   1135 C  CB  . ALA B 1 59 ? -8.694  10.735  1.904   1.00 28.92  ? 57  ALA B CB  1 
ATOM   1136 N  N   . ARG B 1 60 ? -10.433 9.617   -0.658  1.00 41.69  ? 58  ARG B N   1 
ATOM   1137 C  CA  . ARG B 1 60 ? -11.665 8.913   -0.965  1.00 40.96  ? 58  ARG B CA  1 
ATOM   1138 C  C   . ARG B 1 60 ? -12.302 8.404   0.333   1.00 37.28  ? 58  ARG B C   1 
ATOM   1139 O  O   . ARG B 1 60 ? -11.623 8.265   1.360   1.00 38.56  ? 58  ARG B O   1 
ATOM   1140 C  CB  . ARG B 1 60 ? -11.389 7.766   -1.941  1.00 38.43  ? 58  ARG B CB  1 
ATOM   1141 C  CG  . ARG B 1 60 ? -10.656 8.205   -3.199  1.00 42.77  ? 58  ARG B CG  1 
ATOM   1142 C  CD  . ARG B 1 60 ? -11.324 7.703   -4.474  1.00 34.29  ? 58  ARG B CD  1 
ATOM   1143 N  NE  . ARG B 1 60 ? -10.834 8.413   -5.652  1.00 42.42  ? 58  ARG B NE  1 
ATOM   1144 C  CZ  . ARG B 1 60 ? -10.214 7.841   -6.684  1.00 45.90  ? 58  ARG B CZ  1 
ATOM   1145 N  NH1 . ARG B 1 60 ? -10.009 6.528   -6.709  1.00 45.23  ? 58  ARG B NH1 1 
ATOM   1146 N  NH2 . ARG B 1 60 ? -9.809  8.586   -7.707  1.00 47.84  ? 58  ARG B NH2 1 
ATOM   1147 N  N   . PRO B 1 61 ? -13.617 8.155   0.318   1.00 40.96  ? 59  PRO B N   1 
ATOM   1148 C  CA  . PRO B 1 61 ? -14.320 7.826   1.576   1.00 45.76  ? 59  PRO B CA  1 
ATOM   1149 C  C   . PRO B 1 61 ? -13.713 6.678   2.365   1.00 39.31  ? 59  PRO B C   1 
ATOM   1150 O  O   . PRO B 1 61 ? -13.609 6.787   3.592   1.00 38.93  ? 59  PRO B O   1 
ATOM   1151 C  CB  . PRO B 1 61 ? -15.740 7.500   1.095   1.00 49.50  ? 59  PRO B CB  1 
ATOM   1152 C  CG  . PRO B 1 61 ? -15.906 8.310   -0.141  1.00 46.80  ? 59  PRO B CG  1 
ATOM   1153 C  CD  . PRO B 1 61 ? -14.553 8.324   -0.809  1.00 43.98  ? 59  PRO B CD  1 
ATOM   1154 N  N   . GLU B 1 62 ? -13.267 5.596   1.709   1.00 49.67  ? 60  GLU B N   1 
ATOM   1155 C  CA  . GLU B 1 62 ? -12.794 4.429   2.460   1.00 37.66  ? 60  GLU B CA  1 
ATOM   1156 C  C   . GLU B 1 62 ? -11.507 4.694   3.227   1.00 37.76  ? 60  GLU B C   1 
ATOM   1157 O  O   . GLU B 1 62 ? -11.168 3.910   4.119   1.00 37.04  ? 60  GLU B O   1 
ATOM   1158 C  CB  . GLU B 1 62 ? -12.599 3.226   1.530   1.00 51.60  ? 60  GLU B CB  1 
ATOM   1159 C  CG  . GLU B 1 62 ? -11.510 3.395   0.478   1.00 55.21  ? 60  GLU B CG  1 
ATOM   1160 C  CD  . GLU B 1 62 ? -11.952 4.248   -0.707  1.00 51.15  ? 60  GLU B CD  1 
ATOM   1161 O  OE1 . GLU B 1 62 ? -12.960 4.972   -0.572  1.00 56.20  ? 60  GLU B OE1 1 
ATOM   1162 O  OE2 . GLU B 1 62 ? -11.295 4.187   -1.776  1.00 56.43  ? 60  GLU B OE2 1 
ATOM   1163 N  N   . ASP B 1 63 ? -10.793 5.777   2.920   1.00 40.20  ? 61  ASP B N   1 
ATOM   1164 C  CA  . ASP B 1 63 ? -9.562  6.104   3.627   1.00 42.85  ? 61  ASP B CA  1 
ATOM   1165 C  C   . ASP B 1 63 ? -9.775  7.008   4.847   1.00 38.13  ? 61  ASP B C   1 
ATOM   1166 O  O   . ASP B 1 63 ? -8.792  7.393   5.493   1.00 40.87  ? 61  ASP B O   1 
ATOM   1167 C  CB  . ASP B 1 63 ? -8.566  6.743   2.648   1.00 36.36  ? 61  ASP B CB  1 
ATOM   1168 C  CG  . ASP B 1 63 ? -8.146  5.784   1.533   1.00 38.33  ? 61  ASP B CG  1 
ATOM   1169 O  OD1 . ASP B 1 63 ? -7.948  4.593   1.819   1.00 38.56  ? 61  ASP B OD1 1 
ATOM   1170 O  OD2 . ASP B 1 63 ? -8.021  6.218   0.372   1.00 45.38  ? 61  ASP B OD2 1 
ATOM   1171 N  N   . GLU B 1 64 ? -11.021 7.325   5.198   1.00 39.60  ? 62  GLU B N   1 
ATOM   1172 C  CA  . GLU B 1 64 ? -11.283 8.193   6.346   1.00 41.48  ? 62  GLU B CA  1 
ATOM   1173 C  C   . GLU B 1 64 ? -10.861 7.544   7.655   1.00 42.49  ? 62  GLU B C   1 
ATOM   1174 O  O   . GLU B 1 64 ? -11.102 6.358   7.892   1.00 49.76  ? 62  GLU B O   1 
ATOM   1175 C  CB  . GLU B 1 64 ? -12.759 8.551   6.410   1.00 36.34  ? 62  GLU B CB  1 
ATOM   1176 C  CG  . GLU B 1 64 ? -13.208 9.460   5.286   1.00 38.58  ? 62  GLU B CG  1 
ATOM   1177 C  CD  . GLU B 1 64 ? -12.753 10.902  5.475   1.00 43.96  ? 62  GLU B CD  1 
ATOM   1178 O  OE1 . GLU B 1 64 ? -12.195 11.221  6.553   1.00 45.53  ? 62  GLU B OE1 1 
ATOM   1179 O  OE2 . GLU B 1 64 ? -12.959 11.713  4.544   1.00 40.05  ? 62  GLU B OE2 1 
ATOM   1180 N  N   . ASN B 1 65 ? -10.213 8.339   8.502   1.00 39.47  ? 63  ASN B N   1 
ATOM   1181 C  CA  . ASN B 1 65 ? -9.761  7.905   9.824   1.00 46.40  ? 63  ASN B CA  1 
ATOM   1182 C  C   . ASN B 1 65 ? -8.930  6.626   9.758   1.00 46.03  ? 63  ASN B C   1 
ATOM   1183 O  O   . ASN B 1 65 ? -8.880  5.853   10.712  1.00 46.63  ? 63  ASN B O   1 
ATOM   1184 C  CB  . ASN B 1 65 ? -10.952 7.737   10.778  1.00 43.73  ? 63  ASN B CB  1 
ATOM   1185 C  CG  . ASN B 1 65 ? -11.780 9.011   10.908  1.00 54.88  ? 63  ASN B CG  1 
ATOM   1186 O  OD1 . ASN B 1 65 ? -12.677 9.274   10.102  1.00 55.49  ? 63  ASN B OD1 1 
ATOM   1187 N  ND2 . ASN B 1 65 ? -11.474 9.811   11.924  1.00 60.36  ? 63  ASN B ND2 1 
ATOM   1188 N  N   . LYS B 1 66 ? -8.233  6.398   8.646   1.00 40.09  ? 64  LYS B N   1 
ATOM   1189 C  CA  . LYS B 1 66 ? -7.379  5.224   8.525   1.00 39.39  ? 64  LYS B CA  1 
ATOM   1190 C  C   . LYS B 1 66 ? -5.919  5.528   8.802   1.00 36.86  ? 64  LYS B C   1 
ATOM   1191 O  O   . LYS B 1 66 ? -5.084  4.624   8.720   1.00 36.00  ? 64  LYS B O   1 
ATOM   1192 C  CB  . LYS B 1 66 ? -7.529  4.598   7.137   1.00 35.22  ? 64  LYS B CB  1 
ATOM   1193 C  CG  . LYS B 1 66 ? -8.868  3.923   6.950   1.00 40.85  ? 64  LYS B CG  1 
ATOM   1194 C  CD  . LYS B 1 66 ? -9.118  2.984   8.126   1.00 44.30  ? 64  LYS B CD  1 
ATOM   1195 C  CE  . LYS B 1 66 ? -10.522 2.425   8.138   1.00 48.76  ? 64  LYS B CE  1 
ATOM   1196 N  NZ  . LYS B 1 66 ? -10.710 1.603   9.382   1.00 59.37  ? 64  LYS B NZ  1 
ATOM   1197 N  N   . GLY B 1 67 ? -5.591  6.772   9.133   1.00 29.36  ? 65  GLY B N   1 
ATOM   1198 C  CA  . GLY B 1 67 ? -4.214  7.138   9.420   1.00 34.69  ? 65  GLY B CA  1 
ATOM   1199 C  C   . GLY B 1 67 ? -3.246  7.020   8.255   1.00 31.47  ? 65  GLY B C   1 
ATOM   1200 O  O   . GLY B 1 67 ? -2.054  6.759   8.478   1.00 34.61  ? 65  GLY B O   1 
ATOM   1201 N  N   . ILE B 1 68 ? -3.707  7.208   7.017   1.00 35.00  ? 66  ILE B N   1 
ATOM   1202 C  CA  . ILE B 1 68 ? -2.808  7.091   5.867   1.00 30.34  ? 66  ILE B CA  1 
ATOM   1203 C  C   . ILE B 1 68 ? -2.714  8.427   5.130   1.00 32.12  ? 66  ILE B C   1 
ATOM   1204 O  O   . ILE B 1 68 ? -3.543  9.329   5.290   1.00 26.43  ? 66  ILE B O   1 
ATOM   1205 C  CB  . ILE B 1 68 ? -3.216  5.987   4.870   1.00 28.64  ? 66  ILE B CB  1 
ATOM   1206 C  CG1 . ILE B 1 68 ? -4.539  6.340   4.186   1.00 33.26  ? 66  ILE B CG1 1 
ATOM   1207 C  CG2 . ILE B 1 68 ? -3.218  4.596   5.539   1.00 30.47  ? 66  ILE B CG2 1 
ATOM   1208 C  CD1 . ILE B 1 68 ? -4.930  5.385   3.080   1.00 30.22  ? 66  ILE B CD1 1 
ATOM   1209 N  N   . VAL B 1 69 ? -1.668  8.541   4.315   1.00 29.82  ? 67  VAL B N   1 
ATOM   1210 C  CA  . VAL B 1 69 ? -1.526  9.630   3.351   1.00 28.65  ? 67  VAL B CA  1 
ATOM   1211 C  C   . VAL B 1 69 ? -1.078  8.985   2.039   1.00 28.65  ? 67  VAL B C   1 
ATOM   1212 O  O   . VAL B 1 69 ? -0.079  8.260   2.013   1.00 30.55  ? 67  VAL B O   1 
ATOM   1213 C  CB  . VAL B 1 69 ? -0.532  10.718  3.823   1.00 24.79  ? 67  VAL B CB  1 
ATOM   1214 C  CG1 . VAL B 1 69 ? 0.789   10.124  4.292   1.00 25.32  ? 67  VAL B CG1 1 
ATOM   1215 C  CG2 . VAL B 1 69 ? -0.294  11.789  2.735   1.00 25.49  ? 67  VAL B CG2 1 
ATOM   1216 N  N   . ARG B 1 70 ? -1.853  9.180   0.974   1.00 30.43  ? 68  ARG B N   1 
ATOM   1217 C  CA  . ARG B 1 70 ? -1.495  8.630   -0.332  1.00 24.67  ? 68  ARG B CA  1 
ATOM   1218 C  C   . ARG B 1 70 ? -0.669  9.651   -1.093  1.00 27.75  ? 68  ARG B C   1 
ATOM   1219 O  O   . ARG B 1 70 ? -1.109  10.790  -1.315  1.00 23.17  ? 68  ARG B O   1 
ATOM   1220 C  CB  . ARG B 1 70 ? -2.731  8.225   -1.134  1.00 20.11  ? 68  ARG B CB  1 
ATOM   1221 C  CG  . ARG B 1 70 ? -3.516  7.113   -0.470  1.00 20.64  ? 68  ARG B CG  1 
ATOM   1222 C  CD  . ARG B 1 70 ? -4.680  6.650   -1.311  1.00 21.33  ? 68  ARG B CD  1 
ATOM   1223 N  NE  . ARG B 1 70 ? -5.408  5.635   -0.574  1.00 25.35  ? 68  ARG B NE  1 
ATOM   1224 C  CZ  . ARG B 1 70 ? -5.029  4.361   -0.451  1.00 26.06  ? 68  ARG B CZ  1 
ATOM   1225 N  NH1 . ARG B 1 70 ? -5.759  3.526   0.283   1.00 27.30  ? 68  ARG B NH1 1 
ATOM   1226 N  NH2 . ARG B 1 70 ? -3.924  3.917   -1.042  1.00 26.05  ? 68  ARG B NH2 1 
ATOM   1227 N  N   . ILE B 1 71 ? 0.535   9.239   -1.482  1.00 25.77  ? 69  ILE B N   1 
ATOM   1228 C  CA  . ILE B 1 71 ? 1.403   10.006  -2.360  1.00 25.81  ? 69  ILE B CA  1 
ATOM   1229 C  C   . ILE B 1 71 ? 2.034   9.002   -3.321  1.00 23.17  ? 69  ILE B C   1 
ATOM   1230 O  O   . ILE B 1 71 ? 2.161   7.816   -3.006  1.00 21.46  ? 69  ILE B O   1 
ATOM   1231 C  CB  . ILE B 1 71 ? 2.481   10.781  -1.564  1.00 22.72  ? 69  ILE B CB  1 
ATOM   1232 C  CG1 . ILE B 1 71 ? 3.150   9.838   -0.552  1.00 23.78  ? 69  ILE B CG1 1 
ATOM   1233 C  CG2 . ILE B 1 71 ? 1.865   11.988  -0.835  1.00 30.73  ? 69  ILE B CG2 1 
ATOM   1234 C  CD1 . ILE B 1 71 ? 4.385   10.400  0.084   1.00 21.93  ? 69  ILE B CD1 1 
ATOM   1235 N  N   . ASP B 1 72 ? 2.439   9.490   -4.502  1.00 24.60  ? 70  ASP B N   1 
ATOM   1236 C  CA  . ASP B 1 72 ? 2.914   8.608   -5.568  1.00 21.34  ? 70  ASP B CA  1 
ATOM   1237 C  C   . ASP B 1 72 ? 4.394   8.281   -5.392  1.00 19.97  ? 70  ASP B C   1 
ATOM   1238 O  O   . ASP B 1 72 ? 5.067   8.756   -4.471  1.00 19.34  ? 70  ASP B O   1 
ATOM   1239 C  CB  . ASP B 1 72 ? 2.644   9.220   -6.948  1.00 20.94  ? 70  ASP B CB  1 
ATOM   1240 C  CG  . ASP B 1 72 ? 3.467   10.478  -7.231  1.00 21.21  ? 70  ASP B CG  1 
ATOM   1241 O  OD1 . ASP B 1 72 ? 4.663   10.580  -6.869  1.00 22.62  ? 70  ASP B OD1 1 
ATOM   1242 O  OD2 . ASP B 1 72 ? 2.892   11.381  -7.850  1.00 30.18  ? 70  ASP B OD2 1 
ATOM   1243 N  N   . SER B 1 73 ? 4.919   7.479   -6.329  1.00 24.84  ? 71  SER B N   1 
ATOM   1244 C  CA  . SER B 1 73 ? 6.237   6.880   -6.146  1.00 22.59  ? 71  SER B CA  1 
ATOM   1245 C  C   . SER B 1 73 ? 7.332   7.930   -6.169  1.00 22.89  ? 71  SER B C   1 
ATOM   1246 O  O   . SER B 1 73 ? 8.317   7.827   -5.427  1.00 24.15  ? 71  SER B O   1 
ATOM   1247 C  CB  . SER B 1 73 ? 6.489   5.815   -7.222  1.00 23.38  ? 71  SER B CB  1 
ATOM   1248 O  OG  . SER B 1 73 ? 6.344   6.335   -8.535  1.00 19.05  ? 71  SER B OG  1 
ATOM   1249 N  N   . VAL B 1 74 ? 7.177   8.952   -7.013  1.00 25.13  ? 72  VAL B N   1 
ATOM   1250 C  CA  . VAL B 1 74 ? 8.164   10.026  -7.047  1.00 25.95  ? 72  VAL B CA  1 
ATOM   1251 C  C   . VAL B 1 74 ? 8.123   10.812  -5.746  1.00 22.37  ? 72  VAL B C   1 
ATOM   1252 O  O   . VAL B 1 74 ? 9.163   11.144  -5.170  1.00 29.15  ? 72  VAL B O   1 
ATOM   1253 C  CB  . VAL B 1 74 ? 7.942   10.926  -8.281  1.00 24.08  ? 72  VAL B CB  1 
ATOM   1254 C  CG1 . VAL B 1 74 ? 8.830   12.165  -8.215  1.00 26.60  ? 72  VAL B CG1 1 
ATOM   1255 C  CG2 . VAL B 1 74 ? 8.245   10.137  -9.543  1.00 29.01  ? 72  VAL B CG2 1 
HETATM 1256 N  N   . MSE B 1 75 ? 6.937   11.103  -5.247  1.00 23.69  ? 73  MSE B N   1 
HETATM 1257 C  CA  A MSE B 1 75 ? 6.874   11.829  -3.990  0.80 24.12  ? 73  MSE B CA  1 
HETATM 1258 C  CA  B MSE B 1 75 ? 6.795   11.797  -3.966  0.20 24.26  ? 73  MSE B CA  1 
HETATM 1259 C  C   . MSE B 1 75 ? 7.457   11.002  -2.847  1.00 29.89  ? 73  MSE B C   1 
HETATM 1260 O  O   . MSE B 1 75 ? 8.168   11.546  -1.987  1.00 31.12  ? 73  MSE B O   1 
HETATM 1261 C  CB  A MSE B 1 75 ? 5.448   12.233  -3.710  0.80 26.51  ? 73  MSE B CB  1 
HETATM 1262 C  CB  B MSE B 1 75 ? 5.316   12.020  -3.645  0.20 26.09  ? 73  MSE B CB  1 
HETATM 1263 C  CG  A MSE B 1 75 ? 4.917   13.147  -4.784  0.80 24.18  ? 73  MSE B CG  1 
HETATM 1264 C  CG  B MSE B 1 75 ? 4.624   13.015  -4.560  0.20 25.55  ? 73  MSE B CG  1 
HETATM 1265 SE SE  A MSE B 1 75 ? 3.030   13.381  -4.511  0.80 29.60  ? 73  MSE B SE  1 
HETATM 1266 SE SE  B MSE B 1 75 ? 5.032   14.865  -4.096  0.20 31.50  ? 73  MSE B SE  1 
HETATM 1267 C  CE  A MSE B 1 75 ? 3.118   14.659  -3.046  0.80 26.86  ? 73  MSE B CE  1 
HETATM 1268 C  CE  B MSE B 1 75 ? 4.170   14.933  -2.341  0.20 28.23  ? 73  MSE B CE  1 
ATOM   1269 N  N   . ARG B 1 76 ? 7.198   9.692   -2.857  1.00 29.08  ? 74  ARG B N   1 
ATOM   1270 C  CA  . ARG B 1 76 ? 7.826   8.812   -1.876  1.00 27.69  ? 74  ARG B CA  1 
ATOM   1271 C  C   . ARG B 1 76 ? 9.345   8.865   -1.993  1.00 28.64  ? 74  ARG B C   1 
ATOM   1272 O  O   . ARG B 1 76 ? 10.051  9.025   -0.993  1.00 30.98  ? 74  ARG B O   1 
ATOM   1273 C  CB  . ARG B 1 76 ? 7.309   7.384   -2.050  1.00 26.88  ? 74  ARG B CB  1 
ATOM   1274 C  CG  . ARG B 1 76 ? 5.863   7.225   -1.605  1.00 24.20  ? 74  ARG B CG  1 
ATOM   1275 C  CD  . ARG B 1 76 ? 5.479   5.759   -1.496  1.00 31.19  ? 74  ARG B CD  1 
ATOM   1276 N  NE  . ARG B 1 76 ? 5.755   4.986   -2.709  1.00 28.05  ? 74  ARG B NE  1 
ATOM   1277 C  CZ  . ARG B 1 76 ? 4.881   4.791   -3.693  1.00 24.81  ? 74  ARG B CZ  1 
ATOM   1278 N  NH1 . ARG B 1 76 ? 3.675   5.353   -3.651  1.00 23.87  ? 74  ARG B NH1 1 
ATOM   1279 N  NH2 . ARG B 1 76 ? 5.217   4.053   -4.739  1.00 22.90  ? 74  ARG B NH2 1 
ATOM   1280 N  N   . ASN B 1 77 ? 9.868   8.749   -3.216  1.00 31.58  ? 75  ASN B N   1 
ATOM   1281 C  CA  . ASN B 1 77 ? 11.308  8.868   -3.401  1.00 28.82  ? 75  ASN B CA  1 
ATOM   1282 C  C   . ASN B 1 77 ? 11.832  10.199  -2.873  1.00 36.63  ? 75  ASN B C   1 
ATOM   1283 O  O   . ASN B 1 77 ? 12.881  10.241  -2.222  1.00 32.96  ? 75  ASN B O   1 
ATOM   1284 C  CB  . ASN B 1 77 ? 11.673  8.701   -4.876  1.00 32.96  ? 75  ASN B CB  1 
ATOM   1285 C  CG  . ASN B 1 77 ? 13.144  8.979   -5.140  1.00 38.74  ? 75  ASN B CG  1 
ATOM   1286 O  OD1 . ASN B 1 77 ? 13.514  10.039  -5.652  1.00 44.84  ? 75  ASN B OD1 1 
ATOM   1287 N  ND2 . ASN B 1 77 ? 13.990  8.040   -4.769  1.00 39.09  ? 75  ASN B ND2 1 
ATOM   1288 N  N   . ASN B 1 78 ? 11.097  11.295  -3.109  1.00 32.48  ? 76  ASN B N   1 
ATOM   1289 C  CA  . ASN B 1 78 ? 11.628  12.609  -2.760  1.00 37.00  ? 76  ASN B CA  1 
ATOM   1290 C  C   . ASN B 1 78 ? 11.730  12.799  -1.253  1.00 34.65  ? 76  ASN B C   1 
ATOM   1291 O  O   . ASN B 1 78 ? 12.639  13.488  -0.784  1.00 44.91  ? 76  ASN B O   1 
ATOM   1292 C  CB  . ASN B 1 78 ? 10.780  13.728  -3.388  1.00 35.20  ? 76  ASN B CB  1 
ATOM   1293 C  CG  . ASN B 1 78 ? 10.914  13.775  -4.908  1.00 35.05  ? 76  ASN B CG  1 
ATOM   1294 O  OD1 . ASN B 1 78 ? 11.864  13.222  -5.479  1.00 36.70  ? 76  ASN B OD1 1 
ATOM   1295 N  ND2 . ASN B 1 78 ? 9.948   14.407  -5.571  1.00 33.21  ? 76  ASN B ND2 1 
ATOM   1296 N  N   . CYS B 1 79 ? 10.824  12.220  -0.475  1.00 32.65  ? 77  CYS B N   1 
ATOM   1297 C  CA  . CYS B 1 79 ? 10.947  12.313  0.972   1.00 33.62  ? 77  CYS B CA  1 
ATOM   1298 C  C   . CYS B 1 79 ? 11.566  11.066  1.584   1.00 43.38  ? 77  CYS B C   1 
ATOM   1299 O  O   . CYS B 1 79 ? 11.715  11.001  2.808   1.00 34.42  ? 77  CYS B O   1 
ATOM   1300 C  CB  . CYS B 1 79 ? 9.587   12.587  1.621   1.00 32.74  ? 77  CYS B CB  1 
ATOM   1301 S  SG  . CYS B 1 79 ? 8.368   11.288  1.458   1.00 31.84  ? 77  CYS B SG  1 
ATOM   1302 N  N   . GLY B 1 80 ? 11.927  10.082  0.768   1.00 38.80  ? 78  GLY B N   1 
ATOM   1303 C  CA  . GLY B 1 80 ? 12.583  8.892   1.286   1.00 42.81  ? 78  GLY B CA  1 
ATOM   1304 C  C   . GLY B 1 80 ? 11.709  8.018   2.159   1.00 38.07  ? 78  GLY B C   1 
ATOM   1305 O  O   . GLY B 1 80 ? 12.183  7.489   3.174   1.00 45.89  ? 78  GLY B O   1 
ATOM   1306 N  N   . ALA B 1 81 ? 10.443  7.848   1.793   1.00 38.95  ? 79  ALA B N   1 
ATOM   1307 C  CA  . ALA B 1 81 ? 9.552   6.953   2.509   1.00 36.22  ? 79  ALA B CA  1 
ATOM   1308 C  C   . ALA B 1 81 ? 9.183   5.773   1.627   1.00 38.39  ? 79  ALA B C   1 
ATOM   1309 O  O   . ALA B 1 81 ? 9.097   5.893   0.403   1.00 40.80  ? 79  ALA B O   1 
ATOM   1310 C  CB  . ALA B 1 81 ? 8.283   7.675   2.970   1.00 32.65  ? 79  ALA B CB  1 
ATOM   1311 N  N   . SER B 1 82 ? 8.994   4.627   2.258   1.00 39.45  ? 80  SER B N   1 
ATOM   1312 C  CA  . SER B 1 82 ? 8.421   3.466   1.606   1.00 30.15  ? 80  SER B CA  1 
ATOM   1313 C  C   . SER B 1 82 ? 6.943   3.386   1.943   1.00 30.93  ? 80  SER B C   1 
ATOM   1314 O  O   . SER B 1 82 ? 6.462   4.034   2.872   1.00 27.79  ? 80  SER B O   1 
ATOM   1315 C  CB  . SER B 1 82 ? 9.144   2.186   2.043   1.00 33.05  ? 80  SER B CB  1 
ATOM   1316 O  OG  . SER B 1 82 ? 10.459  2.150   1.512   1.00 35.82  ? 80  SER B OG  1 
ATOM   1317 N  N   . ILE B 1 83 ? 6.211   2.601   1.155   1.00 30.64  ? 81  ILE B N   1 
ATOM   1318 C  CA  . ILE B 1 83 ? 4.808   2.368   1.466   1.00 29.24  ? 81  ILE B CA  1 
ATOM   1319 C  C   . ILE B 1 83 ? 4.708   1.755   2.854   1.00 35.66  ? 81  ILE B C   1 
ATOM   1320 O  O   . ILE B 1 83 ? 5.438   0.817   3.191   1.00 33.16  ? 81  ILE B O   1 
ATOM   1321 C  CB  . ILE B 1 83 ? 4.166   1.475   0.394   1.00 27.83  ? 81  ILE B CB  1 
ATOM   1322 C  CG1 . ILE B 1 83 ? 4.018   2.265   -0.920  1.00 28.81  ? 81  ILE B CG1 1 
ATOM   1323 C  CG2 . ILE B 1 83 ? 2.830   0.984   0.850   1.00 26.62  ? 81  ILE B CG2 1 
ATOM   1324 C  CD1 . ILE B 1 83 ? 3.499   1.422   -2.094  1.00 30.14  ? 81  ILE B CD1 1 
ATOM   1325 N  N   . GLY B 1 84 ? 3.822   2.310   3.678   1.00 30.34  ? 82  GLY B N   1 
ATOM   1326 C  CA  . GLY B 1 84 ? 3.648   1.880   5.044   1.00 30.60  ? 82  GLY B CA  1 
ATOM   1327 C  C   . GLY B 1 84 ? 4.559   2.550   6.051   1.00 34.37  ? 82  GLY B C   1 
ATOM   1328 O  O   . GLY B 1 84 ? 4.350   2.370   7.258   1.00 42.27  ? 82  GLY B O   1 
ATOM   1329 N  N   . ASP B 1 85 ? 5.573   3.288   5.599   1.00 32.57  ? 83  ASP B N   1 
ATOM   1330 C  CA  . ASP B 1 85 ? 6.382   4.093   6.506   1.00 37.81  ? 83  ASP B CA  1 
ATOM   1331 C  C   . ASP B 1 85 ? 5.536   5.181   7.149   1.00 36.88  ? 83  ASP B C   1 
ATOM   1332 O  O   . ASP B 1 85 ? 4.604   5.717   6.544   1.00 39.82  ? 83  ASP B O   1 
ATOM   1333 C  CB  . ASP B 1 85 ? 7.539   4.761   5.768   1.00 46.70  ? 83  ASP B CB  1 
ATOM   1334 C  CG  . ASP B 1 85 ? 8.672   3.822   5.491   1.00 45.72  ? 83  ASP B CG  1 
ATOM   1335 O  OD1 . ASP B 1 85 ? 8.587   2.647   5.909   1.00 48.04  ? 83  ASP B OD1 1 
ATOM   1336 O  OD2 . ASP B 1 85 ? 9.651   4.270   4.855   1.00 41.10  ? 83  ASP B OD2 1 
ATOM   1337 N  N   . LYS B 1 86 ? 5.867   5.506   8.393   1.00 43.14  ? 84  LYS B N   1 
ATOM   1338 C  CA  . LYS B 1 86 ? 5.298   6.680   9.033   1.00 35.45  ? 84  LYS B CA  1 
ATOM   1339 C  C   . LYS B 1 86 ? 6.021   7.911   8.523   1.00 38.41  ? 84  LYS B C   1 
ATOM   1340 O  O   . LYS B 1 86 ? 7.248   7.906   8.362   1.00 36.64  ? 84  LYS B O   1 
ATOM   1341 C  CB  . LYS B 1 86 ? 5.419   6.598   10.556  1.00 36.53  ? 84  LYS B CB  1 
ATOM   1342 C  CG  . LYS B 1 86 ? 4.501   5.570   11.218  1.00 50.40  ? 84  LYS B CG  1 
ATOM   1343 C  CD  . LYS B 1 86 ? 4.600   5.610   12.755  1.00 52.08  ? 84  LYS B CD  1 
ATOM   1344 C  CE  . LYS B 1 86 ? 5.732   4.732   13.304  1.00 64.68  ? 84  LYS B CE  1 
ATOM   1345 N  NZ  . LYS B 1 86 ? 7.110   5.186   12.917  1.00 64.03  ? 84  LYS B NZ  1 
ATOM   1346 N  N   . VAL B 1 87 ? 5.256   8.962   8.240   1.00 34.01  ? 85  VAL B N   1 
ATOM   1347 C  CA  . VAL B 1 87 ? 5.819   10.230  7.798   1.00 33.02  ? 85  VAL B CA  1 
ATOM   1348 C  C   . VAL B 1 87 ? 5.136   11.350  8.560   1.00 32.47  ? 85  VAL B C   1 
ATOM   1349 O  O   . VAL B 1 87 ? 4.023   11.201  9.066   1.00 40.38  ? 85  VAL B O   1 
ATOM   1350 C  CB  . VAL B 1 87 ? 5.660   10.454  6.283   1.00 39.14  ? 85  VAL B CB  1 
ATOM   1351 C  CG1 . VAL B 1 87 ? 6.488   9.424   5.497   1.00 36.77  ? 85  VAL B CG1 1 
ATOM   1352 C  CG2 . VAL B 1 87 ? 4.184   10.430  5.896   1.00 31.37  ? 85  VAL B CG2 1 
ATOM   1353 N  N   . LYS B 1 88 ? 5.820   12.484  8.644   1.00 36.16  ? 86  LYS B N   1 
ATOM   1354 C  CA  . LYS B 1 88 ? 5.243   13.676  9.246   1.00 44.46  ? 86  LYS B CA  1 
ATOM   1355 C  C   . LYS B 1 88 ? 4.740   14.605  8.146   1.00 38.81  ? 86  LYS B C   1 
ATOM   1356 O  O   . LYS B 1 88 ? 5.468   14.892  7.186   1.00 37.26  ? 86  LYS B O   1 
ATOM   1357 C  CB  . LYS B 1 88 ? 6.248   14.398  10.146  1.00 44.68  ? 86  LYS B CB  1 
ATOM   1358 C  CG  . LYS B 1 88 ? 5.660   15.651  10.802  1.00 52.88  ? 86  LYS B CG  1 
ATOM   1359 C  CD  . LYS B 1 88 ? 6.518   16.161  11.948  1.00 63.99  ? 86  LYS B CD  1 
ATOM   1360 C  CE  . LYS B 1 88 ? 5.872   15.864  13.298  1.00 65.84  ? 86  LYS B CE  1 
ATOM   1361 N  NZ  . LYS B 1 88 ? 4.533   16.513  13.432  1.00 64.43  ? 86  LYS B NZ  1 
ATOM   1362 N  N   . VAL B 1 89 ? 3.493   15.054  8.282   1.00 32.30  ? 87  VAL B N   1 
ATOM   1363 C  CA  . VAL B 1 89 ? 2.846   15.934  7.318   1.00 39.27  ? 87  VAL B CA  1 
ATOM   1364 C  C   . VAL B 1 89 ? 2.520   17.254  8.024   1.00 39.28  ? 87  VAL B C   1 
ATOM   1365 O  O   . VAL B 1 89 ? 1.850   17.261  9.067   1.00 38.83  ? 87  VAL B O   1 
ATOM   1366 C  CB  . VAL B 1 89 ? 1.583   15.281  6.721   1.00 35.79  ? 87  VAL B CB  1 
ATOM   1367 C  CG1 . VAL B 1 89 ? 1.066   16.089  5.554   1.00 31.37  ? 87  VAL B CG1 1 
ATOM   1368 C  CG2 . VAL B 1 89 ? 1.882   13.844  6.253   1.00 29.08  ? 87  VAL B CG2 1 
ATOM   1369 N  N   . ARG B 1 90 ? 3.005   18.366  7.457   1.00 37.55  ? 88  ARG B N   1 
ATOM   1370 C  CA  . ARG B 1 90 ? 2.830   19.709  7.995   1.00 42.83  ? 88  ARG B CA  1 
ATOM   1371 C  C   . ARG B 1 90 ? 2.292   20.622  6.906   1.00 40.67  ? 88  ARG B C   1 
ATOM   1372 O  O   . ARG B 1 90 ? 2.663   20.481  5.742   1.00 32.32  ? 88  ARG B O   1 
ATOM   1373 C  CB  . ARG B 1 90 ? 4.152   20.300  8.518   1.00 47.93  ? 88  ARG B CB  1 
ATOM   1374 C  CG  . ARG B 1 90 ? 4.810   19.518  9.644   1.00 61.57  ? 88  ARG B CG  1 
ATOM   1375 C  CD  . ARG B 1 90 ? 6.145   20.138  10.044  1.00 68.18  ? 88  ARG B CD  1 
ATOM   1376 N  NE  . ARG B 1 90 ? 6.917   19.238  10.899  1.00 78.19  ? 88  ARG B NE  1 
ATOM   1377 C  CZ  . ARG B 1 90 ? 8.138   19.497  11.355  1.00 85.37  ? 88  ARG B CZ  1 
ATOM   1378 N  NH1 . ARG B 1 90 ? 8.737   20.640  11.044  1.00 91.20  ? 88  ARG B NH1 1 
ATOM   1379 N  NH2 . ARG B 1 90 ? 8.763   18.613  12.127  1.00 82.68  ? 88  ARG B NH2 1 
ATOM   1380 N  N   . LYS B 1 91 ? 1.432   21.565  7.289   1.00 37.60  ? 89  LYS B N   1 
ATOM   1381 C  CA  . LYS B 1 91 ? 0.992   22.581  6.345   1.00 36.63  ? 89  LYS B CA  1 
ATOM   1382 C  C   . LYS B 1 91 ? 2.109   23.582  6.097   1.00 38.86  ? 89  LYS B C   1 
ATOM   1383 O  O   . LYS B 1 91 ? 2.878   23.928  6.996   1.00 40.49  ? 89  LYS B O   1 
ATOM   1384 C  CB  . LYS B 1 91 ? -0.256  23.309  6.850   1.00 37.64  ? 89  LYS B CB  1 
ATOM   1385 C  CG  . LYS B 1 91 ? -0.859  24.273  5.818   1.00 41.40  ? 89  LYS B CG  1 
ATOM   1386 C  CD  . LYS B 1 91 ? -2.111  24.960  6.351   1.00 42.07  ? 89  LYS B CD  1 
ATOM   1387 C  CE  . LYS B 1 91 ? -2.603  26.052  5.410   1.00 50.94  ? 89  LYS B CE  1 
ATOM   1388 N  NZ  . LYS B 1 91 ? -3.751  26.806  6.012   1.00 58.91  ? 89  LYS B NZ  1 
ATOM   1389 N  N   . VAL B 1 92 ? 2.194   24.046  4.877   1.00 43.02  ? 90  VAL B N   1 
ATOM   1390 C  CA  . VAL B 1 92 ? 3.228   24.994  4.494   1.00 49.50  ? 90  VAL B CA  1 
ATOM   1391 C  C   . VAL B 1 92 ? 2.839   26.393  4.947   1.00 47.04  ? 90  VAL B C   1 
ATOM   1392 O  O   . VAL B 1 92 ? 1.675   26.803  4.846   1.00 53.16  ? 90  VAL B O   1 
ATOM   1393 C  CB  . VAL B 1 92 ? 3.465   24.923  2.979   1.00 46.87  ? 90  VAL B CB  1 
ATOM   1394 C  CG1 . VAL B 1 92 ? 3.544   26.312  2.380   1.00 51.77  ? 90  VAL B CG1 1 
ATOM   1395 C  CG2 . VAL B 1 92 ? 4.718   24.131  2.708   1.00 37.05  ? 90  VAL B CG2 1 
ATOM   1396 N  N   . ARG B 1 93 ? 3.822   27.118  5.467   1.00 55.33  ? 91  ARG B N   1 
ATOM   1397 C  CA  . ARG B 1 93 ? 3.667   28.497  5.936   1.00 66.64  ? 91  ARG B CA  1 
ATOM   1398 C  C   . ARG B 1 93 ? 3.302   29.461  4.809   1.00 65.70  ? 91  ARG B C   1 
ATOM   1399 O  O   . ARG B 1 93 ? 2.568   30.425  5.028   1.00 63.49  ? 91  ARG B O   1 
ATOM   1400 C  CB  . ARG B 1 93 ? 4.956   28.966  6.635   1.00 65.70  ? 91  ARG B CB  1 
ATOM   1401 C  CG  . ARG B 1 93 ? 6.166   29.269  5.724   1.00 71.24  ? 91  ARG B CG  1 
ATOM   1402 C  CD  . ARG B 1 93 ? 6.621   28.084  4.854   1.00 66.46  ? 91  ARG B CD  1 
ATOM   1403 N  NE  . ARG B 1 93 ? 6.687   26.819  5.588   1.00 65.71  ? 91  ARG B NE  1 
ATOM   1404 C  CZ  . ARG B 1 93 ? 7.799   26.117  5.786   1.00 67.97  ? 91  ARG B CZ  1 
ATOM   1405 N  NH1 . ARG B 1 93 ? 8.957   26.549  5.305   1.00 68.10  ? 91  ARG B NH1 1 
ATOM   1406 N  NH2 . ARG B 1 93 ? 7.751   24.976  6.462   1.00 70.49  ? 91  ARG B NH2 1 
ATOM   1407 O  OXT . ARG B 1 93 ? 3.720   29.304  3.657   1.00 67.76  ? 91  ARG B OXT 1 
HETATM 1408 S  S   . SO4 C 2 .  ? 10.258  -1.766  -5.231  0.74 48.48  ? 101 SO4 A S   1 
HETATM 1409 O  O1  . SO4 C 2 .  ? 10.633  -1.197  -6.526  1.00 51.91  ? 101 SO4 A O1  1 
HETATM 1410 O  O2  . SO4 C 2 .  ? 11.173  -1.260  -4.206  1.00 51.52  ? 101 SO4 A O2  1 
HETATM 1411 O  O3  . SO4 C 2 .  ? 8.891   -1.381  -4.889  1.00 46.83  ? 101 SO4 A O3  1 
HETATM 1412 O  O4  . SO4 C 2 .  ? 10.325  -3.228  -5.317  1.00 56.56  ? 101 SO4 A O4  1 
HETATM 1413 S  S   . SO4 D 2 .  ? -1.098  -24.733 -0.720  0.86 46.51  ? 102 SO4 A S   1 
HETATM 1414 O  O1  . SO4 D 2 .  ? -0.744  -23.432 -0.147  0.86 42.88  ? 102 SO4 A O1  1 
HETATM 1415 O  O2  . SO4 D 2 .  ? 0.141   -25.487 -0.893  0.86 42.26  ? 102 SO4 A O2  1 
HETATM 1416 O  O3  . SO4 D 2 .  ? -2.042  -25.367 0.190   0.86 45.16  ? 102 SO4 A O3  1 
HETATM 1417 O  O4  . SO4 D 2 .  ? -1.745  -24.629 -2.023  0.86 44.64  ? 102 SO4 A O4  1 
HETATM 1418 S  S   . SO4 E 2 .  ? -13.881 -16.808 1.430   0.95 54.23  ? 103 SO4 A S   1 
HETATM 1419 O  O1  . SO4 E 2 .  ? -13.662 -15.493 0.843   0.95 72.07  ? 103 SO4 A O1  1 
HETATM 1420 O  O2  . SO4 E 2 .  ? -13.131 -16.916 2.679   0.95 58.35  ? 103 SO4 A O2  1 
HETATM 1421 O  O3  . SO4 E 2 .  ? -15.303 -16.983 1.692   0.95 56.84  ? 103 SO4 A O3  1 
HETATM 1422 O  O4  . SO4 E 2 .  ? -13.429 -17.849 0.512   0.95 54.46  ? 103 SO4 A O4  1 
HETATM 1423 S  S   . SO4 F 2 .  ? 3.408   -3.514  -13.942 0.50 41.60  ? 104 SO4 A S   1 
HETATM 1424 O  O1  . SO4 F 2 .  ? 4.465   -2.566  -13.618 0.50 43.56  ? 104 SO4 A O1  1 
HETATM 1425 O  O2  . SO4 F 2 .  ? 3.698   -4.760  -13.253 0.50 34.21  ? 104 SO4 A O2  1 
HETATM 1426 O  O3  . SO4 F 2 .  ? 2.185   -2.895  -13.427 0.50 41.12  ? 104 SO4 A O3  1 
HETATM 1427 O  O4  . SO4 F 2 .  ? 3.304   -3.729  -15.385 0.50 30.13  ? 104 SO4 A O4  1 
HETATM 1428 S  S   . SO4 G 2 .  ? 13.247  -14.010 7.837   0.60 54.66  ? 105 SO4 A S   1 
HETATM 1429 O  O1  . SO4 G 2 .  ? 14.131  -13.392 6.852   0.60 52.36  ? 105 SO4 A O1  1 
HETATM 1430 O  O2  . SO4 G 2 .  ? 13.985  -15.050 8.550   0.60 49.84  ? 105 SO4 A O2  1 
HETATM 1431 O  O3  . SO4 G 2 .  ? 12.786  -12.990 8.780   0.60 59.49  ? 105 SO4 A O3  1 
HETATM 1432 O  O4  . SO4 G 2 .  ? 12.086  -14.585 7.161   0.60 51.92  ? 105 SO4 A O4  1 
HETATM 1433 S  S   . SO4 H 2 .  ? 6.313   -24.739 0.149   0.59 40.01  ? 106 SO4 A S   1 
HETATM 1434 O  O1  . SO4 H 2 .  ? 7.477   -25.578 -0.117  0.59 37.27  ? 106 SO4 A O1  1 
HETATM 1435 O  O2  . SO4 H 2 .  ? 6.457   -24.127 1.471   0.59 46.95  ? 106 SO4 A O2  1 
HETATM 1436 O  O3  . SO4 H 2 .  ? 5.099   -25.552 0.151   0.59 39.37  ? 106 SO4 A O3  1 
HETATM 1437 O  O4  . SO4 H 2 .  ? 6.215   -23.695 -0.881  0.59 37.62  ? 106 SO4 A O4  1 
HETATM 1438 S  S   . SO4 I 2 .  ? 2.463   5.029   -7.215  1.00 24.92  ? 101 SO4 B S   1 
HETATM 1439 O  O1  . SO4 I 2 .  ? 3.039   6.151   -7.934  1.00 26.62  ? 101 SO4 B O1  1 
HETATM 1440 O  O2  . SO4 I 2 .  ? 3.496   4.037   -6.922  1.00 25.71  ? 101 SO4 B O2  1 
HETATM 1441 O  O3  . SO4 I 2 .  ? 1.836   5.513   -5.958  1.00 24.80  ? 101 SO4 B O3  1 
HETATM 1442 O  O4  . SO4 I 2 .  ? 1.430   4.383   -8.031  1.00 21.72  ? 101 SO4 B O4  1 
HETATM 1443 S  S   . SO4 J 2 .  ? -11.739 21.301  2.754   0.70 41.84  ? 102 SO4 B S   1 
HETATM 1444 O  O1  . SO4 J 2 .  ? -10.870 21.604  1.638   0.70 43.63  ? 102 SO4 B O1  1 
HETATM 1445 O  O2  . SO4 J 2 .  ? -10.915 20.575  3.715   0.70 37.96  ? 102 SO4 B O2  1 
HETATM 1446 O  O3  . SO4 J 2 .  ? -12.245 22.549  3.317   0.70 41.49  ? 102 SO4 B O3  1 
HETATM 1447 O  O4  . SO4 J 2 .  ? -12.867 20.486  2.314   0.70 44.33  ? 102 SO4 B O4  1 
HETATM 1448 S  S   . SO4 K 2 .  ? -11.441 11.851  -7.266  0.81 55.80  ? 103 SO4 B S   1 
HETATM 1449 O  O1  . SO4 K 2 .  ? -11.209 13.254  -6.914  0.81 61.82  ? 103 SO4 B O1  1 
HETATM 1450 O  O2  . SO4 K 2 .  ? -11.422 11.051  -6.047  0.81 51.89  ? 103 SO4 B O2  1 
HETATM 1451 O  O3  . SO4 K 2 .  ? -12.747 11.707  -7.915  0.81 46.75  ? 103 SO4 B O3  1 
HETATM 1452 O  O4  . SO4 K 2 .  ? -10.402 11.383  -8.196  0.81 50.21  ? 103 SO4 B O4  1 
HETATM 1453 O  O   . HOH L 3 .  ? -4.263  2.947   -6.724  1.00 39.90  ? 201 HOH A O   1 
HETATM 1454 O  O   . HOH L 3 .  ? -6.353  -19.198 -12.028 1.00 33.14  ? 202 HOH A O   1 
HETATM 1455 O  O   . HOH L 3 .  ? 3.708   -1.987  -11.661 1.00 32.44  ? 203 HOH A O   1 
HETATM 1456 O  O   . HOH L 3 .  ? -15.563 -10.499 -1.042  1.00 53.52  ? 204 HOH A O   1 
HETATM 1457 O  O   . HOH L 3 .  ? -5.781  -5.591  8.267   1.00 38.85  ? 205 HOH A O   1 
HETATM 1458 O  O   . HOH L 3 .  ? 4.372   -27.851 -0.392  1.00 52.85  ? 206 HOH A O   1 
HETATM 1459 O  O   . HOH L 3 .  ? 8.517   -4.371  -6.606  1.00 50.35  ? 207 HOH A O   1 
HETATM 1460 O  O   . HOH L 3 .  ? -9.493  -9.091  4.682   1.00 35.44  ? 208 HOH A O   1 
HETATM 1461 O  O   . HOH L 3 .  ? -1.080  -6.993  8.034   1.00 41.77  ? 209 HOH A O   1 
HETATM 1462 O  O   . HOH L 3 .  ? -10.855 -19.662 7.664   1.00 42.93  ? 210 HOH A O   1 
HETATM 1463 O  O   . HOH L 3 .  ? -8.763  -25.554 -5.670  1.00 45.12  ? 211 HOH A O   1 
HETATM 1464 O  O   . HOH L 3 .  ? -8.573  1.720   1.302   1.00 44.26  ? 212 HOH A O   1 
HETATM 1465 O  O   . HOH L 3 .  ? -7.582  4.006   -7.316  1.00 34.22  ? 213 HOH A O   1 
HETATM 1466 O  O   . HOH L 3 .  ? 12.194  0.792   -5.905  1.00 44.58  ? 214 HOH A O   1 
HETATM 1467 O  O   . HOH L 3 .  ? -7.174  -15.305 4.486   1.00 46.29  ? 215 HOH A O   1 
HETATM 1468 O  O   . HOH L 3 .  ? 0.467   -5.093  5.317   1.00 36.03  ? 216 HOH A O   1 
HETATM 1469 O  O   . HOH L 3 .  ? 17.127  -7.175  4.789   1.00 51.30  ? 217 HOH A O   1 
HETATM 1470 O  O   . HOH L 3 .  ? -3.829  -3.875  -10.543 1.00 31.78  ? 218 HOH A O   1 
HETATM 1471 O  O   . HOH L 3 .  ? -5.102  -19.376 -5.677  1.00 37.18  ? 219 HOH A O   1 
HETATM 1472 O  O   . HOH L 3 .  ? -2.306  -10.491 6.975   1.00 35.56  ? 220 HOH A O   1 
HETATM 1473 O  O   . HOH L 3 .  ? -3.979  -18.820 -3.666  1.00 42.10  ? 221 HOH A O   1 
HETATM 1474 O  O   . HOH L 3 .  ? -2.242  -9.038  4.245   1.00 29.74  ? 222 HOH A O   1 
HETATM 1475 O  O   . HOH L 3 .  ? 5.108   -9.523  7.720   1.00 42.56  ? 223 HOH A O   1 
HETATM 1476 O  O   . HOH L 3 .  ? -12.547 -11.848 -1.773  1.00 43.05  ? 224 HOH A O   1 
HETATM 1477 O  O   . HOH L 3 .  ? -12.307 -10.568 6.415   1.00 47.04  ? 225 HOH A O   1 
HETATM 1478 O  O   . HOH L 3 .  ? -3.449  -20.689 -9.024  1.00 38.65  ? 226 HOH A O   1 
HETATM 1479 O  O   . HOH L 3 .  ? 3.657   -4.865  5.327   1.00 43.89  ? 227 HOH A O   1 
HETATM 1480 O  O   . HOH L 3 .  ? 5.811   -3.354  3.777   1.00 36.46  ? 228 HOH A O   1 
HETATM 1481 O  O   . HOH L 3 .  ? -2.640  -21.850 7.983   1.00 48.62  ? 229 HOH A O   1 
HETATM 1482 O  O   . HOH L 3 .  ? 3.826   -17.453 7.403   1.00 40.92  ? 230 HOH A O   1 
HETATM 1483 O  O   . HOH L 3 .  ? 9.368   -13.310 -13.493 1.00 48.59  ? 231 HOH A O   1 
HETATM 1484 O  O   . HOH L 3 .  ? -8.294  -22.169 5.049   1.00 48.85  ? 232 HOH A O   1 
HETATM 1485 O  O   . HOH L 3 .  ? 0.732   -19.859 -13.507 1.00 54.85  ? 233 HOH A O   1 
HETATM 1486 O  O   . HOH L 3 .  ? 18.369  -8.267  3.250   1.00 55.21  ? 234 HOH A O   1 
HETATM 1487 O  O   . HOH L 3 .  ? 10.878  -9.645  10.435  0.50 51.43  ? 235 HOH A O   1 
HETATM 1488 O  O   . HOH L 3 .  ? 11.790  4.662   -4.963  1.00 46.32  ? 236 HOH A O   1 
HETATM 1489 O  O   . HOH L 3 .  ? 9.004   -9.278  10.895  1.00 52.92  ? 237 HOH A O   1 
HETATM 1490 O  O   . HOH M 3 .  ? -7.013  19.097  -9.461  1.00 36.82  ? 201 HOH B O   1 
HETATM 1491 O  O   . HOH M 3 .  ? -3.890  17.813  -9.317  1.00 35.69  ? 202 HOH B O   1 
HETATM 1492 O  O   . HOH M 3 .  ? -6.764  8.223   5.991   1.00 34.00  ? 203 HOH B O   1 
HETATM 1493 O  O   . HOH M 3 .  ? -8.711  5.084   -1.531  1.00 33.94  ? 204 HOH B O   1 
HETATM 1494 O  O   . HOH M 3 .  ? 9.166   5.733   11.974  1.00 65.78  ? 205 HOH B O   1 
HETATM 1495 O  O   . HOH M 3 .  ? -2.685  9.790   -4.434  1.00 29.39  ? 206 HOH B O   1 
HETATM 1496 O  O   . HOH M 3 .  ? -11.278 12.623  3.132   1.00 45.92  ? 207 HOH B O   1 
HETATM 1497 O  O   . HOH M 3 .  ? 5.445   17.175  -5.721  1.00 41.84  ? 208 HOH B O   1 
HETATM 1498 O  O   . HOH M 3 .  ? -13.255 24.502  4.450   1.00 33.23  ? 209 HOH B O   1 
HETATM 1499 O  O   . HOH M 3 .  ? -9.217  12.764  -9.878  1.00 47.30  ? 210 HOH B O   1 
HETATM 1500 O  O   . HOH M 3 .  ? -1.365  3.413   -7.247  1.00 33.76  ? 211 HOH B O   1 
HETATM 1501 O  O   . HOH M 3 .  ? 2.172   -1.565  -5.456  1.00 27.51  ? 212 HOH B O   1 
HETATM 1502 O  O   . HOH M 3 .  ? -1.920  18.654  -7.777  1.00 24.76  ? 213 HOH B O   1 
HETATM 1503 O  O   . HOH M 3 .  ? -9.559  15.077  -7.617  1.00 41.52  ? 214 HOH B O   1 
HETATM 1504 O  O   . HOH M 3 .  ? 0.239   12.744  -7.576  1.00 33.90  ? 215 HOH B O   1 
HETATM 1505 O  O   . HOH M 3 .  ? -10.945 11.684  8.759   1.00 37.94  ? 216 HOH B O   1 
HETATM 1506 O  O   . HOH M 3 .  ? -5.814  27.369  4.408   1.00 41.53  ? 217 HOH B O   1 
HETATM 1507 O  O   . HOH M 3 .  ? -1.558  23.615  10.633  1.00 45.44  ? 218 HOH B O   1 
HETATM 1508 O  O   . HOH M 3 .  ? 7.167   0.396   5.549   1.00 34.02  ? 219 HOH B O   1 
HETATM 1509 O  O   . HOH M 3 .  ? 9.211   5.450   -4.506  1.00 27.82  ? 220 HOH B O   1 
HETATM 1510 O  O   . HOH M 3 .  ? -5.283  11.460  6.078   1.00 29.44  ? 221 HOH B O   1 
HETATM 1511 O  O   . HOH M 3 .  ? -7.890  8.470   -1.199  1.00 27.71  ? 222 HOH B O   1 
HETATM 1512 O  O   . HOH M 3 .  ? 1.171   11.924  -5.276  1.00 36.87  ? 223 HOH B O   1 
HETATM 1513 O  O   . HOH M 3 .  ? 3.906   19.277  -9.713  1.00 42.60  ? 224 HOH B O   1 
HETATM 1514 O  O   . HOH M 3 .  ? 0.976   22.365  9.987   1.00 42.38  ? 225 HOH B O   1 
HETATM 1515 O  O   . HOH M 3 .  ? 6.975   -1.245  1.919   1.00 36.52  ? 226 HOH B O   1 
HETATM 1516 O  O   . HOH M 3 .  ? -10.585 21.958  6.257   1.00 48.71  ? 227 HOH B O   1 
HETATM 1517 O  O   . HOH M 3 .  ? -0.488  26.266  1.498   1.00 40.18  ? 228 HOH B O   1 
HETATM 1518 O  O   . HOH M 3 .  ? -0.474  11.071  -5.124  1.00 32.75  ? 229 HOH B O   1 
HETATM 1519 O  O   . HOH M 3 .  ? 4.354   13.929  -8.391  1.00 25.57  ? 230 HOH B O   1 
HETATM 1520 O  O   . HOH M 3 .  ? 6.777   19.441  14.230  1.00 56.14  ? 231 HOH B O   1 
HETATM 1521 O  O   . HOH M 3 .  ? 8.443   3.901   9.802   1.00 46.76  ? 232 HOH B O   1 
HETATM 1522 O  O   . HOH M 3 .  ? -12.693 22.969  16.070  1.00 49.19  ? 233 HOH B O   1 
HETATM 1523 O  O   . HOH M 3 .  ? 6.280   14.827  -8.459  1.00 54.07  ? 234 HOH B O   1 
HETATM 1524 O  O   . HOH M 3 .  ? 4.289   -2.485  5.726   1.00 49.25  ? 235 HOH B O   1 
# 
